data_3IHW
# 
_entry.id   3IHW 
# 
_audit_conform.dict_name       mmcif_pdbx.dic 
_audit_conform.dict_version    5.378 
_audit_conform.dict_location   http://mmcif.pdb.org/dictionaries/ascii/mmcif_pdbx.dic 
# 
loop_
_database_2.database_id 
_database_2.database_code 
_database_2.pdbx_database_accession 
_database_2.pdbx_DOI 
PDB   3IHW         pdb_00003ihw 10.2210/pdb3ihw/pdb 
RCSB  RCSB054431   ?            ?                   
WWPDB D_1000054431 ?            ?                   
# 
_pdbx_database_status.entry_id                        3IHW 
_pdbx_database_status.deposit_site                    RCSB 
_pdbx_database_status.process_site                    RCSB 
_pdbx_database_status.recvd_initial_deposition_date   2009-07-30 
_pdbx_database_status.status_code                     REL 
_pdbx_database_status.status_code_sf                  REL 
_pdbx_database_status.status_code_mr                  ? 
_pdbx_database_status.SG_entry                        Y 
_pdbx_database_status.pdb_format_compatible           Y 
_pdbx_database_status.status_code_cs                  ? 
_pdbx_database_status.methods_development_category    ? 
_pdbx_database_status.status_code_nmr_data            ? 
# 
loop_
_audit_author.name 
_audit_author.pdbx_ordinal 
'Nedyalkova, L.'                       1  
'Tempel, W.'                           2  
'Tong, Y.'                             3  
'Li, Y.'                               4  
'Arrowsmith, C.H.'                     5  
'Edwards, A.M.'                        6  
'Bountra, C.'                          7  
'Weigelt, J.'                          8  
'Bochkarev, A.'                        9  
'Park, H.'                             10 
'Structural Genomics Consortium (SGC)' 11 
# 
_citation.id                        primary 
_citation.title                     'Crystal structure of the Ras-like domain of CENTG3' 
_citation.journal_abbrev            'to be published' 
_citation.journal_volume            ? 
_citation.page_first                ? 
_citation.page_last                 ? 
_citation.year                      ? 
_citation.journal_id_ASTM           ? 
_citation.country                   ? 
_citation.journal_id_ISSN           ? 
_citation.journal_id_CSD            0353 
_citation.book_publisher            ? 
_citation.pdbx_database_id_PubMed   ? 
_citation.pdbx_database_id_DOI      ? 
# 
loop_
_citation_author.citation_id 
_citation_author.name 
_citation_author.ordinal 
_citation_author.identifier_ORCID 
primary 'Nedyalkova, L.'   1  ? 
primary 'Tempel, W.'       2  ? 
primary 'Tong, Y.'         3  ? 
primary 'Li, Y.'           4  ? 
primary 'Arrowsmith, C.H.' 5  ? 
primary 'Edwards, A.M.'    6  ? 
primary 'Bountra, C.'      7  ? 
primary 'Weigelt, J.'      8  ? 
primary 'Bochkarev, A.'    9  ? 
primary 'Park, H.'         10 ? 
# 
_cell.entry_id           3IHW 
_cell.length_a           42.345 
_cell.length_b           54.176 
_cell.length_c           73.545 
_cell.angle_alpha        90.000 
_cell.angle_beta         90.000 
_cell.angle_gamma        90.000 
_cell.pdbx_unique_axis   ? 
_cell.Z_PDB              4 
_cell.length_a_esd       ? 
_cell.length_b_esd       ? 
_cell.length_c_esd       ? 
_cell.angle_alpha_esd    ? 
_cell.angle_beta_esd     ? 
_cell.angle_gamma_esd    ? 
# 
_symmetry.entry_id                         3IHW 
_symmetry.space_group_name_H-M             'P 21 21 21' 
_symmetry.Int_Tables_number                19 
_symmetry.pdbx_full_space_group_name_H-M   ? 
_symmetry.cell_setting                     ? 
_symmetry.space_group_name_Hall            ? 
# 
loop_
_entity.id 
_entity.type 
_entity.src_method 
_entity.pdbx_description 
_entity.formula_weight 
_entity.pdbx_number_of_molecules 
_entity.pdbx_ec 
_entity.pdbx_mutation 
_entity.pdbx_fragment 
_entity.details 
1 polymer     man CENTG3                20799.543 1  ? ? 'residues 90-255' ? 
2 non-polymer syn 'UNKNOWN ATOM OR ION' ?         3  ? ? ?                 ? 
3 water       nat water                 18.015    50 ? ? ?                 ? 
# 
_entity_name_com.entity_id   1 
_entity_name_com.name        'AGAP-3, Centaurin-gamma-3, MR1-interacting protein, MRIP-1, CRAM-associated GTPase, CRAG' 
# 
_entity_poly.entity_id                      1 
_entity_poly.type                           'polypeptide(L)' 
_entity_poly.nstd_linkage                   no 
_entity_poly.nstd_monomer                   no 
_entity_poly.pdbx_seq_one_letter_code       
;MHHHHHHSSGRENLYFQGPELKVGIVGNLSSGKSALVHRYLTGTYVQEESPEGGRFKKEIVVDGQSYLLLIRDEGGPPEL
QFAAWVDAVVFVFSLEDEISFQTVYNYFLRLCSFRNASEVPMVLVGTQDAISAANPRVIDDSRARKLSTDLKRCTYYETC
ATYGLNVERVFQDVAQKVVALRKK
;
_entity_poly.pdbx_seq_one_letter_code_can   
;MHHHHHHSSGRENLYFQGPELKVGIVGNLSSGKSALVHRYLTGTYVQEESPEGGRFKKEIVVDGQSYLLLIRDEGGPPEL
QFAAWVDAVVFVFSLEDEISFQTVYNYFLRLCSFRNASEVPMVLVGTQDAISAANPRVIDDSRARKLSTDLKRCTYYETC
ATYGLNVERVFQDVAQKVVALRKK
;
_entity_poly.pdbx_strand_id                 A 
_entity_poly.pdbx_target_identifier         ? 
# 
loop_
_entity_poly_seq.entity_id 
_entity_poly_seq.num 
_entity_poly_seq.mon_id 
_entity_poly_seq.hetero 
1 1   MET n 
1 2   HIS n 
1 3   HIS n 
1 4   HIS n 
1 5   HIS n 
1 6   HIS n 
1 7   HIS n 
1 8   SER n 
1 9   SER n 
1 10  GLY n 
1 11  ARG n 
1 12  GLU n 
1 13  ASN n 
1 14  LEU n 
1 15  TYR n 
1 16  PHE n 
1 17  GLN n 
1 18  GLY n 
1 19  PRO n 
1 20  GLU n 
1 21  LEU n 
1 22  LYS n 
1 23  VAL n 
1 24  GLY n 
1 25  ILE n 
1 26  VAL n 
1 27  GLY n 
1 28  ASN n 
1 29  LEU n 
1 30  SER n 
1 31  SER n 
1 32  GLY n 
1 33  LYS n 
1 34  SER n 
1 35  ALA n 
1 36  LEU n 
1 37  VAL n 
1 38  HIS n 
1 39  ARG n 
1 40  TYR n 
1 41  LEU n 
1 42  THR n 
1 43  GLY n 
1 44  THR n 
1 45  TYR n 
1 46  VAL n 
1 47  GLN n 
1 48  GLU n 
1 49  GLU n 
1 50  SER n 
1 51  PRO n 
1 52  GLU n 
1 53  GLY n 
1 54  GLY n 
1 55  ARG n 
1 56  PHE n 
1 57  LYS n 
1 58  LYS n 
1 59  GLU n 
1 60  ILE n 
1 61  VAL n 
1 62  VAL n 
1 63  ASP n 
1 64  GLY n 
1 65  GLN n 
1 66  SER n 
1 67  TYR n 
1 68  LEU n 
1 69  LEU n 
1 70  LEU n 
1 71  ILE n 
1 72  ARG n 
1 73  ASP n 
1 74  GLU n 
1 75  GLY n 
1 76  GLY n 
1 77  PRO n 
1 78  PRO n 
1 79  GLU n 
1 80  LEU n 
1 81  GLN n 
1 82  PHE n 
1 83  ALA n 
1 84  ALA n 
1 85  TRP n 
1 86  VAL n 
1 87  ASP n 
1 88  ALA n 
1 89  VAL n 
1 90  VAL n 
1 91  PHE n 
1 92  VAL n 
1 93  PHE n 
1 94  SER n 
1 95  LEU n 
1 96  GLU n 
1 97  ASP n 
1 98  GLU n 
1 99  ILE n 
1 100 SER n 
1 101 PHE n 
1 102 GLN n 
1 103 THR n 
1 104 VAL n 
1 105 TYR n 
1 106 ASN n 
1 107 TYR n 
1 108 PHE n 
1 109 LEU n 
1 110 ARG n 
1 111 LEU n 
1 112 CYS n 
1 113 SER n 
1 114 PHE n 
1 115 ARG n 
1 116 ASN n 
1 117 ALA n 
1 118 SER n 
1 119 GLU n 
1 120 VAL n 
1 121 PRO n 
1 122 MET n 
1 123 VAL n 
1 124 LEU n 
1 125 VAL n 
1 126 GLY n 
1 127 THR n 
1 128 GLN n 
1 129 ASP n 
1 130 ALA n 
1 131 ILE n 
1 132 SER n 
1 133 ALA n 
1 134 ALA n 
1 135 ASN n 
1 136 PRO n 
1 137 ARG n 
1 138 VAL n 
1 139 ILE n 
1 140 ASP n 
1 141 ASP n 
1 142 SER n 
1 143 ARG n 
1 144 ALA n 
1 145 ARG n 
1 146 LYS n 
1 147 LEU n 
1 148 SER n 
1 149 THR n 
1 150 ASP n 
1 151 LEU n 
1 152 LYS n 
1 153 ARG n 
1 154 CYS n 
1 155 THR n 
1 156 TYR n 
1 157 TYR n 
1 158 GLU n 
1 159 THR n 
1 160 CYS n 
1 161 ALA n 
1 162 THR n 
1 163 TYR n 
1 164 GLY n 
1 165 LEU n 
1 166 ASN n 
1 167 VAL n 
1 168 GLU n 
1 169 ARG n 
1 170 VAL n 
1 171 PHE n 
1 172 GLN n 
1 173 ASP n 
1 174 VAL n 
1 175 ALA n 
1 176 GLN n 
1 177 LYS n 
1 178 VAL n 
1 179 VAL n 
1 180 ALA n 
1 181 LEU n 
1 182 ARG n 
1 183 LYS n 
1 184 LYS n 
# 
_entity_src_gen.entity_id                          1 
_entity_src_gen.pdbx_src_id                        1 
_entity_src_gen.pdbx_alt_source_flag               sample 
_entity_src_gen.pdbx_seq_type                      ? 
_entity_src_gen.pdbx_beg_seq_num                   ? 
_entity_src_gen.pdbx_end_seq_num                   ? 
_entity_src_gen.gene_src_common_name               human 
_entity_src_gen.gene_src_genus                     ? 
_entity_src_gen.pdbx_gene_src_gene                 'AGAP3, CENTG3' 
_entity_src_gen.gene_src_species                   ? 
_entity_src_gen.gene_src_strain                    ? 
_entity_src_gen.gene_src_tissue                    ? 
_entity_src_gen.gene_src_tissue_fraction           ? 
_entity_src_gen.gene_src_details                   ? 
_entity_src_gen.pdbx_gene_src_fragment             ? 
_entity_src_gen.pdbx_gene_src_scientific_name      'Homo sapiens' 
_entity_src_gen.pdbx_gene_src_ncbi_taxonomy_id     9606 
_entity_src_gen.pdbx_gene_src_variant              ? 
_entity_src_gen.pdbx_gene_src_cell_line            ? 
_entity_src_gen.pdbx_gene_src_atcc                 ? 
_entity_src_gen.pdbx_gene_src_organ                ? 
_entity_src_gen.pdbx_gene_src_organelle            ? 
_entity_src_gen.pdbx_gene_src_cell                 ? 
_entity_src_gen.pdbx_gene_src_cellular_location    ? 
_entity_src_gen.host_org_common_name               ? 
_entity_src_gen.pdbx_host_org_scientific_name      'Escherichia coli' 
_entity_src_gen.pdbx_host_org_ncbi_taxonomy_id     562 
_entity_src_gen.host_org_genus                     ? 
_entity_src_gen.pdbx_host_org_gene                 ? 
_entity_src_gen.pdbx_host_org_organ                ? 
_entity_src_gen.host_org_species                   ? 
_entity_src_gen.pdbx_host_org_tissue               ? 
_entity_src_gen.pdbx_host_org_tissue_fraction      ? 
_entity_src_gen.pdbx_host_org_strain               BL21-V2R-pRARE2 
_entity_src_gen.pdbx_host_org_variant              ? 
_entity_src_gen.pdbx_host_org_cell_line            ? 
_entity_src_gen.pdbx_host_org_atcc                 ? 
_entity_src_gen.pdbx_host_org_culture_collection   ? 
_entity_src_gen.pdbx_host_org_cell                 ? 
_entity_src_gen.pdbx_host_org_organelle            ? 
_entity_src_gen.pdbx_host_org_cellular_location    ? 
_entity_src_gen.pdbx_host_org_vector_type          plasmid 
_entity_src_gen.pdbx_host_org_vector               ? 
_entity_src_gen.host_org_details                   ? 
_entity_src_gen.expression_system_id               ? 
_entity_src_gen.plasmid_name                       'pET28-mhl (GI:134105571)' 
_entity_src_gen.plasmid_details                    ? 
_entity_src_gen.pdbx_description                   ? 
# 
_struct_ref.id                         1 
_struct_ref.db_name                    UNP 
_struct_ref.db_code                    AGAP3_HUMAN 
_struct_ref.pdbx_db_accession          Q96P47 
_struct_ref.entity_id                  1 
_struct_ref.pdbx_seq_one_letter_code   
;PELKVGIVGNLSSGKSALVHRYLTGTYVQEESPEGGRFKKEIVVDGQSYLLLIRDEGGPPELQFAAWVDAVVFVFSLEDE
ISFQTVYNYFLRLCSFRNASEVPMVLVGTQDAISAANPRVIDDSRARKLSTDLKRCTYYETCATYGLNVERVFQDVAQKV
VALRKK
;
_struct_ref.pdbx_align_begin           90 
_struct_ref.pdbx_db_isoform            ? 
# 
_struct_ref_seq.align_id                      1 
_struct_ref_seq.ref_id                        1 
_struct_ref_seq.pdbx_PDB_id_code              3IHW 
_struct_ref_seq.pdbx_strand_id                A 
_struct_ref_seq.seq_align_beg                 19 
_struct_ref_seq.pdbx_seq_align_beg_ins_code   ? 
_struct_ref_seq.seq_align_end                 184 
_struct_ref_seq.pdbx_seq_align_end_ins_code   ? 
_struct_ref_seq.pdbx_db_accession             Q96P47 
_struct_ref_seq.db_align_beg                  90 
_struct_ref_seq.pdbx_db_align_beg_ins_code    ? 
_struct_ref_seq.db_align_end                  255 
_struct_ref_seq.pdbx_db_align_end_ins_code    ? 
_struct_ref_seq.pdbx_auth_seq_align_beg       90 
_struct_ref_seq.pdbx_auth_seq_align_end       255 
# 
loop_
_struct_ref_seq_dif.align_id 
_struct_ref_seq_dif.pdbx_pdb_id_code 
_struct_ref_seq_dif.mon_id 
_struct_ref_seq_dif.pdbx_pdb_strand_id 
_struct_ref_seq_dif.seq_num 
_struct_ref_seq_dif.pdbx_pdb_ins_code 
_struct_ref_seq_dif.pdbx_seq_db_name 
_struct_ref_seq_dif.pdbx_seq_db_accession_code 
_struct_ref_seq_dif.db_mon_id 
_struct_ref_seq_dif.pdbx_seq_db_seq_num 
_struct_ref_seq_dif.details 
_struct_ref_seq_dif.pdbx_auth_seq_num 
_struct_ref_seq_dif.pdbx_ordinal 
1 3IHW MET A 1  ? UNP Q96P47 ? ? 'expression tag' 72 1  
1 3IHW HIS A 2  ? UNP Q96P47 ? ? 'expression tag' 73 2  
1 3IHW HIS A 3  ? UNP Q96P47 ? ? 'expression tag' 74 3  
1 3IHW HIS A 4  ? UNP Q96P47 ? ? 'expression tag' 75 4  
1 3IHW HIS A 5  ? UNP Q96P47 ? ? 'expression tag' 76 5  
1 3IHW HIS A 6  ? UNP Q96P47 ? ? 'expression tag' 77 6  
1 3IHW HIS A 7  ? UNP Q96P47 ? ? 'expression tag' 78 7  
1 3IHW SER A 8  ? UNP Q96P47 ? ? 'expression tag' 79 8  
1 3IHW SER A 9  ? UNP Q96P47 ? ? 'expression tag' 80 9  
1 3IHW GLY A 10 ? UNP Q96P47 ? ? 'expression tag' 81 10 
1 3IHW ARG A 11 ? UNP Q96P47 ? ? 'expression tag' 82 11 
1 3IHW GLU A 12 ? UNP Q96P47 ? ? 'expression tag' 83 12 
1 3IHW ASN A 13 ? UNP Q96P47 ? ? 'expression tag' 84 13 
1 3IHW LEU A 14 ? UNP Q96P47 ? ? 'expression tag' 85 14 
1 3IHW TYR A 15 ? UNP Q96P47 ? ? 'expression tag' 86 15 
1 3IHW PHE A 16 ? UNP Q96P47 ? ? 'expression tag' 87 16 
1 3IHW GLN A 17 ? UNP Q96P47 ? ? 'expression tag' 88 17 
1 3IHW GLY A 18 ? UNP Q96P47 ? ? 'expression tag' 89 18 
# 
loop_
_chem_comp.id 
_chem_comp.type 
_chem_comp.mon_nstd_flag 
_chem_comp.name 
_chem_comp.pdbx_synonyms 
_chem_comp.formula 
_chem_comp.formula_weight 
ALA 'L-peptide linking' y ALANINE               ? 'C3 H7 N O2'     89.093  
ARG 'L-peptide linking' y ARGININE              ? 'C6 H15 N4 O2 1' 175.209 
ASN 'L-peptide linking' y ASPARAGINE            ? 'C4 H8 N2 O3'    132.118 
ASP 'L-peptide linking' y 'ASPARTIC ACID'       ? 'C4 H7 N O4'     133.103 
CYS 'L-peptide linking' y CYSTEINE              ? 'C3 H7 N O2 S'   121.158 
GLN 'L-peptide linking' y GLUTAMINE             ? 'C5 H10 N2 O3'   146.144 
GLU 'L-peptide linking' y 'GLUTAMIC ACID'       ? 'C5 H9 N O4'     147.129 
GLY 'peptide linking'   y GLYCINE               ? 'C2 H5 N O2'     75.067  
HIS 'L-peptide linking' y HISTIDINE             ? 'C6 H10 N3 O2 1' 156.162 
HOH non-polymer         . WATER                 ? 'H2 O'           18.015  
ILE 'L-peptide linking' y ISOLEUCINE            ? 'C6 H13 N O2'    131.173 
LEU 'L-peptide linking' y LEUCINE               ? 'C6 H13 N O2'    131.173 
LYS 'L-peptide linking' y LYSINE                ? 'C6 H15 N2 O2 1' 147.195 
MET 'L-peptide linking' y METHIONINE            ? 'C5 H11 N O2 S'  149.211 
PHE 'L-peptide linking' y PHENYLALANINE         ? 'C9 H11 N O2'    165.189 
PRO 'L-peptide linking' y PROLINE               ? 'C5 H9 N O2'     115.130 
SER 'L-peptide linking' y SERINE                ? 'C3 H7 N O3'     105.093 
THR 'L-peptide linking' y THREONINE             ? 'C4 H9 N O3'     119.119 
TRP 'L-peptide linking' y TRYPTOPHAN            ? 'C11 H12 N2 O2'  204.225 
TYR 'L-peptide linking' y TYROSINE              ? 'C9 H11 N O3'    181.189 
UNX non-polymer         . 'UNKNOWN ATOM OR ION' ? ?                ?       
VAL 'L-peptide linking' y VALINE                ? 'C5 H11 N O2'    117.146 
# 
_exptl.crystals_number   1 
_exptl.entry_id          3IHW 
_exptl.method            'X-RAY DIFFRACTION' 
# 
_exptl_crystal.id                    1 
_exptl_crystal.density_percent_sol   39.35 
_exptl_crystal.density_Matthews      2.03 
_exptl_crystal.density_meas          ? 
_exptl_crystal.description           ? 
_exptl_crystal.F_000                 ? 
_exptl_crystal.preparation           ? 
# 
_exptl_crystal_grow.crystal_id      1 
_exptl_crystal_grow.method          'VAPOR DIFFUSION, SITTING DROP' 
_exptl_crystal_grow.pH              6.0 
_exptl_crystal_grow.temp            291 
_exptl_crystal_grow.pdbx_details    
'16% PEG3350, 0.2M potassium fluoride, 0.1M Bis-Tris, pH 6.0, VAPOR DIFFUSION, SITTING DROP, temperature 291K' 
_exptl_crystal_grow.temp_details    ? 
_exptl_crystal_grow.pdbx_pH_range   ? 
# 
_diffrn.id                     1 
_diffrn.ambient_temp           100 
_diffrn.ambient_temp_details   ? 
_diffrn.crystal_id             1 
# 
_diffrn_detector.diffrn_id              1 
_diffrn_detector.detector               'IMAGE PLATE' 
_diffrn_detector.type                   'RIGAKU RAXIS' 
_diffrn_detector.pdbx_collection_date   2009-06-24 
_diffrn_detector.details                ? 
# 
_diffrn_radiation.diffrn_id                        1 
_diffrn_radiation.pdbx_diffrn_protocol             'SINGLE WAVELENGTH' 
_diffrn_radiation.monochromator                    ? 
_diffrn_radiation.wavelength_id                    1 
_diffrn_radiation.pdbx_monochromatic_or_laue_m_l   M 
_diffrn_radiation.pdbx_scattering_type             x-ray 
# 
_diffrn_radiation_wavelength.id           1 
_diffrn_radiation_wavelength.wavelength   1.5418 
_diffrn_radiation_wavelength.wt           1.0 
# 
_diffrn_source.diffrn_id                   1 
_diffrn_source.source                      'ROTATING ANODE' 
_diffrn_source.type                        'RIGAKU FR-E' 
_diffrn_source.pdbx_wavelength_list        1.5418 
_diffrn_source.pdbx_wavelength             ? 
_diffrn_source.pdbx_synchrotron_site       ? 
_diffrn_source.pdbx_synchrotron_beamline   ? 
# 
_reflns.entry_id                     3IHW 
_reflns.d_resolution_high            1.920 
_reflns.d_resolution_low             20.000 
_reflns.number_obs                   13556 
_reflns.pdbx_Rmerge_I_obs            0.138 
_reflns.pdbx_netI_over_sigmaI        6.600 
_reflns.pdbx_chi_squared             1.967 
_reflns.pdbx_redundancy              6.800 
_reflns.percent_possible_obs         100.000 
_reflns.observed_criterion_sigma_F   ? 
_reflns.observed_criterion_sigma_I   ? 
_reflns.number_all                   ? 
_reflns.pdbx_Rsym_value              ? 
_reflns.B_iso_Wilson_estimate        ? 
_reflns.R_free_details               ? 
_reflns.limit_h_max                  ? 
_reflns.limit_h_min                  ? 
_reflns.limit_k_max                  ? 
_reflns.limit_k_min                  ? 
_reflns.limit_l_max                  ? 
_reflns.limit_l_min                  ? 
_reflns.observed_criterion_F_max     ? 
_reflns.observed_criterion_F_min     ? 
_reflns.pdbx_scaling_rejects         ? 
_reflns.pdbx_diffrn_id               1 
_reflns.pdbx_ordinal                 1 
# 
loop_
_reflns_shell.d_res_high 
_reflns_shell.d_res_low 
_reflns_shell.number_measured_obs 
_reflns_shell.number_measured_all 
_reflns_shell.number_unique_obs 
_reflns_shell.Rmerge_I_obs 
_reflns_shell.meanI_over_sigI_obs 
_reflns_shell.pdbx_Rsym_value 
_reflns_shell.pdbx_chi_squared 
_reflns_shell.pdbx_redundancy 
_reflns_shell.percent_possible_obs 
_reflns_shell.number_unique_all 
_reflns_shell.percent_possible_all 
_reflns_shell.pdbx_diffrn_id 
_reflns_shell.pdbx_ordinal 
1.92 1.99  ? ? ? 0.990 ? ? 2.328 6.70 ? 1324 100.00 ? 1  
1.99 2.07  ? ? ? 0.825 ? ? 2.033 6.80 ? 1325 100.00 ? 2  
2.07 2.16  ? ? ? 0.604 ? ? 2.098 6.80 ? 1328 99.90  ? 3  
2.16 2.28  ? ? ? 0.484 ? ? 2.952 6.50 ? 1322 100.00 ? 4  
2.28 2.42  ? ? ? 0.335 ? ? 1.616 6.90 ? 1336 100.00 ? 5  
2.42 2.60  ? ? ? 0.255 ? ? 1.575 7.00 ? 1352 100.00 ? 6  
2.60 2.87  ? ? ? 0.200 ? ? 1.819 7.00 ? 1357 100.00 ? 7  
2.87 3.28  ? ? ? 0.111 ? ? 1.593 7.00 ? 1366 100.00 ? 8  
3.28 4.13  ? ? ? 0.074 ? ? 2.335 6.80 ? 1370 100.00 ? 9  
4.13 20.00 ? ? ? 0.043 ? ? 1.465 6.60 ? 1476 100.00 ? 10 
# 
_refine.entry_id                                 3IHW 
_refine.ls_d_res_high                            1.920 
_refine.ls_d_res_low                             19.720 
_refine.pdbx_ls_sigma_F                          0.00 
_refine.ls_percent_reflns_obs                    99.918 
_refine.ls_number_reflns_obs                     13432 
_refine.pdbx_ls_cross_valid_method               THROUGHOUT 
_refine.pdbx_R_Free_selection_details            RANDOM 
_refine.details                                  
;HYDROGENS HAVE BEEN ADDED IN THE RIDING POSITIONS; U VALUES: REFINED INDIVIDUALLY. ARP/WARP, COOT and MOLPROBITY were also used during refinement
;
_refine.ls_R_factor_obs                          0.233 
_refine.ls_R_factor_R_work                       0.230 
_refine.ls_wR_factor_R_work                      0.200 
_refine.ls_R_factor_R_free                       0.278 
_refine.ls_wR_factor_R_free                      0.239 
_refine.ls_percent_reflns_R_free                 5.077 
_refine.ls_number_reflns_R_free                  682 
_refine.B_iso_mean                               18.599 
_refine.aniso_B[1][1]                            -1.489 
_refine.aniso_B[2][2]                            0.299 
_refine.aniso_B[3][3]                            1.190 
_refine.aniso_B[1][2]                            0.000 
_refine.aniso_B[1][3]                            0.000 
_refine.aniso_B[2][3]                            0.000 
_refine.correlation_coeff_Fo_to_Fc               0.935 
_refine.correlation_coeff_Fo_to_Fc_free          0.902 
_refine.pdbx_overall_ESU_R                       0.193 
_refine.pdbx_overall_ESU_R_Free                  0.177 
_refine.overall_SU_ML                            0.131 
_refine.overall_SU_B                             4.496 
_refine.solvent_model_details                    'MASK BULK SOLVENT' 
_refine.pdbx_solvent_vdw_probe_radii             1.400 
_refine.pdbx_solvent_ion_probe_radii             0.800 
_refine.pdbx_solvent_shrinkage_radii             0.800 
_refine.pdbx_method_to_determine_struct          'MOLECULAR REPLACEMENT' 
_refine.pdbx_stereochemistry_target_values       'MAXIMUM LIKELIHOOD' 
_refine.pdbx_ls_sigma_I                          ? 
_refine.ls_number_reflns_all                     ? 
_refine.ls_R_factor_all                          ? 
_refine.ls_redundancy_reflns_obs                 ? 
_refine.pdbx_data_cutoff_high_absF               ? 
_refine.pdbx_data_cutoff_low_absF                ? 
_refine.ls_number_parameters                     ? 
_refine.ls_number_restraints                     ? 
_refine.ls_R_factor_R_free_error                 ? 
_refine.ls_R_factor_R_free_error_details         ? 
_refine.pdbx_starting_model                      'pdb entry 2BMJ' 
_refine.pdbx_stereochem_target_val_spec_case     ? 
_refine.solvent_model_param_bsol                 ? 
_refine.solvent_model_param_ksol                 ? 
_refine.occupancy_max                            ? 
_refine.occupancy_min                            ? 
_refine.pdbx_isotropic_thermal_model             ? 
_refine.B_iso_min                                ? 
_refine.B_iso_max                                ? 
_refine.overall_SU_R_Cruickshank_DPI             ? 
_refine.overall_SU_R_free                        ? 
_refine.pdbx_data_cutoff_high_rms_absF           ? 
_refine.overall_FOM_free_R_set                   ? 
_refine.overall_FOM_work_R_set                   ? 
_refine.pdbx_overall_phase_error                 ? 
_refine.pdbx_refine_id                           'X-RAY DIFFRACTION' 
_refine.pdbx_diffrn_id                           1 
_refine.pdbx_TLS_residual_ADP_flag               ? 
_refine.pdbx_overall_SU_R_free_Cruickshank_DPI   ? 
_refine.pdbx_overall_SU_R_Blow_DPI               ? 
_refine.pdbx_overall_SU_R_free_Blow_DPI          ? 
# 
_refine_hist.pdbx_refine_id                   'X-RAY DIFFRACTION' 
_refine_hist.cycle_id                         LAST 
_refine_hist.pdbx_number_atoms_protein        1297 
_refine_hist.pdbx_number_atoms_nucleic_acid   0 
_refine_hist.pdbx_number_atoms_ligand         3 
_refine_hist.number_atoms_solvent             50 
_refine_hist.number_atoms_total               1350 
_refine_hist.d_res_high                       1.920 
_refine_hist.d_res_low                        19.720 
# 
loop_
_refine_ls_restr.type 
_refine_ls_restr.number 
_refine_ls_restr.dev_ideal 
_refine_ls_restr.dev_ideal_target 
_refine_ls_restr.weight 
_refine_ls_restr.pdbx_refine_id 
_refine_ls_restr.pdbx_restraint_function 
r_bond_refined_d       1326 0.016  0.022  ? 'X-RAY DIFFRACTION' ? 
r_bond_other_d         874  0.005  0.020  ? 'X-RAY DIFFRACTION' ? 
r_angle_refined_deg    1810 1.498  1.963  ? 'X-RAY DIFFRACTION' ? 
r_angle_other_deg      2139 1.007  3.000  ? 'X-RAY DIFFRACTION' ? 
r_dihedral_angle_1_deg 176  6.477  5.000  ? 'X-RAY DIFFRACTION' ? 
r_dihedral_angle_2_deg 58   32.686 24.138 ? 'X-RAY DIFFRACTION' ? 
r_dihedral_angle_3_deg 214  13.402 15.000 ? 'X-RAY DIFFRACTION' ? 
r_dihedral_angle_4_deg 8    20.293 15.000 ? 'X-RAY DIFFRACTION' ? 
r_chiral_restr         210  0.096  0.200  ? 'X-RAY DIFFRACTION' ? 
r_gen_planes_refined   1507 0.006  0.020  ? 'X-RAY DIFFRACTION' ? 
r_gen_planes_other     276  0.001  0.020  ? 'X-RAY DIFFRACTION' ? 
r_mcbond_it            843  0.897  1.500  ? 'X-RAY DIFFRACTION' ? 
r_mcbond_other         344  0.249  1.500  ? 'X-RAY DIFFRACTION' ? 
r_mcangle_it           1362 1.570  2.000  ? 'X-RAY DIFFRACTION' ? 
r_scbond_it            483  2.309  3.000  ? 'X-RAY DIFFRACTION' ? 
r_scangle_it           443  3.648  4.500  ? 'X-RAY DIFFRACTION' ? 
# 
loop_
_refine_ls_shell.pdbx_total_number_of_bins_used 
_refine_ls_shell.d_res_low 
_refine_ls_shell.d_res_high 
_refine_ls_shell.number_reflns_all 
_refine_ls_shell.percent_reflns_obs 
_refine_ls_shell.number_reflns_R_work 
_refine_ls_shell.R_factor_R_work 
_refine_ls_shell.number_reflns_R_free 
_refine_ls_shell.R_factor_R_free 
_refine_ls_shell.number_reflns_obs 
_refine_ls_shell.R_factor_R_free_error 
_refine_ls_shell.percent_reflns_R_free 
_refine_ls_shell.redundancy_reflns_obs 
_refine_ls_shell.R_factor_all 
_refine_ls_shell.pdbx_refine_id 
20 1.969  1.920 963 99.896  914 0.350 48 0.474 . . . . . 'X-RAY DIFFRACTION' 
20 2.023  1.969 953 100.000 907 0.312 46 0.415 . . . . . 'X-RAY DIFFRACTION' 
20 2.081  2.023 921 99.891  875 0.282 45 0.311 . . . . . 'X-RAY DIFFRACTION' 
20 2.144  2.081 882 99.660  834 0.263 45 0.329 . . . . . 'X-RAY DIFFRACTION' 
20 2.214  2.144 855 100.000 813 0.238 42 0.299 . . . . . 'X-RAY DIFFRACTION' 
20 2.290  2.214 857 99.300  820 0.347 31 0.463 . . . . . 'X-RAY DIFFRACTION' 
20 2.375  2.290 811 100.000 763 0.222 48 0.258 . . . . . 'X-RAY DIFFRACTION' 
20 2.471  2.375 786 100.000 749 0.226 37 0.320 . . . . . 'X-RAY DIFFRACTION' 
20 2.579  2.471 750 100.000 707 0.225 43 0.316 . . . . . 'X-RAY DIFFRACTION' 
20 2.703  2.579 729 100.000 689 0.231 40 0.260 . . . . . 'X-RAY DIFFRACTION' 
20 2.846  2.703 690 100.000 652 0.237 38 0.275 . . . . . 'X-RAY DIFFRACTION' 
20 3.014  2.846 655 100.000 617 0.231 38 0.323 . . . . . 'X-RAY DIFFRACTION' 
20 3.217  3.014 612 100.000 579 0.216 33 0.212 . . . . . 'X-RAY DIFFRACTION' 
20 3.467  3.217 589 100.000 560 0.218 29 0.262 . . . . . 'X-RAY DIFFRACTION' 
20 3.787  3.467 536 100.000 507 0.210 29 0.238 . . . . . 'X-RAY DIFFRACTION' 
20 4.214  3.787 498 100.000 468 0.189 30 0.254 . . . . . 'X-RAY DIFFRACTION' 
20 4.829  4.214 442 100.000 424 0.157 18 0.135 . . . . . 'X-RAY DIFFRACTION' 
20 5.828  4.829 380 100.000 362 0.212 18 0.184 . . . . . 'X-RAY DIFFRACTION' 
20 7.904  5.828 319 100.000 302 0.248 17 0.297 . . . . . 'X-RAY DIFFRACTION' 
20 19.720 7.904 215 100.000 208 0.226 7  0.449 . . . . . 'X-RAY DIFFRACTION' 
# 
_struct.entry_id                  3IHW 
_struct.title                     'Crystal structure of the Ras-like domain of CENTG3' 
_struct.pdbx_model_details        ? 
_struct.pdbx_CASP_flag            ? 
_struct.pdbx_model_type_details   ? 
# 
_struct_keywords.entry_id        3IHW 
_struct_keywords.text            
;ras, centaurin, gtpase, Structural Genomics, Structural Genomics Consortium, sgc, Alternative splicing, ANK repeat, Cytoplasm, GTP-binding, GTPase activation, Metal-binding, Nucleotide-binding, Phosphoprotein, Zinc, Zinc-finger, SIGNALING PROTEIN
;
_struct_keywords.pdbx_keywords   'SIGNALING PROTEIN' 
# 
loop_
_struct_asym.id 
_struct_asym.pdbx_blank_PDB_chainid_flag 
_struct_asym.pdbx_modified 
_struct_asym.entity_id 
_struct_asym.details 
A N N 1 ? 
B N N 2 ? 
C N N 2 ? 
D N N 2 ? 
E N N 3 ? 
# 
_struct_biol.id        1 
_struct_biol.details   ? 
# 
loop_
_struct_conf.conf_type_id 
_struct_conf.id 
_struct_conf.pdbx_PDB_helix_id 
_struct_conf.beg_label_comp_id 
_struct_conf.beg_label_asym_id 
_struct_conf.beg_label_seq_id 
_struct_conf.pdbx_beg_PDB_ins_code 
_struct_conf.end_label_comp_id 
_struct_conf.end_label_asym_id 
_struct_conf.end_label_seq_id 
_struct_conf.pdbx_end_PDB_ins_code 
_struct_conf.beg_auth_comp_id 
_struct_conf.beg_auth_asym_id 
_struct_conf.beg_auth_seq_id 
_struct_conf.end_auth_comp_id 
_struct_conf.end_auth_asym_id 
_struct_conf.end_auth_seq_id 
_struct_conf.pdbx_PDB_helix_class 
_struct_conf.details 
_struct_conf.pdbx_PDB_helix_length 
HELX_P HELX_P1 1 GLY A 32  ? GLY A 43  ? GLY A 103 GLY A 114 1 ? 12 
HELX_P HELX_P2 2 GLU A 79  ? VAL A 86  ? GLU A 150 VAL A 157 1 ? 8  
HELX_P HELX_P3 3 ASP A 97  ? SER A 113 ? ASP A 168 SER A 184 1 ? 17 
HELX_P HELX_P4 4 ASN A 116 ? VAL A 120 ? ASN A 187 VAL A 191 5 ? 5  
HELX_P HELX_P5 5 ASP A 140 ? LEU A 151 ? ASP A 211 LEU A 222 1 ? 12 
HELX_P HELX_P6 6 ASN A 166 ? ARG A 182 ? ASN A 237 ARG A 253 1 ? 17 
# 
_struct_conf_type.id          HELX_P 
_struct_conf_type.criteria    ? 
_struct_conf_type.reference   ? 
# 
_struct_sheet.id               A 
_struct_sheet.type             ? 
_struct_sheet.number_strands   6 
_struct_sheet.details          ? 
# 
loop_
_struct_sheet_order.sheet_id 
_struct_sheet_order.range_id_1 
_struct_sheet_order.range_id_2 
_struct_sheet_order.offset 
_struct_sheet_order.sense 
A 1 2 ? anti-parallel 
A 2 3 ? parallel      
A 3 4 ? parallel      
A 4 5 ? parallel      
A 5 6 ? parallel      
# 
loop_
_struct_sheet_range.sheet_id 
_struct_sheet_range.id 
_struct_sheet_range.beg_label_comp_id 
_struct_sheet_range.beg_label_asym_id 
_struct_sheet_range.beg_label_seq_id 
_struct_sheet_range.pdbx_beg_PDB_ins_code 
_struct_sheet_range.end_label_comp_id 
_struct_sheet_range.end_label_asym_id 
_struct_sheet_range.end_label_seq_id 
_struct_sheet_range.pdbx_end_PDB_ins_code 
_struct_sheet_range.beg_auth_comp_id 
_struct_sheet_range.beg_auth_asym_id 
_struct_sheet_range.beg_auth_seq_id 
_struct_sheet_range.end_auth_comp_id 
_struct_sheet_range.end_auth_asym_id 
_struct_sheet_range.end_auth_seq_id 
A 1 GLY A 54  ? VAL A 62  ? GLY A 125 VAL A 133 
A 2 GLN A 65  ? ASP A 73  ? GLN A 136 ASP A 144 
A 3 GLU A 20  ? VAL A 26  ? GLU A 91  VAL A 97  
A 4 ALA A 88  ? SER A 94  ? ALA A 159 SER A 165 
A 5 MET A 122 ? THR A 127 ? MET A 193 THR A 198 
A 6 THR A 155 ? THR A 159 ? THR A 226 THR A 230 
# 
loop_
_pdbx_struct_sheet_hbond.sheet_id 
_pdbx_struct_sheet_hbond.range_id_1 
_pdbx_struct_sheet_hbond.range_id_2 
_pdbx_struct_sheet_hbond.range_1_label_atom_id 
_pdbx_struct_sheet_hbond.range_1_label_comp_id 
_pdbx_struct_sheet_hbond.range_1_label_asym_id 
_pdbx_struct_sheet_hbond.range_1_label_seq_id 
_pdbx_struct_sheet_hbond.range_1_PDB_ins_code 
_pdbx_struct_sheet_hbond.range_1_auth_atom_id 
_pdbx_struct_sheet_hbond.range_1_auth_comp_id 
_pdbx_struct_sheet_hbond.range_1_auth_asym_id 
_pdbx_struct_sheet_hbond.range_1_auth_seq_id 
_pdbx_struct_sheet_hbond.range_2_label_atom_id 
_pdbx_struct_sheet_hbond.range_2_label_comp_id 
_pdbx_struct_sheet_hbond.range_2_label_asym_id 
_pdbx_struct_sheet_hbond.range_2_label_seq_id 
_pdbx_struct_sheet_hbond.range_2_PDB_ins_code 
_pdbx_struct_sheet_hbond.range_2_auth_atom_id 
_pdbx_struct_sheet_hbond.range_2_auth_comp_id 
_pdbx_struct_sheet_hbond.range_2_auth_asym_id 
_pdbx_struct_sheet_hbond.range_2_auth_seq_id 
A 1 2 N GLY A 54  ? N GLY A 125 O ASP A 73  ? O ASP A 144 
A 2 3 O LEU A 70  ? O LEU A 141 N LEU A 21  ? N LEU A 92  
A 3 4 N VAL A 26  ? N VAL A 97  O VAL A 92  ? O VAL A 163 
A 4 5 N PHE A 93  ? N PHE A 164 O THR A 127 ? O THR A 198 
A 5 6 N LEU A 124 ? N LEU A 195 O THR A 155 ? O THR A 226 
# 
_atom_sites.entry_id                    3IHW 
_atom_sites.fract_transf_matrix[1][1]   -0.00202696 
_atom_sites.fract_transf_matrix[1][2]   0.00599825 
_atom_sites.fract_transf_matrix[1][3]   -0.02275144 
_atom_sites.fract_transf_matrix[2][1]   0.00998123 
_atom_sites.fract_transf_matrix[2][2]   0.01520967 
_atom_sites.fract_transf_matrix[2][3]   0.00312068 
_atom_sites.fract_transf_matrix[3][1]   0.01137784 
_atom_sites.fract_transf_matrix[3][2]   -0.00688615 
_atom_sites.fract_transf_matrix[3][3]   -0.00282915 
_atom_sites.fract_transf_vector[1]      0.148274 
_atom_sites.fract_transf_vector[2]      0.231097 
_atom_sites.fract_transf_vector[3]      0.165862 
# 
loop_
_atom_type.symbol 
C 
N 
O 
S 
X 
# 
loop_
_atom_site.group_PDB 
_atom_site.id 
_atom_site.type_symbol 
_atom_site.label_atom_id 
_atom_site.label_alt_id 
_atom_site.label_comp_id 
_atom_site.label_asym_id 
_atom_site.label_entity_id 
_atom_site.label_seq_id 
_atom_site.pdbx_PDB_ins_code 
_atom_site.Cartn_x 
_atom_site.Cartn_y 
_atom_site.Cartn_z 
_atom_site.occupancy 
_atom_site.B_iso_or_equiv 
_atom_site.pdbx_formal_charge 
_atom_site.auth_seq_id 
_atom_site.auth_comp_id 
_atom_site.auth_asym_id 
_atom_site.auth_atom_id 
_atom_site.pdbx_PDB_model_num 
ATOM   1    N N   . PHE A 1 16  ? 22.906  12.520  -6.314  1.00 34.89 ? 87  PHE A N   1 
ATOM   2    C CA  . PHE A 1 16  ? 21.956  13.603  -5.917  1.00 35.76 ? 87  PHE A CA  1 
ATOM   3    C C   . PHE A 1 16  ? 20.557  13.262  -6.456  1.00 34.97 ? 87  PHE A C   1 
ATOM   4    O O   . PHE A 1 16  ? 20.268  13.550  -7.610  1.00 36.43 ? 87  PHE A O   1 
ATOM   5    C CB  . PHE A 1 16  ? 22.439  14.975  -6.459  1.00 35.74 ? 87  PHE A CB  1 
ATOM   6    N N   . GLN A 1 17  ? 19.717  12.632  -5.623  1.00 34.56 ? 88  GLN A N   1 
ATOM   7    C CA  . GLN A 1 17  ? 18.395  12.088  -6.028  1.00 33.36 ? 88  GLN A CA  1 
ATOM   8    C C   . GLN A 1 17  ? 17.140  12.814  -5.491  1.00 32.88 ? 88  GLN A C   1 
ATOM   9    O O   . GLN A 1 17  ? 15.998  12.362  -5.781  1.00 32.32 ? 88  GLN A O   1 
ATOM   10   C CB  . GLN A 1 17  ? 18.280  10.625  -5.590  1.00 33.56 ? 88  GLN A CB  1 
ATOM   11   N N   . GLY A 1 18  ? 17.334  13.886  -4.702  1.00 30.93 ? 89  GLY A N   1 
ATOM   12   C CA  . GLY A 1 18  ? 16.233  14.642  -4.125  1.00 29.34 ? 89  GLY A CA  1 
ATOM   13   C C   . GLY A 1 18  ? 15.755  14.197  -2.740  1.00 27.94 ? 89  GLY A C   1 
ATOM   14   O O   . GLY A 1 18  ? 16.170  13.159  -2.219  1.00 26.92 ? 89  GLY A O   1 
ATOM   15   N N   . PRO A 1 19  ? 14.862  14.995  -2.139  1.00 26.26 ? 90  PRO A N   1 
ATOM   16   C CA  . PRO A 1 19  ? 14.388  14.749  -0.776  1.00 24.76 ? 90  PRO A CA  1 
ATOM   17   C C   . PRO A 1 19  ? 13.769  13.355  -0.568  1.00 22.97 ? 90  PRO A C   1 
ATOM   18   O O   . PRO A 1 19  ? 13.091  12.833  -1.478  1.00 22.22 ? 90  PRO A O   1 
ATOM   19   C CB  . PRO A 1 19  ? 13.342  15.831  -0.588  1.00 24.76 ? 90  PRO A CB  1 
ATOM   20   C CG  . PRO A 1 19  ? 13.831  16.955  -1.440  1.00 25.55 ? 90  PRO A CG  1 
ATOM   21   C CD  . PRO A 1 19  ? 14.397  16.309  -2.648  1.00 27.28 ? 90  PRO A CD  1 
ATOM   22   N N   . GLU A 1 20  ? 13.968  12.782  0.621   1.00 19.78 ? 91  GLU A N   1 
ATOM   23   C CA  . GLU A 1 20  ? 13.418  11.476  0.904   1.00 18.83 ? 91  GLU A CA  1 
ATOM   24   C C   . GLU A 1 20  ? 11.937  11.558  1.305   1.00 18.16 ? 91  GLU A C   1 
ATOM   25   O O   . GLU A 1 20  ? 11.524  12.459  2.039   1.00 17.40 ? 91  GLU A O   1 
ATOM   26   C CB  . GLU A 1 20  ? 14.256  10.721  1.943   1.00 17.59 ? 91  GLU A CB  1 
ATOM   27   C CG  . GLU A 1 20  ? 15.542  10.151  1.369   1.00 19.13 ? 91  GLU A CG  1 
ATOM   28   C CD  . GLU A 1 20  ? 16.503  9.632   2.422   1.00 20.92 ? 91  GLU A CD  1 
ATOM   29   O OE1 . GLU A 1 20  ? 17.045  8.498   2.228   1.00 24.01 ? 91  GLU A OE1 1 
ATOM   30   O OE2 . GLU A 1 20  ? 16.667  10.332  3.449   1.00 20.40 ? 91  GLU A OE2 1 
ATOM   31   N N   . LEU A 1 21  ? 11.142  10.637  0.756   1.00 17.01 ? 92  LEU A N   1 
ATOM   32   C CA  . LEU A 1 21  ? 9.746   10.453  1.168   1.00 16.62 ? 92  LEU A CA  1 
ATOM   33   C C   . LEU A 1 21  ? 9.582   9.047   1.700   1.00 15.96 ? 92  LEU A C   1 
ATOM   34   O O   . LEU A 1 21  ? 10.064  8.104   1.090   1.00 16.24 ? 92  LEU A O   1 
ATOM   35   C CB  . LEU A 1 21  ? 8.778   10.684  -0.009  1.00 17.65 ? 92  LEU A CB  1 
ATOM   36   C CG  . LEU A 1 21  ? 9.007   11.920  -0.906  1.00 17.69 ? 92  LEU A CG  1 
ATOM   37   C CD1 . LEU A 1 21  ? 8.115   11.799  -2.079  1.00 17.98 ? 92  LEU A CD1 1 
ATOM   38   C CD2 . LEU A 1 21  ? 8.742   13.245  -0.191  1.00 19.32 ? 92  LEU A CD2 1 
ATOM   39   N N   . LYS A 1 22  ? 8.867   8.914   2.824   1.00 16.49 ? 93  LYS A N   1 
ATOM   40   C CA  . LYS A 1 22  ? 8.789   7.658   3.553   1.00 16.86 ? 93  LYS A CA  1 
ATOM   41   C C   . LYS A 1 22  ? 7.419   7.002   3.356   1.00 15.63 ? 93  LYS A C   1 
ATOM   42   O O   . LYS A 1 22  ? 6.417   7.495   3.827   1.00 16.21 ? 93  LYS A O   1 
ATOM   43   C CB  . LYS A 1 22  ? 9.110   7.885   5.013   1.00 15.82 ? 93  LYS A CB  1 
ATOM   44   C CG  . LYS A 1 22  ? 10.597  8.323   5.311   1.00 18.65 ? 93  LYS A CG  1 
ATOM   45   C CD  . LYS A 1 22  ? 10.787  8.707   6.796   1.00 21.19 ? 93  LYS A CD  1 
ATOM   46   C CE  . LYS A 1 22  ? 10.189  10.063  7.157   1.00 21.33 ? 93  LYS A CE  1 
ATOM   47   N NZ  . LYS A 1 22  ? 10.075  10.288  8.650   1.00 24.77 ? 93  LYS A NZ  1 
ATOM   48   N N   . VAL A 1 23  ? 7.406   5.882   2.637   1.00 15.77 ? 94  VAL A N   1 
ATOM   49   C CA  . VAL A 1 23  ? 6.167   5.188   2.305   1.00 14.59 ? 94  VAL A CA  1 
ATOM   50   C C   . VAL A 1 23  ? 6.195   3.797   2.867   1.00 13.75 ? 94  VAL A C   1 
ATOM   51   O O   . VAL A 1 23  ? 7.057   3.010   2.522   1.00 13.80 ? 94  VAL A O   1 
ATOM   52   C CB  . VAL A 1 23  ? 5.849   5.171   0.767   1.00 15.97 ? 94  VAL A CB  1 
ATOM   53   C CG1 . VAL A 1 23  ? 4.569   4.402   0.513   1.00 12.26 ? 94  VAL A CG1 1 
ATOM   54   C CG2 . VAL A 1 23  ? 5.658   6.611   0.229   1.00 17.17 ? 94  VAL A CG2 1 
ATOM   55   N N   . GLY A 1 24  ? 5.254   3.522   3.766   1.00 13.46 ? 95  GLY A N   1 
ATOM   56   C CA  . GLY A 1 24  ? 5.079   2.202   4.327   1.00 14.12 ? 95  GLY A CA  1 
ATOM   57   C C   . GLY A 1 24  ? 3.983   1.481   3.599   1.00 14.09 ? 95  GLY A C   1 
ATOM   58   O O   . GLY A 1 24  ? 3.081   2.119   3.106   1.00 14.13 ? 95  GLY A O   1 
ATOM   59   N N   . ILE A 1 25  ? 4.119   0.157   3.512   1.00 13.97 ? 96  ILE A N   1 
ATOM   60   C CA  . ILE A 1 25  ? 3.190   -0.742  2.846   1.00 15.05 ? 96  ILE A CA  1 
ATOM   61   C C   . ILE A 1 25  ? 2.698   -1.690  3.938   1.00 15.27 ? 96  ILE A C   1 
ATOM   62   O O   . ILE A 1 25  ? 3.501   -2.355  4.618   1.00 15.10 ? 96  ILE A O   1 
ATOM   63   C CB  . ILE A 1 25  ? 3.885   -1.568  1.698   1.00 14.68 ? 96  ILE A CB  1 
ATOM   64   C CG1 . ILE A 1 25  ? 4.815   -0.698  0.831   1.00 15.75 ? 96  ILE A CG1 1 
ATOM   65   C CG2 . ILE A 1 25  ? 2.842   -2.363  0.866   1.00 17.99 ? 96  ILE A CG2 1 
ATOM   66   C CD1 . ILE A 1 25  ? 4.192   0.458   0.081   1.00 16.23 ? 96  ILE A CD1 1 
ATOM   67   N N   . VAL A 1 26  ? 1.386   -1.753  4.109   1.00 15.90 ? 97  VAL A N   1 
ATOM   68   C CA  . VAL A 1 26  ? 0.766   -2.464  5.223   1.00 16.99 ? 97  VAL A CA  1 
ATOM   69   C C   . VAL A 1 26  ? -0.353  -3.416  4.748   1.00 17.51 ? 97  VAL A C   1 
ATOM   70   O O   . VAL A 1 26  ? -1.264  -3.004  4.014   1.00 17.69 ? 97  VAL A O   1 
ATOM   71   C CB  . VAL A 1 26  ? 0.228   -1.422  6.254   1.00 16.64 ? 97  VAL A CB  1 
ATOM   72   C CG1 . VAL A 1 26  ? -0.623  -2.089  7.289   1.00 18.16 ? 97  VAL A CG1 1 
ATOM   73   C CG2 . VAL A 1 26  ? 1.429   -0.711  6.936   1.00 17.25 ? 97  VAL A CG2 1 
ATOM   74   N N   . GLY A 1 27  ? -0.272  -4.679  5.191   1.00 17.38 ? 98  GLY A N   1 
ATOM   75   C CA  . GLY A 1 27  ? -1.293  -5.703  4.915   1.00 17.13 ? 98  GLY A CA  1 
ATOM   76   C C   . GLY A 1 27  ? -0.769  -7.080  5.308   1.00 18.11 ? 98  GLY A C   1 
ATOM   77   O O   . GLY A 1 27  ? 0.395   -7.216  5.715   1.00 17.46 ? 98  GLY A O   1 
ATOM   78   N N   . ASN A 1 28  ? -1.589  -8.117  5.134   1.00 18.45 ? 99  ASN A N   1 
ATOM   79   C CA  . ASN A 1 28  ? -1.208  -9.441  5.597   1.00 18.74 ? 99  ASN A CA  1 
ATOM   80   C C   . ASN A 1 28  ? -0.465  -10.214 4.480   1.00 19.06 ? 99  ASN A C   1 
ATOM   81   O O   . ASN A 1 28  ? -0.217  -9.703  3.379   1.00 17.61 ? 99  ASN A O   1 
ATOM   82   C CB  . ASN A 1 28  ? -2.413  -10.192 6.240   1.00 18.29 ? 99  ASN A CB  1 
ATOM   83   C CG  . ASN A 1 28  ? -3.086  -11.172 5.311   1.00 19.80 ? 99  ASN A CG  1 
ATOM   84   O OD1 . ASN A 1 28  ? -3.116  -10.977 4.104   1.00 18.10 ? 99  ASN A OD1 1 
ATOM   85   N ND2 . ASN A 1 28  ? -3.683  -12.230 5.892   1.00 14.90 ? 99  ASN A ND2 1 
ATOM   86   N N   . LEU A 1 29  ? -0.008  -11.398 4.809   1.00 19.53 ? 100 LEU A N   1 
ATOM   87   C CA  . LEU A 1 29  ? 0.773   -12.167 3.866   1.00 20.96 ? 100 LEU A CA  1 
ATOM   88   C C   . LEU A 1 29  ? 0.039   -12.645 2.618   1.00 21.29 ? 100 LEU A C   1 
ATOM   89   O O   . LEU A 1 29  ? 0.690   -13.073 1.657   1.00 22.54 ? 100 LEU A O   1 
ATOM   90   C CB  . LEU A 1 29  ? 1.372   -13.377 4.559   1.00 21.62 ? 100 LEU A CB  1 
ATOM   91   C CG  . LEU A 1 29  ? 2.587   -13.126 5.416   1.00 22.66 ? 100 LEU A CG  1 
ATOM   92   C CD1 . LEU A 1 29  ? 3.386   -14.447 5.416   1.00 23.05 ? 100 LEU A CD1 1 
ATOM   93   C CD2 . LEU A 1 29  ? 3.443   -11.961 4.949   1.00 26.81 ? 100 LEU A CD2 1 
ATOM   94   N N   . SER A 1 30  ? -1.294  -12.600 2.628   1.00 20.22 ? 101 SER A N   1 
ATOM   95   C CA  . SER A 1 30  ? -2.075  -12.959 1.448   1.00 21.91 ? 101 SER A CA  1 
ATOM   96   C C   . SER A 1 30  ? -2.414  -11.742 0.582   1.00 21.77 ? 101 SER A C   1 
ATOM   97   O O   . SER A 1 30  ? -3.215  -11.840 -0.353  1.00 22.85 ? 101 SER A O   1 
ATOM   98   C CB  . SER A 1 30  ? -3.381  -13.645 1.866   1.00 20.71 ? 101 SER A CB  1 
ATOM   99   O OG  . SER A 1 30  ? -3.098  -14.800 2.697   1.00 23.47 ? 101 SER A OG  1 
ATOM   100  N N   . SER A 1 31  ? -1.845  -10.597 0.911   1.00 21.79 ? 102 SER A N   1 
ATOM   101  C CA  . SER A 1 31  ? -2.382  -9.363  0.364   1.00 20.61 ? 102 SER A CA  1 
ATOM   102  C C   . SER A 1 31  ? -1.888  -9.101  -1.049  1.00 20.62 ? 102 SER A C   1 
ATOM   103  O O   . SER A 1 31  ? -2.595  -8.494  -1.842  1.00 20.02 ? 102 SER A O   1 
ATOM   104  C CB  . SER A 1 31  ? -2.092  -8.175  1.281   1.00 20.20 ? 102 SER A CB  1 
ATOM   105  O OG  . SER A 1 31  ? -0.719  -7.885  1.345   1.00 19.07 ? 102 SER A OG  1 
ATOM   106  N N   . GLY A 1 32  ? -0.680  -9.545  -1.355  1.00 20.94 ? 103 GLY A N   1 
ATOM   107  C CA  . GLY A 1 32  ? -0.033  -9.220  -2.624  1.00 21.09 ? 103 GLY A CA  1 
ATOM   108  C C   . GLY A 1 32  ? 0.901   -8.022  -2.596  1.00 21.44 ? 103 GLY A C   1 
ATOM   109  O O   . GLY A 1 32  ? 1.387   -7.557  -3.670  1.00 20.09 ? 103 GLY A O   1 
ATOM   110  N N   . LYS A 1 33  ? 1.232   -7.555  -1.388  1.00 20.67 ? 104 LYS A N   1 
ATOM   111  C CA  . LYS A 1 33  ? 2.061   -6.381  -1.250  1.00 21.57 ? 104 LYS A CA  1 
ATOM   112  C C   . LYS A 1 33  ? 3.520   -6.560  -1.690  1.00 22.13 ? 104 LYS A C   1 
ATOM   113  O O   . LYS A 1 33  ? 4.114   -5.598  -2.194  1.00 21.64 ? 104 LYS A O   1 
ATOM   114  C CB  . LYS A 1 33  ? 1.992   -5.794  0.176   1.00 22.27 ? 104 LYS A CB  1 
ATOM   115  C CG  . LYS A 1 33  ? 2.415   -6.775  1.242   1.00 24.58 ? 104 LYS A CG  1 
ATOM   116  C CD  . LYS A 1 33  ? 2.223   -6.258  2.693   1.00 26.47 ? 104 LYS A CD  1 
ATOM   117  C CE  . LYS A 1 33  ? 2.781   -7.360  3.618   1.00 25.95 ? 104 LYS A CE  1 
ATOM   118  N NZ  . LYS A 1 33  ? 2.794   -6.979  5.059   1.00 26.88 ? 104 LYS A NZ  1 
ATOM   119  N N   . SER A 1 34  ? 4.129   -7.731  -1.491  1.00 22.75 ? 105 SER A N   1 
ATOM   120  C CA  . SER A 1 34  ? 5.495   -7.942  -2.018  1.00 22.94 ? 105 SER A CA  1 
ATOM   121  C C   . SER A 1 34  ? 5.482   -7.824  -3.558  1.00 21.70 ? 105 SER A C   1 
ATOM   122  O O   . SER A 1 34  ? 6.330   -7.157  -4.161  1.00 19.95 ? 105 SER A O   1 
ATOM   123  C CB  . SER A 1 34  ? 6.083   -9.318  -1.626  1.00 24.61 ? 105 SER A CB  1 
ATOM   124  O OG  . SER A 1 34  ? 6.274   -9.437  -0.231  1.00 27.49 ? 105 SER A OG  1 
ATOM   125  N N   . ALA A 1 35  ? 4.505   -8.472  -4.184  1.00 20.95 ? 106 ALA A N   1 
ATOM   126  C CA  . ALA A 1 35  ? 4.360   -8.452  -5.648  1.00 20.63 ? 106 ALA A CA  1 
ATOM   127  C C   . ALA A 1 35  ? 4.136   -7.033  -6.172  1.00 20.22 ? 106 ALA A C   1 
ATOM   128  O O   . ALA A 1 35  ? 4.705   -6.638  -7.199  1.00 21.20 ? 106 ALA A O   1 
ATOM   129  C CB  . ALA A 1 35  ? 3.206   -9.412  -6.116  1.00 19.89 ? 106 ALA A CB  1 
ATOM   130  N N   . LEU A 1 36  ? 3.349   -6.264  -5.426  1.00 20.06 ? 107 LEU A N   1 
ATOM   131  C CA  . LEU A 1 36  ? 2.991   -4.902  -5.783  1.00 19.81 ? 107 LEU A CA  1 
ATOM   132  C C   . LEU A 1 36  ? 4.239   -4.016  -5.834  1.00 19.78 ? 107 LEU A C   1 
ATOM   133  O O   . LEU A 1 36  ? 4.466   -3.343  -6.815  1.00 17.48 ? 107 LEU A O   1 
ATOM   134  C CB  . LEU A 1 36  ? 1.981   -4.337  -4.777  1.00 19.94 ? 107 LEU A CB  1 
ATOM   135  C CG  . LEU A 1 36  ? 1.455   -2.929  -5.074  1.00 21.18 ? 107 LEU A CG  1 
ATOM   136  C CD1 . LEU A 1 36  ? 0.488   -2.982  -6.266  1.00 17.67 ? 107 LEU A CD1 1 
ATOM   137  C CD2 . LEU A 1 36  ? 0.788   -2.283  -3.856  1.00 21.87 ? 107 LEU A CD2 1 
ATOM   138  N N   . VAL A 1 37  ? 5.022   -4.025  -4.755  1.00 19.19 ? 108 VAL A N   1 
ATOM   139  C CA  . VAL A 1 37  ? 6.263   -3.227  -4.684  1.00 18.83 ? 108 VAL A CA  1 
ATOM   140  C C   . VAL A 1 37  ? 7.227   -3.733  -5.754  1.00 18.12 ? 108 VAL A C   1 
ATOM   141  O O   . VAL A 1 37  ? 7.848   -2.936  -6.482  1.00 17.02 ? 108 VAL A O   1 
ATOM   142  C CB  . VAL A 1 37  ? 6.885   -3.334  -3.284  1.00 19.08 ? 108 VAL A CB  1 
ATOM   143  C CG1 . VAL A 1 37  ? 8.263   -2.707  -3.263  1.00 20.96 ? 108 VAL A CG1 1 
ATOM   144  C CG2 . VAL A 1 37  ? 5.951   -2.702  -2.224  1.00 17.08 ? 108 VAL A CG2 1 
ATOM   145  N N   . HIS A 1 38  ? 7.347   -5.049  -5.891  1.00 18.43 ? 109 HIS A N   1 
ATOM   146  C CA  . HIS A 1 38  ? 8.306   -5.577  -6.885  1.00 19.09 ? 109 HIS A CA  1 
ATOM   147  C C   . HIS A 1 38  ? 8.001   -5.167  -8.341  1.00 18.93 ? 109 HIS A C   1 
ATOM   148  O O   . HIS A 1 38  ? 8.895   -4.697  -9.084  1.00 19.61 ? 109 HIS A O   1 
ATOM   149  C CB  . HIS A 1 38  ? 8.498   -7.092  -6.751  1.00 19.41 ? 109 HIS A CB  1 
ATOM   150  C CG  . HIS A 1 38  ? 9.728   -7.576  -7.445  1.00 22.42 ? 109 HIS A CG  1 
ATOM   151  N ND1 . HIS A 1 38  ? 9.692   -8.206  -8.673  1.00 27.67 ? 109 HIS A ND1 1 
ATOM   152  C CD2 . HIS A 1 38  ? 11.035  -7.448  -7.126  1.00 24.10 ? 109 HIS A CD2 1 
ATOM   153  C CE1 . HIS A 1 38  ? 10.925  -8.486  -9.057  1.00 26.84 ? 109 HIS A CE1 1 
ATOM   154  N NE2 . HIS A 1 38  ? 11.757  -8.022  -8.142  1.00 26.91 ? 109 HIS A NE2 1 
ATOM   155  N N   . ARG A 1 39  ? 6.746   -5.308  -8.756  1.00 19.85 ? 110 ARG A N   1 
ATOM   156  C CA  . ARG A 1 39  ? 6.307   -4.755  -10.038 1.00 19.22 ? 110 ARG A CA  1 
ATOM   157  C C   . ARG A 1 39  ? 6.654   -3.267  -10.157 1.00 19.45 ? 110 ARG A C   1 
ATOM   158  O O   . ARG A 1 39  ? 7.131   -2.797  -11.197 1.00 18.73 ? 110 ARG A O   1 
ATOM   159  C CB  . ARG A 1 39  ? 4.793   -4.937  -10.218 1.00 18.56 ? 110 ARG A CB  1 
ATOM   160  C CG  . ARG A 1 39  ? 4.305   -4.489  -11.558 1.00 19.04 ? 110 ARG A CG  1 
ATOM   161  C CD  . ARG A 1 39  ? 4.793   -5.358  -12.684 1.00 20.93 ? 110 ARG A CD  1 
ATOM   162  N NE  . ARG A 1 39  ? 4.504   -4.820  -14.008 1.00 20.52 ? 110 ARG A NE  1 
ATOM   163  C CZ  . ARG A 1 39  ? 4.220   -5.554  -15.094 1.00 19.96 ? 110 ARG A CZ  1 
ATOM   164  N NH1 . ARG A 1 39  ? 4.014   -4.960  -16.266 1.00 18.95 ? 110 ARG A NH1 1 
ATOM   165  N NH2 . ARG A 1 39  ? 4.122   -6.869  -15.024 1.00 21.43 ? 110 ARG A NH2 1 
ATOM   166  N N   . TYR A 1 40  ? 6.369   -2.521  -9.114  1.00 18.80 ? 111 TYR A N   1 
ATOM   167  C CA  . TYR A 1 40  ? 6.617   -1.087  -9.146  1.00 20.08 ? 111 TYR A CA  1 
ATOM   168  C C   . TYR A 1 40  ? 8.107   -0.795  -9.364  1.00 20.40 ? 111 TYR A C   1 
ATOM   169  O O   . TYR A 1 40  ? 8.454   0.056   -10.161 1.00 19.48 ? 111 TYR A O   1 
ATOM   170  C CB  . TYR A 1 40  ? 6.161   -0.424  -7.844  1.00 19.94 ? 111 TYR A CB  1 
ATOM   171  C CG  . TYR A 1 40  ? 6.484   1.039   -7.768  1.00 21.33 ? 111 TYR A CG  1 
ATOM   172  C CD1 . TYR A 1 40  ? 5.942   1.936   -8.689  1.00 20.11 ? 111 TYR A CD1 1 
ATOM   173  C CD2 . TYR A 1 40  ? 7.373   1.536   -6.807  1.00 21.55 ? 111 TYR A CD2 1 
ATOM   174  C CE1 . TYR A 1 40  ? 6.248   3.297   -8.642  1.00 22.48 ? 111 TYR A CE1 1 
ATOM   175  C CE2 . TYR A 1 40  ? 7.667   2.900   -6.746  1.00 22.64 ? 111 TYR A CE2 1 
ATOM   176  C CZ  . TYR A 1 40  ? 7.099   3.769   -7.661  1.00 22.38 ? 111 TYR A CZ  1 
ATOM   177  O OH  . TYR A 1 40  ? 7.398   5.104   -7.625  1.00 22.30 ? 111 TYR A OH  1 
ATOM   178  N N   . LEU A 1 41  ? 8.976   -1.486  -8.640  1.00 20.62 ? 112 LEU A N   1 
ATOM   179  C CA  . LEU A 1 41  ? 10.417  -1.228  -8.748  1.00 21.76 ? 112 LEU A CA  1 
ATOM   180  C C   . LEU A 1 41  ? 11.069  -1.746  -10.053 1.00 23.01 ? 112 LEU A C   1 
ATOM   181  O O   . LEU A 1 41  ? 11.970  -1.115  -10.584 1.00 21.06 ? 112 LEU A O   1 
ATOM   182  C CB  . LEU A 1 41  ? 11.157  -1.871  -7.591  1.00 22.41 ? 112 LEU A CB  1 
ATOM   183  C CG  . LEU A 1 41  ? 10.866  -1.286  -6.218  1.00 22.79 ? 112 LEU A CG  1 
ATOM   184  C CD1 . LEU A 1 41  ? 11.299  -2.304  -5.169  1.00 24.25 ? 112 LEU A CD1 1 
ATOM   185  C CD2 . LEU A 1 41  ? 11.590  0.028   -6.033  1.00 26.53 ? 112 LEU A CD2 1 
ATOM   186  N N   . THR A 1 42  ? 10.600  -2.890  -10.550 1.00 24.05 ? 113 THR A N   1 
ATOM   187  C CA  . THR A 1 42  ? 11.297  -3.595  -11.633 1.00 25.42 ? 113 THR A CA  1 
ATOM   188  C C   . THR A 1 42  ? 10.511  -3.712  -12.948 1.00 25.57 ? 113 THR A C   1 
ATOM   189  O O   . THR A 1 42  ? 11.074  -4.026  -13.987 1.00 25.21 ? 113 THR A O   1 
ATOM   190  C CB  . THR A 1 42  ? 11.691  -5.012  -11.176 1.00 25.74 ? 113 THR A CB  1 
ATOM   191  O OG1 . THR A 1 42  ? 10.525  -5.845  -11.111 1.00 26.03 ? 113 THR A OG1 1 
ATOM   192  C CG2 . THR A 1 42  ? 12.412  -4.976  -9.830  1.00 27.01 ? 113 THR A CG2 1 
ATOM   193  N N   . GLY A 1 43  ? 9.205   -3.507  -12.906 1.00 26.71 ? 114 GLY A N   1 
ATOM   194  C CA  . GLY A 1 43  ? 8.380   -3.750  -14.076 1.00 27.07 ? 114 GLY A CA  1 
ATOM   195  C C   . GLY A 1 43  ? 8.114   -5.213  -14.365 1.00 27.91 ? 114 GLY A C   1 
ATOM   196  O O   . GLY A 1 43  ? 7.544   -5.531  -15.412 1.00 28.52 ? 114 GLY A O   1 
ATOM   197  N N   . THR A 1 44  ? 8.502   -6.109  -13.464 1.00 28.16 ? 115 THR A N   1 
ATOM   198  C CA  . THR A 1 44  ? 8.207   -7.543  -13.607 1.00 29.13 ? 115 THR A CA  1 
ATOM   199  C C   . THR A 1 44  ? 7.305   -8.116  -12.464 1.00 29.71 ? 115 THR A C   1 
ATOM   200  O O   . THR A 1 44  ? 7.299   -7.613  -11.335 1.00 28.84 ? 115 THR A O   1 
ATOM   201  C CB  . THR A 1 44  ? 9.529   -8.379  -13.677 1.00 28.79 ? 115 THR A CB  1 
ATOM   202  O OG1 . THR A 1 44  ? 10.084  -8.501  -12.368 1.00 31.58 ? 115 THR A OG1 1 
ATOM   203  C CG2 . THR A 1 44  ? 10.561  -7.751  -14.576 1.00 27.99 ? 115 THR A CG2 1 
ATOM   204  N N   . TYR A 1 45  ? 6.573   -9.188  -12.767 1.00 29.95 ? 116 TYR A N   1 
ATOM   205  C CA  . TYR A 1 45  ? 5.747   -9.857  -11.774 1.00 31.35 ? 116 TYR A CA  1 
ATOM   206  C C   . TYR A 1 45  ? 6.473   -11.026 -11.101 1.00 32.80 ? 116 TYR A C   1 
ATOM   207  O O   . TYR A 1 45  ? 6.740   -12.033 -11.726 1.00 32.43 ? 116 TYR A O   1 
ATOM   208  C CB  . TYR A 1 45  ? 4.455   -10.381 -12.390 1.00 31.22 ? 116 TYR A CB  1 
ATOM   209  C CG  . TYR A 1 45  ? 3.536   -11.030 -11.381 1.00 30.90 ? 116 TYR A CG  1 
ATOM   210  C CD1 . TYR A 1 45  ? 3.008   -10.297 -10.327 1.00 29.26 ? 116 TYR A CD1 1 
ATOM   211  C CD2 . TYR A 1 45  ? 3.215   -12.381 -11.459 1.00 29.81 ? 116 TYR A CD2 1 
ATOM   212  C CE1 . TYR A 1 45  ? 2.191   -10.873 -9.400  1.00 28.73 ? 116 TYR A CE1 1 
ATOM   213  C CE2 . TYR A 1 45  ? 2.367   -12.967 -10.529 1.00 28.74 ? 116 TYR A CE2 1 
ATOM   214  C CZ  . TYR A 1 45  ? 1.855   -12.202 -9.502  1.00 27.50 ? 116 TYR A CZ  1 
ATOM   215  O OH  . TYR A 1 45  ? 0.998   -12.752 -8.564  1.00 30.32 ? 116 TYR A OH  1 
ATOM   216  N N   . VAL A 1 46  ? 6.764   -10.895 -9.814  1.00 34.29 ? 117 VAL A N   1 
ATOM   217  C CA  . VAL A 1 46  ? 7.288   -12.021 -9.047  1.00 36.24 ? 117 VAL A CA  1 
ATOM   218  C C   . VAL A 1 46  ? 6.257   -12.263 -7.938  1.00 37.62 ? 117 VAL A C   1 
ATOM   219  O O   . VAL A 1 46  ? 5.903   -11.338 -7.178  1.00 35.93 ? 117 VAL A O   1 
ATOM   220  C CB  . VAL A 1 46  ? 8.752   -11.782 -8.521  1.00 36.29 ? 117 VAL A CB  1 
ATOM   221  C CG1 . VAL A 1 46  ? 9.244   -12.980 -7.688  1.00 36.37 ? 117 VAL A CG1 1 
ATOM   222  C CG2 . VAL A 1 46  ? 9.716   -11.514 -9.695  1.00 36.81 ? 117 VAL A CG2 1 
ATOM   223  N N   . GLN A 1 47  ? 5.755   -13.503 -7.903  1.00 39.27 ? 118 GLN A N   1 
ATOM   224  C CA  . GLN A 1 47  ? 4.666   -13.899 -7.005  1.00 40.61 ? 118 GLN A CA  1 
ATOM   225  C C   . GLN A 1 47  ? 5.134   -14.191 -5.581  1.00 41.69 ? 118 GLN A C   1 
ATOM   226  O O   . GLN A 1 47  ? 4.488   -13.770 -4.612  1.00 42.41 ? 118 GLN A O   1 
ATOM   227  C CB  . GLN A 1 47  ? 3.923   -15.116 -7.574  1.00 40.54 ? 118 GLN A CB  1 
ATOM   228  C CG  . GLN A 1 47  ? 2.501   -15.285 -6.997  1.00 39.79 ? 118 GLN A CG  1 
ATOM   229  C CD  . GLN A 1 47  ? 1.557   -15.999 -7.952  1.00 38.27 ? 118 GLN A CD  1 
ATOM   230  O OE1 . GLN A 1 47  ? 2.004   -16.583 -8.935  1.00 36.61 ? 118 GLN A OE1 1 
ATOM   231  N NE2 . GLN A 1 47  ? 0.238   -15.937 -7.677  1.00 36.73 ? 118 GLN A NE2 1 
ATOM   232  N N   . GLU A 1 48  ? 6.253   -14.902 -5.451  1.00 43.01 ? 119 GLU A N   1 
ATOM   233  C CA  . GLU A 1 48  ? 6.784   -15.245 -4.134  1.00 43.67 ? 119 GLU A CA  1 
ATOM   234  C C   . GLU A 1 48  ? 6.798   -13.980 -3.231  1.00 43.80 ? 119 GLU A C   1 
ATOM   235  O O   . GLU A 1 48  ? 7.514   -13.012 -3.516  1.00 44.12 ? 119 GLU A O   1 
ATOM   236  C CB  . GLU A 1 48  ? 8.179   -15.884 -4.247  1.00 43.71 ? 119 GLU A CB  1 
ATOM   237  N N   . GLU A 1 49  ? 5.959   -14.003 -2.182  1.00 43.52 ? 120 GLU A N   1 
ATOM   238  C CA  . GLU A 1 49  ? 5.904   -12.944 -1.148  1.00 43.31 ? 120 GLU A CA  1 
ATOM   239  C C   . GLU A 1 49  ? 6.966   -13.154 -0.061  1.00 43.15 ? 120 GLU A C   1 
ATOM   240  O O   . GLU A 1 49  ? 7.382   -14.298 0.229   1.00 42.90 ? 120 GLU A O   1 
ATOM   241  C CB  . GLU A 1 49  ? 4.507   -12.872 -0.489  1.00 43.09 ? 120 GLU A CB  1 
ATOM   242  C CG  . GLU A 1 49  ? 3.350   -12.506 -1.442  1.00 43.16 ? 120 GLU A CG  1 
ATOM   243  C CD  . GLU A 1 49  ? 3.208   -10.992 -1.673  1.00 42.57 ? 120 GLU A CD  1 
ATOM   244  O OE1 . GLU A 1 49  ? 3.115   -10.241 -0.666  1.00 43.79 ? 120 GLU A OE1 1 
ATOM   245  O OE2 . GLU A 1 49  ? 3.183   -10.561 -2.845  1.00 37.99 ? 120 GLU A OE2 1 
ATOM   246  N N   . SER A 1 50  ? 7.361   -12.035 0.552   1.00 43.00 ? 121 SER A N   1 
ATOM   247  C CA  A SER A 1 50  ? 8.427   -12.001 1.549   0.50 42.61 ? 121 SER A CA  1 
ATOM   248  C CA  B SER A 1 50  ? 8.434   -12.001 1.547   0.50 42.79 ? 121 SER A CA  1 
ATOM   249  C C   . SER A 1 50  ? 7.841   -11.938 2.961   1.00 42.68 ? 121 SER A C   1 
ATOM   250  O O   . SER A 1 50  ? 7.265   -10.906 3.354   1.00 42.30 ? 121 SER A O   1 
ATOM   251  C CB  A SER A 1 50  ? 9.303   -10.772 1.305   0.50 42.87 ? 121 SER A CB  1 
ATOM   252  C CB  B SER A 1 50  ? 9.338   -10.785 1.285   0.50 43.08 ? 121 SER A CB  1 
ATOM   253  O OG  A SER A 1 50  ? 8.543   -9.585  1.447   0.50 41.80 ? 121 SER A OG  1 
ATOM   254  O OG  B SER A 1 50  ? 10.478  -10.769 2.135   0.50 43.09 ? 121 SER A OG  1 
ATOM   255  N N   . PRO A 1 51  ? 7.970   -13.039 3.745   1.00 42.17 ? 122 PRO A N   1 
ATOM   256  C CA  . PRO A 1 51  ? 7.509   -12.953 5.141   1.00 41.48 ? 122 PRO A CA  1 
ATOM   257  C C   . PRO A 1 51  ? 8.134   -11.804 5.957   1.00 40.13 ? 122 PRO A C   1 
ATOM   258  O O   . PRO A 1 51  ? 7.442   -11.199 6.785   1.00 39.91 ? 122 PRO A O   1 
ATOM   259  C CB  . PRO A 1 51  ? 7.926   -14.314 5.742   1.00 41.71 ? 122 PRO A CB  1 
ATOM   260  C CG  . PRO A 1 51  ? 7.925   -15.247 4.599   1.00 42.56 ? 122 PRO A CG  1 
ATOM   261  C CD  . PRO A 1 51  ? 8.363   -14.420 3.391   1.00 42.51 ? 122 PRO A CD  1 
ATOM   262  N N   . GLU A 1 52  ? 9.418   -11.519 5.712   1.00 38.13 ? 123 GLU A N   1 
ATOM   263  C CA  . GLU A 1 52  ? 10.159  -10.496 6.449   1.00 36.83 ? 123 GLU A CA  1 
ATOM   264  C C   . GLU A 1 52  ? 9.892   -9.083  5.882   1.00 35.11 ? 123 GLU A C   1 
ATOM   265  O O   . GLU A 1 52  ? 10.322  -8.088  6.453   1.00 34.63 ? 123 GLU A O   1 
ATOM   266  C CB  . GLU A 1 52  ? 11.675  -10.809 6.445   1.00 36.98 ? 123 GLU A CB  1 
ATOM   267  N N   . GLY A 1 53  ? 9.161   -9.001  4.774   1.00 33.34 ? 124 GLY A N   1 
ATOM   268  C CA  . GLY A 1 53  ? 8.956   -7.733  4.096   1.00 31.62 ? 124 GLY A CA  1 
ATOM   269  C C   . GLY A 1 53  ? 10.222  -7.313  3.362   1.00 29.64 ? 124 GLY A C   1 
ATOM   270  O O   . GLY A 1 53  ? 10.950  -8.172  2.835   1.00 30.22 ? 124 GLY A O   1 
ATOM   271  N N   . GLY A 1 54  ? 10.461  -6.001  3.295   1.00 26.26 ? 125 GLY A N   1 
ATOM   272  C CA  . GLY A 1 54  ? 11.546  -5.457  2.489   1.00 24.55 ? 125 GLY A CA  1 
ATOM   273  C C   . GLY A 1 54  ? 11.549  -3.932  2.466   1.00 22.31 ? 125 GLY A C   1 
ATOM   274  O O   . GLY A 1 54  ? 10.518  -3.299  2.629   1.00 20.95 ? 125 GLY A O   1 
ATOM   275  N N   . ARG A 1 55  ? 12.738  -3.383  2.295   1.00 20.32 ? 126 ARG A N   1 
ATOM   276  C CA  . ARG A 1 55  ? 13.014  -1.978  2.290   1.00 20.06 ? 126 ARG A CA  1 
ATOM   277  C C   . ARG A 1 55  ? 13.733  -1.675  0.997   1.00 20.43 ? 126 ARG A C   1 
ATOM   278  O O   . ARG A 1 55  ? 14.657  -2.402  0.599   1.00 20.31 ? 126 ARG A O   1 
ATOM   279  C CB  . ARG A 1 55  ? 13.931  -1.615  3.445   1.00 19.70 ? 126 ARG A CB  1 
ATOM   280  C CG  . ARG A 1 55  ? 13.365  -2.031  4.789   1.00 20.88 ? 126 ARG A CG  1 
ATOM   281  C CD  . ARG A 1 55  ? 13.843  -1.181  5.935   1.00 21.59 ? 126 ARG A CD  1 
ATOM   282  N NE  . ARG A 1 55  ? 13.071  -1.506  7.145   1.00 23.02 ? 126 ARG A NE  1 
ATOM   283  C CZ  . ARG A 1 55  ? 13.395  -1.083  8.358   1.00 20.68 ? 126 ARG A CZ  1 
ATOM   284  N NH1 . ARG A 1 55  ? 12.669  -1.438  9.424   1.00 20.65 ? 126 ARG A NH1 1 
ATOM   285  N NH2 . ARG A 1 55  ? 14.438  -0.298  8.499   1.00 15.86 ? 126 ARG A NH2 1 
ATOM   286  N N   . PHE A 1 56  ? 13.272  -0.636  0.327   1.00 19.52 ? 127 PHE A N   1 
ATOM   287  C CA  . PHE A 1 56  ? 13.702  -0.336  -1.007  1.00 20.36 ? 127 PHE A CA  1 
ATOM   288  C C   . PHE A 1 56  ? 13.756  1.151   -1.175  1.00 20.06 ? 127 PHE A C   1 
ATOM   289  O O   . PHE A 1 56  ? 13.277  1.917   -0.318  1.00 18.35 ? 127 PHE A O   1 
ATOM   290  C CB  . PHE A 1 56  ? 12.706  -0.927  -2.005  1.00 20.08 ? 127 PHE A CB  1 
ATOM   291  C CG  . PHE A 1 56  ? 12.385  -2.356  -1.739  1.00 23.74 ? 127 PHE A CG  1 
ATOM   292  C CD1 . PHE A 1 56  ? 13.246  -3.357  -2.150  1.00 28.04 ? 127 PHE A CD1 1 
ATOM   293  C CD2 . PHE A 1 56  ? 11.229  -2.708  -1.040  1.00 25.30 ? 127 PHE A CD2 1 
ATOM   294  C CE1 . PHE A 1 56  ? 12.944  -4.690  -1.901  1.00 26.69 ? 127 PHE A CE1 1 
ATOM   295  C CE2 . PHE A 1 56  ? 10.935  -4.047  -0.790  1.00 27.55 ? 127 PHE A CE2 1 
ATOM   296  C CZ  . PHE A 1 56  ? 11.801  -5.024  -1.197  1.00 27.87 ? 127 PHE A CZ  1 
ATOM   297  N N   . LYS A 1 57  ? 14.331  1.568   -2.292  1.00 20.30 ? 128 LYS A N   1 
ATOM   298  C CA  . LYS A 1 57  ? 14.360  2.967   -2.620  1.00 21.81 ? 128 LYS A CA  1 
ATOM   299  C C   . LYS A 1 57  ? 14.302  3.111   -4.127  1.00 22.66 ? 128 LYS A C   1 
ATOM   300  O O   . LYS A 1 57  ? 14.733  2.205   -4.844  1.00 22.01 ? 128 LYS A O   1 
ATOM   301  C CB  . LYS A 1 57  ? 15.581  3.653   -2.045  1.00 22.37 ? 128 LYS A CB  1 
ATOM   302  C CG  . LYS A 1 57  ? 16.945  3.268   -2.651  1.00 24.07 ? 128 LYS A CG  1 
ATOM   303  C CD  . LYS A 1 57  ? 17.996  4.269   -2.151  1.00 28.25 ? 128 LYS A CD  1 
ATOM   304  C CE  . LYS A 1 57  ? 19.413  3.753   -2.190  1.00 30.16 ? 128 LYS A CE  1 
ATOM   305  N NZ  . LYS A 1 57  ? 19.773  3.193   -3.522  1.00 31.93 ? 128 LYS A NZ  1 
ATOM   306  N N   . LYS A 1 58  ? 13.727  4.228   -4.568  1.00 22.97 ? 129 LYS A N   1 
ATOM   307  C CA  . LYS A 1 58  ? 13.443  4.490   -5.977  1.00 23.18 ? 129 LYS A CA  1 
ATOM   308  C C   . LYS A 1 58  ? 13.277  5.975   -6.207  1.00 23.29 ? 129 LYS A C   1 
ATOM   309  O O   . LYS A 1 58  ? 12.473  6.622   -5.528  1.00 21.17 ? 129 LYS A O   1 
ATOM   310  C CB  . LYS A 1 58  ? 12.153  3.847   -6.415  1.00 22.69 ? 129 LYS A CB  1 
ATOM   311  C CG  . LYS A 1 58  ? 11.923  3.831   -7.965  1.00 24.73 ? 129 LYS A CG  1 
ATOM   312  C CD  . LYS A 1 58  ? 10.445  3.560   -8.292  1.00 26.66 ? 129 LYS A CD  1 
ATOM   313  C CE  . LYS A 1 58  ? 10.112  3.729   -9.774  1.00 28.52 ? 129 LYS A CE  1 
ATOM   314  N NZ  . LYS A 1 58  ? 11.021  2.910   -10.590 1.00 27.18 ? 129 LYS A NZ  1 
ATOM   315  N N   . GLU A 1 59  ? 13.981  6.455   -7.226  1.00 23.89 ? 130 GLU A N   1 
ATOM   316  C CA  . GLU A 1 59  ? 13.926  7.838   -7.641  1.00 25.42 ? 130 GLU A CA  1 
ATOM   317  C C   . GLU A 1 59  ? 12.688  8.146   -8.427  1.00 24.08 ? 130 GLU A C   1 
ATOM   318  O O   . GLU A 1 59  ? 12.324  7.459   -9.372  1.00 25.28 ? 130 GLU A O   1 
ATOM   319  C CB  . GLU A 1 59  ? 15.168  8.221   -8.433  1.00 26.65 ? 130 GLU A CB  1 
ATOM   320  C CG  . GLU A 1 59  ? 16.400  8.229   -7.521  1.00 31.49 ? 130 GLU A CG  1 
ATOM   321  C CD  . GLU A 1 59  ? 17.730  8.000   -8.208  1.00 38.42 ? 130 GLU A CD  1 
ATOM   322  O OE1 . GLU A 1 59  ? 18.750  8.332   -7.558  1.00 44.29 ? 130 GLU A OE1 1 
ATOM   323  O OE2 . GLU A 1 59  ? 17.777  7.476   -9.353  1.00 43.11 ? 130 GLU A OE2 1 
ATOM   324  N N   . ILE A 1 60  ? 12.035  9.205   -8.024  1.00 22.76 ? 131 ILE A N   1 
ATOM   325  C CA  . ILE A 1 60  ? 10.793  9.589   -8.667  1.00 22.40 ? 131 ILE A CA  1 
ATOM   326  C C   . ILE A 1 60  ? 10.779  11.082  -8.956  1.00 21.63 ? 131 ILE A C   1 
ATOM   327  O O   . ILE A 1 60  ? 11.604  11.850  -8.483  1.00 21.57 ? 131 ILE A O   1 
ATOM   328  C CB  . ILE A 1 60  ? 9.556   9.146   -7.854  1.00 21.76 ? 131 ILE A CB  1 
ATOM   329  C CG1 . ILE A 1 60  ? 9.402   9.977   -6.568  1.00 22.76 ? 131 ILE A CG1 1 
ATOM   330  C CG2 . ILE A 1 60  ? 9.652   7.650   -7.520  1.00 21.35 ? 131 ILE A CG2 1 
ATOM   331  C CD1 . ILE A 1 60  ? 8.106   9.782   -5.872  1.00 23.56 ? 131 ILE A CD1 1 
ATOM   332  N N   . VAL A 1 61  ? 9.816   11.461  -9.778  1.00 21.52 ? 132 VAL A N   1 
ATOM   333  C CA  . VAL A 1 61  ? 9.580   12.816  -10.134 1.00 21.49 ? 132 VAL A CA  1 
ATOM   334  C C   . VAL A 1 61  ? 8.155   13.110  -9.764  1.00 22.89 ? 132 VAL A C   1 
ATOM   335  O O   . VAL A 1 61  ? 7.264   12.373  -10.162 1.00 24.02 ? 132 VAL A O   1 
ATOM   336  C CB  . VAL A 1 61  ? 9.707   13.015  -11.650 1.00 21.87 ? 132 VAL A CB  1 
ATOM   337  C CG1 . VAL A 1 61  ? 9.549   14.493  -11.979 1.00 17.89 ? 132 VAL A CG1 1 
ATOM   338  C CG2 . VAL A 1 61  ? 11.054  12.413  -12.160 1.00 19.62 ? 132 VAL A CG2 1 
ATOM   339  N N   . VAL A 1 62  ? 7.957   14.186  -9.017  1.00 23.82 ? 133 VAL A N   1 
ATOM   340  C CA  . VAL A 1 62  ? 6.642   14.668  -8.637  1.00 24.42 ? 133 VAL A CA  1 
ATOM   341  C C   . VAL A 1 62  ? 6.692   16.163  -8.914  1.00 24.78 ? 133 VAL A C   1 
ATOM   342  O O   . VAL A 1 62  ? 7.565   16.832  -8.369  1.00 24.68 ? 133 VAL A O   1 
ATOM   343  C CB  . VAL A 1 62  ? 6.387   14.479  -7.118  1.00 25.03 ? 133 VAL A CB  1 
ATOM   344  C CG1 . VAL A 1 62  ? 5.075   15.135  -6.710  1.00 23.20 ? 133 VAL A CG1 1 
ATOM   345  C CG2 . VAL A 1 62  ? 6.414   13.021  -6.749  1.00 25.08 ? 133 VAL A CG2 1 
ATOM   346  N N   . ASP A 1 63  ? 5.830   16.636  -9.820  1.00 25.22 ? 134 ASP A N   1 
ATOM   347  C CA  . ASP A 1 63  ? 5.663   18.066  -10.131 1.00 27.18 ? 134 ASP A CA  1 
ATOM   348  C C   . ASP A 1 63  ? 7.014   18.734  -10.542 1.00 26.59 ? 134 ASP A C   1 
ATOM   349  O O   . ASP A 1 63  ? 7.396   19.758  -9.999  1.00 27.42 ? 134 ASP A O   1 
ATOM   350  C CB  . ASP A 1 63  ? 5.003   18.728  -8.915  1.00 27.74 ? 134 ASP A CB  1 
ATOM   351  C CG  . ASP A 1 63  ? 4.759   20.228  -9.070  1.00 31.56 ? 134 ASP A CG  1 
ATOM   352  O OD1 . ASP A 1 63  ? 4.515   20.727  -10.215 1.00 33.04 ? 134 ASP A OD1 1 
ATOM   353  O OD2 . ASP A 1 63  ? 4.828   20.896  -8.003  1.00 34.65 ? 134 ASP A OD2 1 
ATOM   354  N N   . GLY A 1 64  ? 7.729   18.119  -11.487 1.00 26.55 ? 135 GLY A N   1 
ATOM   355  C CA  . GLY A 1 64  ? 8.990   18.698  -12.024 1.00 24.95 ? 135 GLY A CA  1 
ATOM   356  C C   . GLY A 1 64  ? 10.226  18.672  -11.122 1.00 24.76 ? 135 GLY A C   1 
ATOM   357  O O   . GLY A 1 64  ? 11.277  19.254  -11.454 1.00 21.00 ? 135 GLY A O   1 
ATOM   358  N N   . GLN A 1 65  ? 10.138  17.952  -10.005 1.00 24.41 ? 136 GLN A N   1 
ATOM   359  C CA  . GLN A 1 65  ? 11.238  17.873  -9.061  1.00 24.54 ? 136 GLN A CA  1 
ATOM   360  C C   . GLN A 1 65  ? 11.522  16.401  -8.726  1.00 24.49 ? 136 GLN A C   1 
ATOM   361  O O   . GLN A 1 65  ? 10.587  15.579  -8.652  1.00 22.74 ? 136 GLN A O   1 
ATOM   362  C CB  . GLN A 1 65  ? 10.919  18.663  -7.790  1.00 25.78 ? 136 GLN A CB  1 
ATOM   363  C CG  . GLN A 1 65  ? 10.979  20.214  -7.957  1.00 29.73 ? 136 GLN A CG  1 
ATOM   364  C CD  . GLN A 1 65  ? 12.391  20.774  -8.266  1.00 33.63 ? 136 GLN A CD  1 
ATOM   365  O OE1 . GLN A 1 65  ? 13.406  20.059  -8.206  1.00 37.27 ? 136 GLN A OE1 1 
ATOM   366  N NE2 . GLN A 1 65  ? 12.447  22.058  -8.599  1.00 35.05 ? 136 GLN A NE2 1 
ATOM   367  N N   . SER A 1 66  ? 12.806  16.085  -8.521  1.00 22.92 ? 137 SER A N   1 
ATOM   368  C CA  . SER A 1 66  ? 13.220  14.739  -8.125  1.00 22.50 ? 137 SER A CA  1 
ATOM   369  C C   . SER A 1 66  ? 13.021  14.483  -6.622  1.00 22.17 ? 137 SER A C   1 
ATOM   370  O O   . SER A 1 66  ? 13.252  15.383  -5.802  1.00 20.77 ? 137 SER A O   1 
ATOM   371  C CB  . SER A 1 66  ? 14.702  14.516  -8.453  1.00 23.11 ? 137 SER A CB  1 
ATOM   372  O OG  . SER A 1 66  ? 15.066  13.129  -8.270  1.00 26.19 ? 137 SER A OG  1 
ATOM   373  N N   . TYR A 1 67  ? 12.606  13.252  -6.287  1.00 20.27 ? 138 TYR A N   1 
ATOM   374  C CA  . TYR A 1 67  ? 12.467  12.782  -4.894  1.00 19.83 ? 138 TYR A CA  1 
ATOM   375  C C   . TYR A 1 67  ? 12.957  11.333  -4.810  1.00 19.60 ? 138 TYR A C   1 
ATOM   376  O O   . TYR A 1 67  ? 13.002  10.606  -5.811  1.00 18.66 ? 138 TYR A O   1 
ATOM   377  C CB  . TYR A 1 67  ? 11.035  12.910  -4.385  1.00 19.74 ? 138 TYR A CB  1 
ATOM   378  C CG  . TYR A 1 67  ? 10.531  14.320  -4.317  1.00 19.08 ? 138 TYR A CG  1 
ATOM   379  C CD1 . TYR A 1 67  ? 10.636  15.069  -3.145  1.00 20.02 ? 138 TYR A CD1 1 
ATOM   380  C CD2 . TYR A 1 67  ? 9.926   14.905  -5.413  1.00 21.41 ? 138 TYR A CD2 1 
ATOM   381  C CE1 . TYR A 1 67  ? 10.162  16.376  -3.082  1.00 23.63 ? 138 TYR A CE1 1 
ATOM   382  C CE2 . TYR A 1 67  ? 9.437   16.199  -5.362  1.00 24.27 ? 138 TYR A CE2 1 
ATOM   383  C CZ  . TYR A 1 67  ? 9.571   16.932  -4.191  1.00 24.54 ? 138 TYR A CZ  1 
ATOM   384  O OH  . TYR A 1 67  ? 9.107   18.209  -4.125  1.00 29.21 ? 138 TYR A OH  1 
ATOM   385  N N   . LEU A 1 68  ? 13.421  10.952  -3.632  1.00 19.58 ? 139 LEU A N   1 
ATOM   386  C CA  . LEU A 1 68  ? 13.879  9.600   -3.404  1.00 19.46 ? 139 LEU A CA  1 
ATOM   387  C C   . LEU A 1 68  ? 12.785  8.972   -2.543  1.00 19.69 ? 139 LEU A C   1 
ATOM   388  O O   . LEU A 1 68  ? 12.538  9.392   -1.416  1.00 18.74 ? 139 LEU A O   1 
ATOM   389  C CB  . LEU A 1 68  ? 15.256  9.581   -2.735  1.00 19.56 ? 139 LEU A CB  1 
ATOM   390  C CG  . LEU A 1 68  ? 15.823  8.160   -2.550  1.00 21.59 ? 139 LEU A CG  1 
ATOM   391  C CD1 . LEU A 1 68  ? 16.085  7.466   -3.881  1.00 19.42 ? 139 LEU A CD1 1 
ATOM   392  C CD2 . LEU A 1 68  ? 17.058  8.164   -1.693  1.00 23.67 ? 139 LEU A CD2 1 
ATOM   393  N N   . LEU A 1 69  ? 12.078  8.005   -3.116  1.00 17.89 ? 140 LEU A N   1 
ATOM   394  C CA  . LEU A 1 69  ? 11.037  7.344   -2.394  1.00 18.09 ? 140 LEU A CA  1 
ATOM   395  C C   . LEU A 1 69  ? 11.641  6.190   -1.574  1.00 17.93 ? 140 LEU A C   1 
ATOM   396  O O   . LEU A 1 69  ? 12.262  5.281   -2.136  1.00 18.79 ? 140 LEU A O   1 
ATOM   397  C CB  . LEU A 1 69  ? 10.009  6.834   -3.398  1.00 18.46 ? 140 LEU A CB  1 
ATOM   398  C CG  . LEU A 1 69  ? 8.712   6.194   -2.941  1.00 18.60 ? 140 LEU A CG  1 
ATOM   399  C CD1 . LEU A 1 69  ? 7.982   7.146   -2.030  1.00 22.75 ? 140 LEU A CD1 1 
ATOM   400  C CD2 . LEU A 1 69  ? 7.884   5.877   -4.193  1.00 19.76 ? 140 LEU A CD2 1 
ATOM   401  N N   . LEU A 1 70  ? 11.451  6.231   -0.261  1.00 17.63 ? 141 LEU A N   1 
ATOM   402  C CA  . LEU A 1 70  ? 11.811  5.133   0.644   1.00 17.39 ? 141 LEU A CA  1 
ATOM   403  C C   . LEU A 1 70  ? 10.556  4.276   0.880   1.00 17.96 ? 141 LEU A C   1 
ATOM   404  O O   . LEU A 1 70  ? 9.494   4.797   1.306   1.00 17.85 ? 141 LEU A O   1 
ATOM   405  C CB  . LEU A 1 70  ? 12.355  5.657   1.960   1.00 18.00 ? 141 LEU A CB  1 
ATOM   406  C CG  . LEU A 1 70  ? 13.589  6.572   1.908   1.00 17.07 ? 141 LEU A CG  1 
ATOM   407  C CD1 . LEU A 1 70  ? 14.043  6.985   3.314   1.00 16.84 ? 141 LEU A CD1 1 
ATOM   408  C CD2 . LEU A 1 70  ? 14.768  6.012   1.103   1.00 19.49 ? 141 LEU A CD2 1 
ATOM   409  N N   . ILE A 1 71  ? 10.659  2.997   0.517   1.00 15.97 ? 142 ILE A N   1 
ATOM   410  C CA  . ILE A 1 71  ? 9.543   2.050   0.622   1.00 16.84 ? 142 ILE A CA  1 
ATOM   411  C C   . ILE A 1 71  ? 9.906   1.061   1.715   1.00 16.45 ? 142 ILE A C   1 
ATOM   412  O O   . ILE A 1 71  ? 11.024  0.516   1.718   1.00 14.92 ? 142 ILE A O   1 
ATOM   413  C CB  . ILE A 1 71  ? 9.313   1.255   -0.688  1.00 16.66 ? 142 ILE A CB  1 
ATOM   414  C CG1 . ILE A 1 71  ? 8.823   2.171   -1.801  1.00 18.37 ? 142 ILE A CG1 1 
ATOM   415  C CG2 . ILE A 1 71  ? 8.322   0.029   -0.488  1.00 16.85 ? 142 ILE A CG2 1 
ATOM   416  C CD1 . ILE A 1 71  ? 9.005   1.508   -3.192  1.00 19.37 ? 142 ILE A CD1 1 
ATOM   417  N N   . ARG A 1 72  ? 8.984   0.878   2.650   1.00 17.56 ? 143 ARG A N   1 
ATOM   418  C CA  . ARG A 1 72  ? 9.136   -0.103  3.715   1.00 19.82 ? 143 ARG A CA  1 
ATOM   419  C C   . ARG A 1 72  ? 7.932   -1.006  3.814   1.00 21.55 ? 143 ARG A C   1 
ATOM   420  O O   . ARG A 1 72  ? 6.845   -0.573  4.165   1.00 20.60 ? 143 ARG A O   1 
ATOM   421  C CB  . ARG A 1 72  ? 9.320   0.574   5.053   1.00 20.26 ? 143 ARG A CB  1 
ATOM   422  C CG  . ARG A 1 72  ? 10.748  0.809   5.403   1.00 22.98 ? 143 ARG A CG  1 
ATOM   423  C CD  . ARG A 1 72  ? 10.849  1.193   6.833   1.00 24.51 ? 143 ARG A CD  1 
ATOM   424  N NE  . ARG A 1 72  ? 12.091  1.894   7.086   1.00 25.42 ? 143 ARG A NE  1 
ATOM   425  C CZ  . ARG A 1 72  ? 12.456  2.385   8.270   1.00 27.94 ? 143 ARG A CZ  1 
ATOM   426  N NH1 . ARG A 1 72  ? 11.687  2.249   9.354   1.00 25.70 ? 143 ARG A NH1 1 
ATOM   427  N NH2 . ARG A 1 72  ? 13.609  3.036   8.356   1.00 31.77 ? 143 ARG A NH2 1 
ATOM   428  N N   . ASP A 1 73  ? 8.140   -2.274  3.497   1.00 23.78 ? 144 ASP A N   1 
ATOM   429  C CA  . ASP A 1 73  ? 7.146   -3.300  3.804   1.00 26.57 ? 144 ASP A CA  1 
ATOM   430  C C   . ASP A 1 73  ? 7.666   -4.050  5.026   1.00 27.95 ? 144 ASP A C   1 
ATOM   431  O O   . ASP A 1 73  ? 8.669   -4.749  4.946   1.00 28.99 ? 144 ASP A O   1 
ATOM   432  C CB  . ASP A 1 73  ? 6.986   -4.205  2.590   1.00 27.14 ? 144 ASP A CB  1 
ATOM   433  C CG  . ASP A 1 73  ? 6.022   -5.351  2.843   1.00 29.05 ? 144 ASP A CG  1 
ATOM   434  O OD1 . ASP A 1 73  ? 5.464   -5.412  3.972   1.00 33.05 ? 144 ASP A OD1 1 
ATOM   435  O OD2 . ASP A 1 73  ? 5.869   -6.169  1.914   1.00 27.15 ? 144 ASP A OD2 1 
ATOM   436  N N   . GLU A 1 74  ? 7.004   -3.889  6.169   1.00 29.28 ? 145 GLU A N   1 
ATOM   437  C CA  . GLU A 1 74  ? 7.580   -4.296  7.440   1.00 30.01 ? 145 GLU A CA  1 
ATOM   438  C C   . GLU A 1 74  ? 7.272   -5.779  7.748   1.00 30.18 ? 145 GLU A C   1 
ATOM   439  O O   . GLU A 1 74  ? 7.902   -6.386  8.616   1.00 30.50 ? 145 GLU A O   1 
ATOM   440  C CB  . GLU A 1 74  ? 7.054   -3.362  8.557   1.00 31.20 ? 145 GLU A CB  1 
ATOM   441  C CG  . GLU A 1 74  ? 7.713   -3.511  9.894   1.00 32.66 ? 145 GLU A CG  1 
ATOM   442  C CD  . GLU A 1 74  ? 8.836   -2.536  10.123  1.00 34.44 ? 145 GLU A CD  1 
ATOM   443  O OE1 . GLU A 1 74  ? 9.439   -2.041  9.139   1.00 34.83 ? 145 GLU A OE1 1 
ATOM   444  O OE2 . GLU A 1 74  ? 9.090   -2.248  11.312  1.00 38.54 ? 145 GLU A OE2 1 
ATOM   445  N N   . GLY A 1 75  ? 6.285   -6.348  7.063   1.00 29.72 ? 146 GLY A N   1 
ATOM   446  C CA  . GLY A 1 75  ? 6.004   -7.771  7.171   1.00 29.88 ? 146 GLY A CA  1 
ATOM   447  C C   . GLY A 1 75  ? 5.118   -8.219  8.314   1.00 30.22 ? 146 GLY A C   1 
ATOM   448  O O   . GLY A 1 75  ? 4.919   -9.430  8.481   1.00 32.40 ? 146 GLY A O   1 
ATOM   449  N N   . GLY A 1 76  ? 4.601   -7.289  9.116   1.00 28.70 ? 147 GLY A N   1 
ATOM   450  C CA  . GLY A 1 76  ? 3.546   -7.619  10.084  1.00 27.64 ? 147 GLY A CA  1 
ATOM   451  C C   . GLY A 1 76  ? 2.737   -6.390  10.488  1.00 26.11 ? 147 GLY A C   1 
ATOM   452  O O   . GLY A 1 76  ? 2.777   -5.378  9.786   1.00 25.93 ? 147 GLY A O   1 
ATOM   453  N N   . PRO A 1 77  ? 2.012   -6.462  11.624  1.00 24.65 ? 148 PRO A N   1 
ATOM   454  C CA  . PRO A 1 77  ? 1.218   -5.306  12.088  1.00 24.07 ? 148 PRO A CA  1 
ATOM   455  C C   . PRO A 1 77  ? 2.089   -4.066  12.295  1.00 23.35 ? 148 PRO A C   1 
ATOM   456  O O   . PRO A 1 77  ? 3.235   -4.203  12.658  1.00 23.75 ? 148 PRO A O   1 
ATOM   457  C CB  . PRO A 1 77  ? 0.635   -5.773  13.429  1.00 23.77 ? 148 PRO A CB  1 
ATOM   458  C CG  . PRO A 1 77  ? 0.991   -7.225  13.556  1.00 24.93 ? 148 PRO A CG  1 
ATOM   459  C CD  . PRO A 1 77  ? 2.078   -7.548  12.628  1.00 23.61 ? 148 PRO A CD  1 
ATOM   460  N N   . PRO A 1 78  ? 1.540   -2.859  12.101  1.00 22.37 ? 149 PRO A N   1 
ATOM   461  C CA  . PRO A 1 78  ? 2.377   -1.705  12.439  1.00 22.28 ? 149 PRO A CA  1 
ATOM   462  C C   . PRO A 1 78  ? 2.746   -1.672  13.914  1.00 22.56 ? 149 PRO A C   1 
ATOM   463  O O   . PRO A 1 78  ? 1.887   -1.942  14.770  1.00 23.01 ? 149 PRO A O   1 
ATOM   464  C CB  . PRO A 1 78  ? 1.519   -0.503  12.072  1.00 22.95 ? 149 PRO A CB  1 
ATOM   465  C CG  . PRO A 1 78  ? 0.468   -1.053  11.080  1.00 21.10 ? 149 PRO A CG  1 
ATOM   466  C CD  . PRO A 1 78  ? 0.262   -2.481  11.490  1.00 22.83 ? 149 PRO A CD  1 
ATOM   467  N N   . GLU A 1 79  ? 4.023   -1.423  14.183  1.00 21.50 ? 150 GLU A N   1 
ATOM   468  C CA  . GLU A 1 79  ? 4.495   -1.121  15.532  1.00 22.95 ? 150 GLU A CA  1 
ATOM   469  C C   . GLU A 1 79  ? 4.956   0.331   15.644  1.00 21.34 ? 150 GLU A C   1 
ATOM   470  O O   . GLU A 1 79  ? 5.011   1.047   14.649  1.00 20.47 ? 150 GLU A O   1 
ATOM   471  C CB  . GLU A 1 79  ? 5.594   -2.088  16.022  1.00 23.43 ? 150 GLU A CB  1 
ATOM   472  C CG  . GLU A 1 79  ? 6.526   -2.748  15.026  1.00 27.76 ? 150 GLU A CG  1 
ATOM   473  C CD  . GLU A 1 79  ? 7.557   -3.713  15.745  1.00 33.52 ? 150 GLU A CD  1 
ATOM   474  O OE1 . GLU A 1 79  ? 7.161   -4.493  16.669  1.00 36.53 ? 150 GLU A OE1 1 
ATOM   475  O OE2 . GLU A 1 79  ? 8.755   -3.681  15.389  1.00 34.16 ? 150 GLU A OE2 1 
ATOM   476  N N   . LEU A 1 80  ? 5.301   0.734   16.858  1.00 20.89 ? 151 LEU A N   1 
ATOM   477  C CA  . LEU A 1 80  ? 5.732   2.095   17.164  1.00 20.94 ? 151 LEU A CA  1 
ATOM   478  C C   . LEU A 1 80  ? 6.690   2.682   16.163  1.00 20.04 ? 151 LEU A C   1 
ATOM   479  O O   . LEU A 1 80  ? 6.433   3.742   15.577  1.00 20.00 ? 151 LEU A O   1 
ATOM   480  C CB  . LEU A 1 80  ? 6.375   2.164   18.566  1.00 21.14 ? 151 LEU A CB  1 
ATOM   481  C CG  . LEU A 1 80  ? 6.868   3.561   19.027  1.00 23.97 ? 151 LEU A CG  1 
ATOM   482  C CD1 . LEU A 1 80  ? 5.848   4.650   18.709  1.00 27.39 ? 151 LEU A CD1 1 
ATOM   483  C CD2 . LEU A 1 80  ? 7.190   3.547   20.524  1.00 28.12 ? 151 LEU A CD2 1 
ATOM   484  N N   . GLN A 1 81  ? 7.816   2.016   15.992  1.00 21.73 ? 152 GLN A N   1 
ATOM   485  C CA  . GLN A 1 81  ? 8.902   2.572   15.170  1.00 21.95 ? 152 GLN A CA  1 
ATOM   486  C C   . GLN A 1 81  ? 8.447   2.803   13.725  1.00 20.70 ? 152 GLN A C   1 
ATOM   487  O O   . GLN A 1 81  ? 8.723   3.842   13.134  1.00 20.79 ? 152 GLN A O   1 
ATOM   488  C CB  . GLN A 1 81  ? 10.189  1.729   15.240  1.00 22.61 ? 152 GLN A CB  1 
ATOM   489  C CG  . GLN A 1 81  ? 10.059  0.186   15.265  1.00 26.35 ? 152 GLN A CG  1 
ATOM   490  C CD  . GLN A 1 81  ? 9.983   -0.450  13.885  1.00 29.64 ? 152 GLN A CD  1 
ATOM   491  O OE1 . GLN A 1 81  ? 10.615  0.030   12.913  1.00 30.63 ? 152 GLN A OE1 1 
ATOM   492  N NE2 . GLN A 1 81  ? 9.176   -1.531  13.777  1.00 29.15 ? 152 GLN A NE2 1 
ATOM   493  N N   . PHE A 1 82  ? 7.740   1.827   13.166  1.00 19.44 ? 153 PHE A N   1 
ATOM   494  C CA  . PHE A 1 82  ? 7.203   1.977   11.825  1.00 17.77 ? 153 PHE A CA  1 
ATOM   495  C C   . PHE A 1 82  ? 6.188   3.120   11.763  1.00 17.47 ? 153 PHE A C   1 
ATOM   496  O O   . PHE A 1 82  ? 6.251   3.997   10.899  1.00 16.51 ? 153 PHE A O   1 
ATOM   497  C CB  . PHE A 1 82  ? 6.559   0.693   11.419  1.00 16.35 ? 153 PHE A CB  1 
ATOM   498  C CG  . PHE A 1 82  ? 5.876   0.767   10.118  1.00 16.97 ? 153 PHE A CG  1 
ATOM   499  C CD1 . PHE A 1 82  ? 6.581   0.550   8.928   1.00 15.39 ? 153 PHE A CD1 1 
ATOM   500  C CD2 . PHE A 1 82  ? 4.511   1.054   10.055  1.00 15.59 ? 153 PHE A CD2 1 
ATOM   501  C CE1 . PHE A 1 82  ? 5.911   0.622   7.708   1.00 8.89  ? 153 PHE A CE1 1 
ATOM   502  C CE2 . PHE A 1 82  ? 3.869   1.142   8.834   1.00 14.44 ? 153 PHE A CE2 1 
ATOM   503  C CZ  . PHE A 1 82  ? 4.601   0.893   7.661   1.00 15.41 ? 153 PHE A CZ  1 
ATOM   504  N N   . ALA A 1 83  ? 5.238   3.086   12.679  1.00 17.71 ? 154 ALA A N   1 
ATOM   505  C CA  . ALA A 1 83  ? 4.173   4.062   12.703  1.00 18.05 ? 154 ALA A CA  1 
ATOM   506  C C   . ALA A 1 83  ? 4.734   5.470   12.798  1.00 18.44 ? 154 ALA A C   1 
ATOM   507  O O   . ALA A 1 83  ? 4.195   6.334   12.160  1.00 19.92 ? 154 ALA A O   1 
ATOM   508  C CB  . ALA A 1 83  ? 3.180   3.791   13.840  1.00 17.53 ? 154 ALA A CB  1 
ATOM   509  N N   . ALA A 1 84  ? 5.796   5.693   13.588  1.00 18.98 ? 155 ALA A N   1 
ATOM   510  C CA  . ALA A 1 84  ? 6.435   7.018   13.689  1.00 18.47 ? 155 ALA A CA  1 
ATOM   511  C C   . ALA A 1 84  ? 7.231   7.377   12.429  1.00 18.10 ? 155 ALA A C   1 
ATOM   512  O O   . ALA A 1 84  ? 7.345   8.524   12.092  1.00 15.89 ? 155 ALA A O   1 
ATOM   513  C CB  . ALA A 1 84  ? 7.354   7.098   14.912  1.00 18.78 ? 155 ALA A CB  1 
ATOM   514  N N   . TRP A 1 85  ? 7.773   6.386   11.730  1.00 17.58 ? 156 TRP A N   1 
ATOM   515  C CA  . TRP A 1 85  ? 8.614   6.672   10.545  1.00 18.74 ? 156 TRP A CA  1 
ATOM   516  C C   . TRP A 1 85  ? 7.789   7.102   9.307   1.00 18.58 ? 156 TRP A C   1 
ATOM   517  O O   . TRP A 1 85  ? 8.220   7.969   8.578   1.00 19.65 ? 156 TRP A O   1 
ATOM   518  C CB  . TRP A 1 85  ? 9.478   5.470   10.228  1.00 19.41 ? 156 TRP A CB  1 
ATOM   519  C CG  . TRP A 1 85  ? 10.263  5.516   8.953   1.00 17.90 ? 156 TRP A CG  1 
ATOM   520  C CD1 . TRP A 1 85  ? 11.562  5.926   8.788   1.00 18.27 ? 156 TRP A CD1 1 
ATOM   521  C CD2 . TRP A 1 85  ? 9.822   5.064   7.673   1.00 16.24 ? 156 TRP A CD2 1 
ATOM   522  N NE1 . TRP A 1 85  ? 11.949  5.763   7.476   1.00 17.39 ? 156 TRP A NE1 1 
ATOM   523  C CE2 . TRP A 1 85  ? 10.896  5.240   6.771   1.00 17.03 ? 156 TRP A CE2 1 
ATOM   524  C CE3 . TRP A 1 85  ? 8.611   4.545   7.189   1.00 17.22 ? 156 TRP A CE3 1 
ATOM   525  C CZ2 . TRP A 1 85  ? 10.785  4.924   5.425   1.00 17.84 ? 156 TRP A CZ2 1 
ATOM   526  C CZ3 . TRP A 1 85  ? 8.515   4.234   5.881   1.00 16.99 ? 156 TRP A CZ3 1 
ATOM   527  C CH2 . TRP A 1 85  ? 9.614   4.403   5.006   1.00 16.98 ? 156 TRP A CH2 1 
ATOM   528  N N   . VAL A 1 86  ? 6.621   6.498   9.063   1.00 19.13 ? 157 VAL A N   1 
ATOM   529  C CA  . VAL A 1 86  ? 5.896   6.759   7.834   1.00 18.02 ? 157 VAL A CA  1 
ATOM   530  C C   . VAL A 1 86  ? 5.578   8.264   7.621   1.00 18.12 ? 157 VAL A C   1 
ATOM   531  O O   . VAL A 1 86  ? 5.221   8.959   8.552   1.00 17.88 ? 157 VAL A O   1 
ATOM   532  C CB  . VAL A 1 86  ? 4.615   5.855   7.690   1.00 18.58 ? 157 VAL A CB  1 
ATOM   533  C CG1 . VAL A 1 86  ? 5.033   4.355   7.677   1.00 18.66 ? 157 VAL A CG1 1 
ATOM   534  C CG2 . VAL A 1 86  ? 3.604   6.118   8.791   1.00 14.83 ? 157 VAL A CG2 1 
ATOM   535  N N   . ASP A 1 87  ? 5.744   8.745   6.381   1.00 18.41 ? 158 ASP A N   1 
ATOM   536  C CA  . ASP A 1 87  ? 4.968   9.891   5.839   1.00 18.06 ? 158 ASP A CA  1 
ATOM   537  C C   . ASP A 1 87  ? 3.566   9.517   5.330   1.00 17.38 ? 158 ASP A C   1 
ATOM   538  O O   . ASP A 1 87  ? 2.617   10.271  5.498   1.00 18.11 ? 158 ASP A O   1 
ATOM   539  C CB  . ASP A 1 87  ? 5.718   10.579  4.665   1.00 18.39 ? 158 ASP A CB  1 
ATOM   540  C CG  . ASP A 1 87  ? 7.002   11.276  5.117   1.00 18.56 ? 158 ASP A CG  1 
ATOM   541  O OD1 . ASP A 1 87  ? 6.960   11.985  6.132   1.00 18.77 ? 158 ASP A OD1 1 
ATOM   542  O OD2 . ASP A 1 87  ? 8.028   11.113  4.443   1.00 16.63 ? 158 ASP A OD2 1 
ATOM   543  N N   . ALA A 1 88  ? 3.468   8.359   4.677   1.00 15.83 ? 159 ALA A N   1 
ATOM   544  C CA  . ALA A 1 88  ? 2.249   7.858   4.115   1.00 14.96 ? 159 ALA A CA  1 
ATOM   545  C C   . ALA A 1 88  ? 2.235   6.344   4.161   1.00 14.19 ? 159 ALA A C   1 
ATOM   546  O O   . ALA A 1 88  ? 3.288   5.712   4.273   1.00 13.69 ? 159 ALA A O   1 
ATOM   547  C CB  . ALA A 1 88  ? 2.066   8.339   2.661   1.00 14.01 ? 159 ALA A CB  1 
ATOM   548  N N   . VAL A 1 89  ? 1.022   5.783   4.081   1.00 14.21 ? 160 VAL A N   1 
ATOM   549  C CA  . VAL A 1 89  ? 0.842   4.317   4.103   1.00 12.84 ? 160 VAL A CA  1 
ATOM   550  C C   . VAL A 1 89  ? -0.026  3.870   2.923   1.00 13.62 ? 160 VAL A C   1 
ATOM   551  O O   . VAL A 1 89  ? -1.119  4.430   2.664   1.00 14.33 ? 160 VAL A O   1 
ATOM   552  C CB  . VAL A 1 89  ? 0.245   3.835   5.441   1.00 12.98 ? 160 VAL A CB  1 
ATOM   553  C CG1 . VAL A 1 89  ? -0.120  2.318   5.409   1.00 9.82  ? 160 VAL A CG1 1 
ATOM   554  C CG2 . VAL A 1 89  ? 1.240   4.110   6.590   1.00 10.10 ? 160 VAL A CG2 1 
ATOM   555  N N   . VAL A 1 90  ? 0.486   2.881   2.190   1.00 12.28 ? 161 VAL A N   1 
ATOM   556  C CA  . VAL A 1 90  ? -0.325  2.105   1.246   1.00 13.65 ? 161 VAL A CA  1 
ATOM   557  C C   . VAL A 1 90  ? -0.851  0.856   1.960   1.00 13.37 ? 161 VAL A C   1 
ATOM   558  O O   . VAL A 1 90  ? -0.076  0.001   2.324   1.00 13.14 ? 161 VAL A O   1 
ATOM   559  C CB  . VAL A 1 90  ? 0.527   1.697   0.026   1.00 13.22 ? 161 VAL A CB  1 
ATOM   560  C CG1 . VAL A 1 90  ? -0.295  0.851   -0.993  1.00 12.54 ? 161 VAL A CG1 1 
ATOM   561  C CG2 . VAL A 1 90  ? 1.158   2.948   -0.629  1.00 15.05 ? 161 VAL A CG2 1 
ATOM   562  N N   . PHE A 1 91  ? -2.160  0.765   2.157   1.00 14.81 ? 162 PHE A N   1 
ATOM   563  C CA  . PHE A 1 91  ? -2.779  -0.433  2.729   1.00 15.18 ? 162 PHE A CA  1 
ATOM   564  C C   . PHE A 1 91  ? -3.137  -1.364  1.605   1.00 15.90 ? 162 PHE A C   1 
ATOM   565  O O   . PHE A 1 91  ? -3.714  -0.921  0.607   1.00 16.64 ? 162 PHE A O   1 
ATOM   566  C CB  . PHE A 1 91  ? -4.048  -0.096  3.544   1.00 15.55 ? 162 PHE A CB  1 
ATOM   567  C CG  . PHE A 1 91  ? -3.766  0.665   4.833   1.00 18.82 ? 162 PHE A CG  1 
ATOM   568  C CD1 . PHE A 1 91  ? -3.518  -0.024  6.025   1.00 22.06 ? 162 PHE A CD1 1 
ATOM   569  C CD2 . PHE A 1 91  ? -3.738  2.050   4.849   1.00 20.43 ? 162 PHE A CD2 1 
ATOM   570  C CE1 . PHE A 1 91  ? -3.224  0.680   7.203   1.00 22.80 ? 162 PHE A CE1 1 
ATOM   571  C CE2 . PHE A 1 91  ? -3.467  2.740   6.027   1.00 24.27 ? 162 PHE A CE2 1 
ATOM   572  C CZ  . PHE A 1 91  ? -3.198  2.031   7.209   1.00 22.35 ? 162 PHE A CZ  1 
ATOM   573  N N   . VAL A 1 92  ? -2.829  -2.667  1.775   1.00 16.01 ? 163 VAL A N   1 
ATOM   574  C CA  . VAL A 1 92  ? -3.046  -3.679  0.711   1.00 15.77 ? 163 VAL A CA  1 
ATOM   575  C C   . VAL A 1 92  ? -3.870  -4.875  1.254   1.00 15.63 ? 163 VAL A C   1 
ATOM   576  O O   . VAL A 1 92  ? -3.554  -5.433  2.302   1.00 14.94 ? 163 VAL A O   1 
ATOM   577  C CB  . VAL A 1 92  ? -1.702  -4.201  0.116   1.00 15.59 ? 163 VAL A CB  1 
ATOM   578  C CG1 . VAL A 1 92  ? -1.911  -5.003  -1.173  1.00 15.84 ? 163 VAL A CG1 1 
ATOM   579  C CG2 . VAL A 1 92  ? -0.688  -3.035  -0.165  1.00 14.85 ? 163 VAL A CG2 1 
ATOM   580  N N   . PHE A 1 93  ? -4.909  -5.260  0.518   1.00 15.67 ? 164 PHE A N   1 
ATOM   581  C CA  . PHE A 1 93  ? -5.580  -6.556  0.705   1.00 15.67 ? 164 PHE A CA  1 
ATOM   582  C C   . PHE A 1 93  ? -5.796  -7.197  -0.655  1.00 16.60 ? 164 PHE A C   1 
ATOM   583  O O   . PHE A 1 93  ? -5.658  -6.541  -1.701  1.00 16.51 ? 164 PHE A O   1 
ATOM   584  C CB  . PHE A 1 93  ? -6.934  -6.399  1.421   1.00 15.09 ? 164 PHE A CB  1 
ATOM   585  C CG  . PHE A 1 93  ? -7.961  -5.658  0.610   1.00 16.84 ? 164 PHE A CG  1 
ATOM   586  C CD1 . PHE A 1 93  ? -8.872  -6.345  -0.203  1.00 18.57 ? 164 PHE A CD1 1 
ATOM   587  C CD2 . PHE A 1 93  ? -7.999  -4.279  0.627   1.00 17.23 ? 164 PHE A CD2 1 
ATOM   588  C CE1 . PHE A 1 93  ? -9.842  -5.684  -0.967  1.00 15.58 ? 164 PHE A CE1 1 
ATOM   589  C CE2 . PHE A 1 93  ? -8.972  -3.572  -0.131  1.00 15.41 ? 164 PHE A CE2 1 
ATOM   590  C CZ  . PHE A 1 93  ? -9.882  -4.264  -0.945  1.00 15.69 ? 164 PHE A CZ  1 
ATOM   591  N N   . SER A 1 94  ? -6.088  -8.500  -0.635  1.00 16.12 ? 165 SER A N   1 
ATOM   592  C CA  . SER A 1 94  ? -6.462  -9.227  -1.822  1.00 16.35 ? 165 SER A CA  1 
ATOM   593  C C   . SER A 1 94  ? -7.968  -9.334  -1.990  1.00 16.37 ? 165 SER A C   1 
ATOM   594  O O   . SER A 1 94  ? -8.703  -9.739  -1.056  1.00 14.82 ? 165 SER A O   1 
ATOM   595  C CB  . SER A 1 94  ? -5.904  -10.638 -1.809  1.00 15.45 ? 165 SER A CB  1 
ATOM   596  O OG  . SER A 1 94  ? -6.359  -11.351 -2.975  1.00 17.18 ? 165 SER A OG  1 
ATOM   597  N N   . LEU A 1 95  ? -8.401  -9.036  -3.217  1.00 16.50 ? 166 LEU A N   1 
ATOM   598  C CA  . LEU A 1 95  ? -9.795  -9.028  -3.578  1.00 16.79 ? 166 LEU A CA  1 
ATOM   599  C C   . LEU A 1 95  ? -10.437 -10.406 -3.446  1.00 17.43 ? 166 LEU A C   1 
ATOM   600  O O   . LEU A 1 95  ? -11.644 -10.506 -3.362  1.00 16.41 ? 166 LEU A O   1 
ATOM   601  C CB  . LEU A 1 95  ? -9.977  -8.506  -5.014  1.00 16.88 ? 166 LEU A CB  1 
ATOM   602  C CG  . LEU A 1 95  ? -9.797  -7.016  -5.249  1.00 17.62 ? 166 LEU A CG  1 
ATOM   603  C CD1 . LEU A 1 95  ? -9.799  -6.721  -6.740  1.00 18.55 ? 166 LEU A CD1 1 
ATOM   604  C CD2 . LEU A 1 95  ? -10.890 -6.150  -4.523  1.00 16.44 ? 166 LEU A CD2 1 
ATOM   605  N N   . GLU A 1 96  ? -9.610  -11.457 -3.463  1.00 18.64 ? 167 GLU A N   1 
ATOM   606  C CA  . GLU A 1 96  ? -10.062 -12.824 -3.230  1.00 18.52 ? 167 GLU A CA  1 
ATOM   607  C C   . GLU A 1 96  ? -9.770  -13.373 -1.818  1.00 19.51 ? 167 GLU A C   1 
ATOM   608  O O   . GLU A 1 96  ? -9.840  -14.592 -1.611  1.00 20.20 ? 167 GLU A O   1 
ATOM   609  C CB  . GLU A 1 96  ? -9.524  -13.780 -4.317  1.00 18.10 ? 167 GLU A CB  1 
ATOM   610  C CG  . GLU A 1 96  ? -7.979  -13.855 -4.496  1.00 18.64 ? 167 GLU A CG  1 
ATOM   611  C CD  . GLU A 1 96  ? -7.230  -14.577 -3.380  1.00 16.30 ? 167 GLU A CD  1 
ATOM   612  O OE1 . GLU A 1 96  ? -6.664  -13.897 -2.498  1.00 15.29 ? 167 GLU A OE1 1 
ATOM   613  O OE2 . GLU A 1 96  ? -7.227  -15.823 -3.341  1.00 20.24 ? 167 GLU A OE2 1 
ATOM   614  N N   . ASP A 1 97  ? -9.512  -12.518 -0.825  1.00 19.09 ? 168 ASP A N   1 
ATOM   615  C CA  . ASP A 1 97  ? -9.249  -13.046 0.520   1.00 17.71 ? 168 ASP A CA  1 
ATOM   616  C C   . ASP A 1 97  ? -9.854  -12.223 1.648   1.00 16.93 ? 168 ASP A C   1 
ATOM   617  O O   . ASP A 1 97  ? -9.444  -11.075 1.921   1.00 15.66 ? 168 ASP A O   1 
ATOM   618  C CB  . ASP A 1 97  ? -7.732  -13.274 0.726   1.00 17.44 ? 168 ASP A CB  1 
ATOM   619  C CG  . ASP A 1 97  ? -7.440  -14.116 1.987   1.00 18.53 ? 168 ASP A CG  1 
ATOM   620  O OD1 . ASP A 1 97  ? -7.553  -15.368 1.951   1.00 16.07 ? 168 ASP A OD1 1 
ATOM   621  O OD2 . ASP A 1 97  ? -7.132  -13.533 3.025   1.00 17.29 ? 168 ASP A OD2 1 
ATOM   622  N N   . GLU A 1 98  ? -10.878 -12.789 2.299   1.00 18.55 ? 169 GLU A N   1 
ATOM   623  C CA  . GLU A 1 98  ? -11.555 -12.075 3.357   1.00 18.33 ? 169 GLU A CA  1 
ATOM   624  C C   . GLU A 1 98  ? -10.594 -11.739 4.504   1.00 18.36 ? 169 GLU A C   1 
ATOM   625  O O   . GLU A 1 98  ? -10.598 -10.614 5.011   1.00 16.92 ? 169 GLU A O   1 
ATOM   626  C CB  . GLU A 1 98  ? -12.817 -12.796 3.853   1.00 19.75 ? 169 GLU A CB  1 
ATOM   627  C CG  . GLU A 1 98  ? -13.508 -12.084 5.027   1.00 21.99 ? 169 GLU A CG  1 
ATOM   628  C CD  . GLU A 1 98  ? -14.366 -10.915 4.634   1.00 23.86 ? 169 GLU A CD  1 
ATOM   629  O OE1 . GLU A 1 98  ? -14.881 -10.934 3.511   1.00 25.47 ? 169 GLU A OE1 1 
ATOM   630  O OE2 . GLU A 1 98  ? -14.543 -9.979  5.467   1.00 24.91 ? 169 GLU A OE2 1 
ATOM   631  N N   . ILE A 1 99  ? -9.733  -12.669 4.898   1.00 17.79 ? 170 ILE A N   1 
ATOM   632  C CA  . ILE A 1 99  ? -8.891  -12.390 6.064   1.00 16.77 ? 170 ILE A CA  1 
ATOM   633  C C   . ILE A 1 99  ? -7.978  -11.186 5.819   1.00 16.38 ? 170 ILE A C   1 
ATOM   634  O O   . ILE A 1 99  ? -7.815  -10.338 6.726   1.00 15.86 ? 170 ILE A O   1 
ATOM   635  C CB  . ILE A 1 99  ? -8.095  -13.636 6.492   1.00 17.25 ? 170 ILE A CB  1 
ATOM   636  C CG1 . ILE A 1 99  ? -9.090  -14.663 7.110   1.00 17.54 ? 170 ILE A CG1 1 
ATOM   637  C CG2 . ILE A 1 99  ? -6.941  -13.250 7.462   1.00 18.87 ? 170 ILE A CG2 1 
ATOM   638  C CD1 . ILE A 1 99  ? -8.626  -16.105 7.127   1.00 13.87 ? 170 ILE A CD1 1 
ATOM   639  N N   . SER A 1 100 ? -7.412  -11.087 4.604   1.00 15.83 ? 171 SER A N   1 
ATOM   640  C CA  . SER A 1 100 ? -6.504  -9.971  4.243   1.00 15.90 ? 171 SER A CA  1 
ATOM   641  C C   . SER A 1 100 ? -7.252  -8.619  4.339   1.00 16.42 ? 171 SER A C   1 
ATOM   642  O O   . SER A 1 100 ? -6.687  -7.597  4.791   1.00 15.15 ? 171 SER A O   1 
ATOM   643  C CB  . SER A 1 100 ? -5.910  -10.149 2.811   1.00 16.05 ? 171 SER A CB  1 
ATOM   644  O OG  . SER A 1 100 ? -6.847  -9.822  1.794   1.00 19.10 ? 171 SER A OG  1 
ATOM   645  N N   . PHE A 1 101 ? -8.516  -8.652  3.912   1.00 16.44 ? 172 PHE A N   1 
ATOM   646  C CA  . PHE A 1 101 ? -9.415  -7.508  3.944   1.00 17.63 ? 172 PHE A CA  1 
ATOM   647  C C   . PHE A 1 101 ? -9.663  -7.020  5.366   1.00 18.82 ? 172 PHE A C   1 
ATOM   648  O O   . PHE A 1 101 ? -9.449  -5.836  5.629   1.00 18.23 ? 172 PHE A O   1 
ATOM   649  C CB  . PHE A 1 101 ? -10.763 -7.844  3.297   1.00 17.91 ? 172 PHE A CB  1 
ATOM   650  C CG  . PHE A 1 101 ? -11.709 -6.677  3.211   1.00 17.13 ? 172 PHE A CG  1 
ATOM   651  C CD1 . PHE A 1 101 ? -11.438 -5.617  2.367   1.00 19.58 ? 172 PHE A CD1 1 
ATOM   652  C CD2 . PHE A 1 101 ? -12.860 -6.620  4.014   1.00 18.13 ? 172 PHE A CD2 1 
ATOM   653  C CE1 . PHE A 1 101 ? -12.319 -4.531  2.290   1.00 19.85 ? 172 PHE A CE1 1 
ATOM   654  C CE2 . PHE A 1 101 ? -13.727 -5.547  3.957   1.00 19.86 ? 172 PHE A CE2 1 
ATOM   655  C CZ  . PHE A 1 101 ? -13.457 -4.494  3.092   1.00 20.21 ? 172 PHE A CZ  1 
ATOM   656  N N   . GLN A 1 102 ? -10.126 -7.918  6.258   1.00 19.40 ? 173 GLN A N   1 
ATOM   657  C CA  A GLN A 1 102 ? -10.310 -7.609  7.694   0.50 19.42 ? 173 GLN A CA  1 
ATOM   658  C CA  B GLN A 1 102 ? -10.322 -7.573  7.680   0.50 19.59 ? 173 GLN A CA  1 
ATOM   659  C C   . GLN A 1 102 ? -9.014  -7.155  8.355   1.00 19.31 ? 173 GLN A C   1 
ATOM   660  O O   . GLN A 1 102 ? -9.016  -6.330  9.278   1.00 18.14 ? 173 GLN A O   1 
ATOM   661  C CB  A GLN A 1 102 ? -10.808 -8.851  8.457   0.50 19.58 ? 173 GLN A CB  1 
ATOM   662  C CB  B GLN A 1 102 ? -10.940 -8.754  8.454   0.50 19.96 ? 173 GLN A CB  1 
ATOM   663  C CG  A GLN A 1 102 ? -12.230 -9.267  8.151   0.50 21.03 ? 173 GLN A CG  1 
ATOM   664  C CG  B GLN A 1 102 ? -12.352 -9.143  8.008   0.50 22.05 ? 173 GLN A CG  1 
ATOM   665  C CD  A GLN A 1 102 ? -12.578 -10.617 8.738   0.50 21.50 ? 173 GLN A CD  1 
ATOM   666  C CD  B GLN A 1 102 ? -13.397 -8.097  8.347   0.50 24.15 ? 173 GLN A CD  1 
ATOM   667  O OE1 A GLN A 1 102 ? -13.302 -10.699 9.723   0.50 22.71 ? 173 GLN A OE1 1 
ATOM   668  O OE1 B GLN A 1 102 ? -13.386 -7.525  9.444   0.50 24.51 ? 173 GLN A OE1 1 
ATOM   669  N NE2 A GLN A 1 102 ? -12.051 -11.685 8.143   0.50 22.30 ? 173 GLN A NE2 1 
ATOM   670  N NE2 B GLN A 1 102 ? -14.322 -7.856  7.419   0.50 24.95 ? 173 GLN A NE2 1 
ATOM   671  N N   . THR A 1 103 ? -7.895  -7.727  7.911   1.00 19.16 ? 174 THR A N   1 
ATOM   672  C CA  . THR A 1 103 ? -6.588  -7.418  8.521   1.00 19.19 ? 174 THR A CA  1 
ATOM   673  C C   . THR A 1 103 ? -6.181  -5.979  8.262   1.00 18.72 ? 174 THR A C   1 
ATOM   674  O O   . THR A 1 103 ? -5.589  -5.359  9.139   1.00 18.00 ? 174 THR A O   1 
ATOM   675  C CB  . THR A 1 103 ? -5.462  -8.374  8.070   1.00 18.89 ? 174 THR A CB  1 
ATOM   676  O OG1 . THR A 1 103 ? -5.715  -9.664  8.595   1.00 20.07 ? 174 THR A OG1 1 
ATOM   677  C CG2 . THR A 1 103 ? -4.129  -7.935  8.600   1.00 20.92 ? 174 THR A CG2 1 
ATOM   678  N N   . VAL A 1 104 ? -6.518  -5.440  7.086   1.00 18.68 ? 175 VAL A N   1 
ATOM   679  C CA  . VAL A 1 104 ? -6.248  -4.026  6.791   1.00 18.26 ? 175 VAL A CA  1 
ATOM   680  C C   . VAL A 1 104 ? -6.857  -3.084  7.793   1.00 17.39 ? 175 VAL A C   1 
ATOM   681  O O   . VAL A 1 104 ? -6.207  -2.138  8.212   1.00 17.57 ? 175 VAL A O   1 
ATOM   682  C CB  . VAL A 1 104 ? -6.693  -3.608  5.367   1.00 18.91 ? 175 VAL A CB  1 
ATOM   683  C CG1 . VAL A 1 104 ? -6.798  -2.022  5.242   1.00 18.58 ? 175 VAL A CG1 1 
ATOM   684  C CG2 . VAL A 1 104 ? -5.700  -4.164  4.366   1.00 18.17 ? 175 VAL A CG2 1 
ATOM   685  N N   . TYR A 1 105 ? -8.111  -3.329  8.166   1.00 18.26 ? 176 TYR A N   1 
ATOM   686  C CA  . TYR A 1 105 ? -8.812  -2.517  9.124   1.00 18.62 ? 176 TYR A CA  1 
ATOM   687  C C   . TYR A 1 105 ? -8.131  -2.584  10.493  1.00 19.01 ? 176 TYR A C   1 
ATOM   688  O O   . TYR A 1 105 ? -7.809  -1.554  11.078  1.00 18.56 ? 176 TYR A O   1 
ATOM   689  C CB  . TYR A 1 105 ? -10.287 -2.935  9.185   1.00 20.44 ? 176 TYR A CB  1 
ATOM   690  C CG  . TYR A 1 105 ? -11.053 -2.098  10.171  1.00 23.74 ? 176 TYR A CG  1 
ATOM   691  C CD1 . TYR A 1 105 ? -11.224 -0.731  9.953   1.00 27.56 ? 176 TYR A CD1 1 
ATOM   692  C CD2 . TYR A 1 105 ? -11.548 -2.654  11.348  1.00 27.71 ? 176 TYR A CD2 1 
ATOM   693  C CE1 . TYR A 1 105 ? -11.887 0.066   10.871  1.00 29.46 ? 176 TYR A CE1 1 
ATOM   694  C CE2 . TYR A 1 105 ? -12.234 -1.863  12.272  1.00 29.02 ? 176 TYR A CE2 1 
ATOM   695  C CZ  . TYR A 1 105 ? -12.400 -0.515  12.025  1.00 31.91 ? 176 TYR A CZ  1 
ATOM   696  O OH  . TYR A 1 105 ? -13.063 0.279   12.945  1.00 36.20 ? 176 TYR A OH  1 
ATOM   697  N N   . ASN A 1 106 ? -7.864  -3.796  10.987  1.00 18.78 ? 177 ASN A N   1 
ATOM   698  C CA  . ASN A 1 106 ? -7.098  -3.995  12.225  1.00 18.73 ? 177 ASN A CA  1 
ATOM   699  C C   . ASN A 1 106 ? -5.765  -3.238  12.210  1.00 17.30 ? 177 ASN A C   1 
ATOM   700  O O   . ASN A 1 106 ? -5.411  -2.526  13.172  1.00 16.23 ? 177 ASN A O   1 
ATOM   701  C CB  . ASN A 1 106 ? -6.838  -5.505  12.445  1.00 19.48 ? 177 ASN A CB  1 
ATOM   702  C CG  . ASN A 1 106 ? -8.093  -6.255  12.866  1.00 26.17 ? 177 ASN A CG  1 
ATOM   703  O OD1 . ASN A 1 106 ? -9.161  -5.647  13.073  1.00 30.94 ? 177 ASN A OD1 1 
ATOM   704  N ND2 . ASN A 1 106 ? -7.973  -7.584  13.022  1.00 32.32 ? 177 ASN A ND2 1 
ATOM   705  N N   . TYR A 1 107 ? -5.033  -3.363  11.106  1.00 15.88 ? 178 TYR A N   1 
ATOM   706  C CA  . TYR A 1 107 ? -3.687  -2.836  11.017  1.00 16.27 ? 178 TYR A CA  1 
ATOM   707  C C   . TYR A 1 107 ? -3.742  -1.294  10.962  1.00 15.63 ? 178 TYR A C   1 
ATOM   708  O O   . TYR A 1 107 ? -2.832  -0.618  11.423  1.00 15.13 ? 178 TYR A O   1 
ATOM   709  C CB  . TYR A 1 107 ? -2.939  -3.379  9.759   1.00 16.63 ? 178 TYR A CB  1 
ATOM   710  C CG  . TYR A 1 107 ? -2.305  -4.759  9.854   1.00 17.48 ? 178 TYR A CG  1 
ATOM   711  C CD1 . TYR A 1 107 ? -2.529  -5.591  10.942  1.00 19.15 ? 178 TYR A CD1 1 
ATOM   712  C CD2 . TYR A 1 107 ? -1.445  -5.205  8.851   1.00 17.51 ? 178 TYR A CD2 1 
ATOM   713  C CE1 . TYR A 1 107 ? -1.959  -6.808  11.035  1.00 21.60 ? 178 TYR A CE1 1 
ATOM   714  C CE2 . TYR A 1 107 ? -0.830  -6.462  8.932   1.00 20.50 ? 178 TYR A CE2 1 
ATOM   715  C CZ  . TYR A 1 107 ? -1.087  -7.247  10.027  1.00 18.83 ? 178 TYR A CZ  1 
ATOM   716  O OH  . TYR A 1 107 ? -0.528  -8.464  10.153  1.00 18.15 ? 178 TYR A OH  1 
ATOM   717  N N   . PHE A 1 108 ? -4.779  -0.771  10.333  1.00 14.58 ? 179 PHE A N   1 
ATOM   718  C CA  . PHE A 1 108 ? -5.097  0.664   10.387  1.00 15.68 ? 179 PHE A CA  1 
ATOM   719  C C   . PHE A 1 108 ? -5.387  1.110   11.802  1.00 16.43 ? 179 PHE A C   1 
ATOM   720  O O   . PHE A 1 108 ? -4.863  2.120   12.243  1.00 17.23 ? 179 PHE A O   1 
ATOM   721  C CB  . PHE A 1 108 ? -6.287  1.015   9.484   1.00 14.67 ? 179 PHE A CB  1 
ATOM   722  C CG  . PHE A 1 108 ? -6.872  2.407   9.731   1.00 17.29 ? 179 PHE A CG  1 
ATOM   723  C CD1 . PHE A 1 108 ? -6.258  3.541   9.227   1.00 17.27 ? 179 PHE A CD1 1 
ATOM   724  C CD2 . PHE A 1 108 ? -8.037  2.561   10.467  1.00 17.20 ? 179 PHE A CD2 1 
ATOM   725  C CE1 . PHE A 1 108 ? -6.770  4.815   9.471   1.00 17.23 ? 179 PHE A CE1 1 
ATOM   726  C CE2 . PHE A 1 108 ? -8.558  3.869   10.733  1.00 21.84 ? 179 PHE A CE2 1 
ATOM   727  C CZ  . PHE A 1 108 ? -7.927  4.973   10.208  1.00 18.71 ? 179 PHE A CZ  1 
ATOM   728  N N   . LEU A 1 109 ? -6.245  0.372   12.517  1.00 17.07 ? 180 LEU A N   1 
ATOM   729  C CA  . LEU A 1 109 ? -6.495  0.743   13.915  1.00 17.96 ? 180 LEU A CA  1 
ATOM   730  C C   . LEU A 1 109 ? -5.194  0.789   14.759  1.00 17.86 ? 180 LEU A C   1 
ATOM   731  O O   . LEU A 1 109 ? -5.066  1.672   15.597  1.00 16.32 ? 180 LEU A O   1 
ATOM   732  C CB  . LEU A 1 109 ? -7.602  -0.070  14.582  1.00 17.78 ? 180 LEU A CB  1 
ATOM   733  C CG  . LEU A 1 109 ? -9.041  0.171   14.057  1.00 18.83 ? 180 LEU A CG  1 
ATOM   734  C CD1 . LEU A 1 109 ? -10.021 -0.845  14.606  1.00 17.25 ? 180 LEU A CD1 1 
ATOM   735  C CD2 . LEU A 1 109 ? -9.541  1.609   14.327  1.00 20.73 ? 180 LEU A CD2 1 
ATOM   736  N N   . ARG A 1 110 ? -4.249  -0.123  14.508  1.00 18.26 ? 181 ARG A N   1 
ATOM   737  C CA  . ARG A 1 110 ? -2.968  -0.171  15.233  1.00 19.20 ? 181 ARG A CA  1 
ATOM   738  C C   . ARG A 1 110 ? -2.058  1.013   14.874  1.00 18.96 ? 181 ARG A C   1 
ATOM   739  O O   . ARG A 1 110 ? -1.407  1.570   15.728  1.00 18.18 ? 181 ARG A O   1 
ATOM   740  C CB  . ARG A 1 110 ? -2.231  -1.493  14.995  1.00 19.27 ? 181 ARG A CB  1 
ATOM   741  C CG  . ARG A 1 110 ? -1.100  -1.813  16.022  1.00 22.40 ? 181 ARG A CG  1 
ATOM   742  N N   . LEU A 1 111 ? -2.012  1.383   13.604  1.00 18.89 ? 182 LEU A N   1 
ATOM   743  C CA  . LEU A 1 111 ? -1.405  2.666   13.191  1.00 19.59 ? 182 LEU A CA  1 
ATOM   744  C C   . LEU A 1 111 ? -1.969  3.840   14.006  1.00 19.62 ? 182 LEU A C   1 
ATOM   745  O O   . LEU A 1 111 ? -1.227  4.650   14.540  1.00 19.91 ? 182 LEU A O   1 
ATOM   746  C CB  . LEU A 1 111 ? -1.706  2.910   11.720  1.00 19.83 ? 182 LEU A CB  1 
ATOM   747  C CG  . LEU A 1 111 ? -1.026  4.128   11.084  1.00 21.65 ? 182 LEU A CG  1 
ATOM   748  C CD1 . LEU A 1 111 ? 0.497   3.911   10.976  1.00 20.26 ? 182 LEU A CD1 1 
ATOM   749  C CD2 . LEU A 1 111 ? -1.648  4.391   9.721   1.00 21.13 ? 182 LEU A CD2 1 
ATOM   750  N N   . CYS A 1 112 ? -3.290  3.916   14.114  1.00 20.37 ? 183 CYS A N   1 
ATOM   751  C CA  . CYS A 1 112 ? -3.925  4.997   14.857  1.00 20.09 ? 183 CYS A CA  1 
ATOM   752  C C   . CYS A 1 112 ? -3.570  5.003   16.354  1.00 20.55 ? 183 CYS A C   1 
ATOM   753  O O   . CYS A 1 112 ? -3.626  6.037   17.004  1.00 19.18 ? 183 CYS A O   1 
ATOM   754  C CB  . CYS A 1 112 ? -5.418  4.985   14.633  1.00 20.48 ? 183 CYS A CB  1 
ATOM   755  S SG  . CYS A 1 112 ? -5.857  5.356   12.893  1.00 20.50 ? 183 CYS A SG  1 
ATOM   756  N N   . SER A 1 113 ? -3.150  3.861   16.885  1.00 21.58 ? 184 SER A N   1 
ATOM   757  C CA  . SER A 1 113 ? -2.589  3.833   18.250  1.00 21.66 ? 184 SER A CA  1 
ATOM   758  C C   . SER A 1 113 ? -1.378  4.705   18.431  1.00 22.45 ? 184 SER A C   1 
ATOM   759  O O   . SER A 1 113 ? -1.095  5.103   19.562  1.00 22.38 ? 184 SER A O   1 
ATOM   760  C CB  . SER A 1 113 ? -2.155  2.419   18.655  1.00 21.78 ? 184 SER A CB  1 
ATOM   761  O OG  . SER A 1 113 ? -3.284  1.623   18.888  1.00 23.38 ? 184 SER A OG  1 
ATOM   762  N N   . PHE A 1 114 ? -0.604  4.899   17.357  1.00 22.84 ? 185 PHE A N   1 
ATOM   763  C CA  . PHE A 1 114 ? 0.702   5.563   17.421  1.00 22.73 ? 185 PHE A CA  1 
ATOM   764  C C   . PHE A 1 114 ? 0.705   6.900   16.704  1.00 22.83 ? 185 PHE A C   1 
ATOM   765  O O   . PHE A 1 114 ? 1.461   7.784   17.097  1.00 23.50 ? 185 PHE A O   1 
ATOM   766  C CB  . PHE A 1 114 ? 1.780   4.667   16.789  1.00 23.70 ? 185 PHE A CB  1 
ATOM   767  C CG  . PHE A 1 114 ? 1.867   3.304   17.409  1.00 23.53 ? 185 PHE A CG  1 
ATOM   768  C CD1 . PHE A 1 114 ? 2.300   3.160   18.717  1.00 23.14 ? 185 PHE A CD1 1 
ATOM   769  C CD2 . PHE A 1 114 ? 1.492   2.168   16.694  1.00 24.21 ? 185 PHE A CD2 1 
ATOM   770  C CE1 . PHE A 1 114 ? 2.370   1.909   19.310  1.00 23.35 ? 185 PHE A CE1 1 
ATOM   771  C CE2 . PHE A 1 114 ? 1.545   0.919   17.276  1.00 26.06 ? 185 PHE A CE2 1 
ATOM   772  C CZ  . PHE A 1 114 ? 1.995   0.786   18.584  1.00 25.62 ? 185 PHE A CZ  1 
ATOM   773  N N   . ARG A 1 115 ? -0.103  7.031   15.647  1.00 21.65 ? 186 ARG A N   1 
ATOM   774  C CA  . ARG A 1 115 ? -0.143  8.220   14.797  1.00 22.10 ? 186 ARG A CA  1 
ATOM   775  C C   . ARG A 1 115 ? -1.521  8.776   14.648  1.00 22.59 ? 186 ARG A C   1 
ATOM   776  O O   . ARG A 1 115 ? -2.503  8.059   14.641  1.00 22.91 ? 186 ARG A O   1 
ATOM   777  C CB  . ARG A 1 115 ? 0.354   7.918   13.369  1.00 21.64 ? 186 ARG A CB  1 
ATOM   778  C CG  . ARG A 1 115 ? 1.858   7.823   13.249  1.00 22.63 ? 186 ARG A CG  1 
ATOM   779  C CD  . ARG A 1 115 ? 2.550   9.136   13.617  1.00 23.64 ? 186 ARG A CD  1 
ATOM   780  N NE  . ARG A 1 115 ? 2.533   10.192  12.607  1.00 22.30 ? 186 ARG A NE  1 
ATOM   781  C CZ  . ARG A 1 115 ? 3.252   10.166  11.478  1.00 20.26 ? 186 ARG A CZ  1 
ATOM   782  N NH1 . ARG A 1 115 ? 3.227   11.197  10.649  1.00 20.32 ? 186 ARG A NH1 1 
ATOM   783  N NH2 . ARG A 1 115 ? 3.958   9.101   11.155  1.00 18.54 ? 186 ARG A NH2 1 
ATOM   784  N N   . ASN A 1 116 ? -1.554  10.074  14.438  1.00 23.72 ? 187 ASN A N   1 
ATOM   785  C CA  . ASN A 1 116 ? -2.737  10.752  13.980  1.00 25.63 ? 187 ASN A CA  1 
ATOM   786  C C   . ASN A 1 116 ? -2.954  10.468  12.500  1.00 26.32 ? 187 ASN A C   1 
ATOM   787  O O   . ASN A 1 116 ? -2.170  10.905  11.690  1.00 26.58 ? 187 ASN A O   1 
ATOM   788  C CB  . ASN A 1 116 ? -2.569  12.249  14.206  1.00 25.88 ? 187 ASN A CB  1 
ATOM   789  C CG  . ASN A 1 116 ? -3.864  12.983  14.149  1.00 27.00 ? 187 ASN A CG  1 
ATOM   790  O OD1 . ASN A 1 116 ? -4.797  12.569  13.479  1.00 31.26 ? 187 ASN A OD1 1 
ATOM   791  N ND2 . ASN A 1 116 ? -3.941  14.093  14.878  1.00 31.96 ? 187 ASN A ND2 1 
ATOM   792  N N   . ALA A 1 117 ? -4.039  9.754   12.172  1.00 27.39 ? 188 ALA A N   1 
ATOM   793  C CA  . ALA A 1 117 ? -4.310  9.313   10.810  1.00 27.82 ? 188 ALA A CA  1 
ATOM   794  C C   . ALA A 1 117 ? -4.516  10.481  9.864   1.00 28.49 ? 188 ALA A C   1 
ATOM   795  O O   . ALA A 1 117 ? -4.163  10.388  8.702   1.00 28.68 ? 188 ALA A O   1 
ATOM   796  C CB  . ALA A 1 117 ? -5.521  8.424   10.762  1.00 27.55 ? 188 ALA A CB  1 
ATOM   797  N N   . SER A 1 118 ? -5.131  11.557  10.365  1.00 28.98 ? 189 SER A N   1 
ATOM   798  C CA  A SER A 1 118 ? -5.348  12.755  9.544   0.50 28.75 ? 189 SER A CA  1 
ATOM   799  C CA  B SER A 1 118 ? -5.347  12.788  9.599   0.50 29.18 ? 189 SER A CA  1 
ATOM   800  C C   . SER A 1 118 ? -4.027  13.394  9.081   1.00 28.34 ? 189 SER A C   1 
ATOM   801  O O   . SER A 1 118 ? -3.994  14.097  8.077   1.00 29.45 ? 189 SER A O   1 
ATOM   802  C CB  A SER A 1 118 ? -6.218  13.782  10.281  0.50 28.75 ? 189 SER A CB  1 
ATOM   803  C CB  B SER A 1 118 ? -6.094  13.809  10.477  0.50 29.19 ? 189 SER A CB  1 
ATOM   804  O OG  A SER A 1 118 ? -5.702  14.062  11.564  0.50 26.86 ? 189 SER A OG  1 
ATOM   805  O OG  B SER A 1 118 ? -7.219  13.211  11.118  0.50 30.13 ? 189 SER A OG  1 
ATOM   806  N N   . GLU A 1 119 ? -2.927  13.126  9.773   1.00 28.52 ? 190 GLU A N   1 
ATOM   807  C CA  . GLU A 1 119 ? -1.620  13.679  9.393   1.00 27.85 ? 190 GLU A CA  1 
ATOM   808  C C   . GLU A 1 119 ? -0.837  12.729  8.447   1.00 25.96 ? 190 GLU A C   1 
ATOM   809  O O   . GLU A 1 119 ? 0.325   12.989  8.120   1.00 24.92 ? 190 GLU A O   1 
ATOM   810  C CB  . GLU A 1 119 ? -0.781  13.986  10.666  1.00 29.09 ? 190 GLU A CB  1 
ATOM   811  C CG  . GLU A 1 119 ? -1.297  15.174  11.508  1.00 31.32 ? 190 GLU A CG  1 
ATOM   812  C CD  . GLU A 1 119 ? -0.679  15.278  12.917  1.00 33.36 ? 190 GLU A CD  1 
ATOM   813  O OE1 . GLU A 1 119 ? 0.025   14.356  13.372  1.00 34.47 ? 190 GLU A OE1 1 
ATOM   814  O OE2 . GLU A 1 119 ? -0.935  16.297  13.593  1.00 35.83 ? 190 GLU A OE2 1 
ATOM   815  N N   . VAL A 1 120 ? -1.460  11.630  8.015   1.00 23.70 ? 191 VAL A N   1 
ATOM   816  C CA  . VAL A 1 120 ? -0.720  10.549  7.296   1.00 21.26 ? 191 VAL A CA  1 
ATOM   817  C C   . VAL A 1 120 ? -1.503  10.211  6.026   1.00 21.04 ? 191 VAL A C   1 
ATOM   818  O O   . VAL A 1 120 ? -2.526  9.557   6.097   1.00 19.76 ? 191 VAL A O   1 
ATOM   819  C CB  . VAL A 1 120 ? -0.566  9.308   8.203   1.00 21.79 ? 191 VAL A CB  1 
ATOM   820  C CG1 . VAL A 1 120 ? 0.106   8.088   7.462   1.00 15.98 ? 191 VAL A CG1 1 
ATOM   821  C CG2 . VAL A 1 120 ? 0.215   9.685   9.506   1.00 19.94 ? 191 VAL A CG2 1 
ATOM   822  N N   . PRO A 1 121 ? -1.081  10.739  4.873   1.00 20.13 ? 192 PRO A N   1 
ATOM   823  C CA  . PRO A 1 121 ? -1.842  10.357  3.686   1.00 19.98 ? 192 PRO A CA  1 
ATOM   824  C C   . PRO A 1 121 ? -1.850  8.829   3.472   1.00 19.73 ? 192 PRO A C   1 
ATOM   825  O O   . PRO A 1 121 ? -0.885  8.151   3.779   1.00 17.54 ? 192 PRO A O   1 
ATOM   826  C CB  . PRO A 1 121 ? -1.109  11.071  2.551   1.00 20.42 ? 192 PRO A CB  1 
ATOM   827  C CG  . PRO A 1 121 ? -0.372  12.196  3.218   1.00 19.31 ? 192 PRO A CG  1 
ATOM   828  C CD  . PRO A 1 121 ? -0.021  11.715  4.571   1.00 19.75 ? 192 PRO A CD  1 
ATOM   829  N N   . MET A 1 122 ? -2.950  8.325   2.924   1.00 19.31 ? 193 MET A N   1 
ATOM   830  C CA  A MET A 1 122 ? -3.172  6.893   2.781   0.50 19.47 ? 193 MET A CA  1 
ATOM   831  C CA  B MET A 1 122 ? -3.158  6.891   2.767   0.50 19.41 ? 193 MET A CA  1 
ATOM   832  C C   . MET A 1 122 ? -3.773  6.555   1.424   1.00 18.96 ? 193 MET A C   1 
ATOM   833  O O   . MET A 1 122 ? -4.456  7.371   0.825   1.00 19.71 ? 193 MET A O   1 
ATOM   834  C CB  A MET A 1 122 ? -4.154  6.430   3.863   0.50 19.84 ? 193 MET A CB  1 
ATOM   835  C CB  B MET A 1 122 ? -4.102  6.389   3.860   0.50 19.77 ? 193 MET A CB  1 
ATOM   836  C CG  A MET A 1 122 ? -3.600  6.369   5.255   0.50 20.89 ? 193 MET A CG  1 
ATOM   837  C CG  B MET A 1 122 ? -3.687  6.790   5.226   0.50 20.52 ? 193 MET A CG  1 
ATOM   838  S SD  A MET A 1 122 ? -4.948  6.244   6.450   0.50 21.59 ? 193 MET A SD  1 
ATOM   839  S SD  B MET A 1 122 ? -4.617  6.000   6.536   0.50 21.09 ? 193 MET A SD  1 
ATOM   840  C CE  A MET A 1 122 ? -5.238  7.990   6.780   0.50 18.39 ? 193 MET A CE  1 
ATOM   841  C CE  B MET A 1 122 ? -3.325  6.070   7.787   0.50 17.94 ? 193 MET A CE  1 
ATOM   842  N N   . VAL A 1 123 ? -3.507  5.351   0.934   1.00 18.56 ? 194 VAL A N   1 
ATOM   843  C CA  . VAL A 1 123 ? -4.141  4.854   -0.276  1.00 18.48 ? 194 VAL A CA  1 
ATOM   844  C C   . VAL A 1 123 ? -4.510  3.387   0.058   1.00 17.55 ? 194 VAL A C   1 
ATOM   845  O O   . VAL A 1 123 ? -3.785  2.725   0.824   1.00 18.98 ? 194 VAL A O   1 
ATOM   846  C CB  . VAL A 1 123 ? -3.206  4.954   -1.514  1.00 19.18 ? 194 VAL A CB  1 
ATOM   847  C CG1 . VAL A 1 123 ? -3.812  4.217   -2.719  1.00 22.06 ? 194 VAL A CG1 1 
ATOM   848  C CG2 . VAL A 1 123 ? -2.947  6.443   -1.906  1.00 20.18 ? 194 VAL A CG2 1 
ATOM   849  N N   . LEU A 1 124 ? -5.645  2.920   -0.459  1.00 14.87 ? 195 LEU A N   1 
ATOM   850  C CA  . LEU A 1 124 ? -6.103  1.592   -0.229  1.00 13.91 ? 195 LEU A CA  1 
ATOM   851  C C   . LEU A 1 124 ? -6.012  0.882   -1.552  1.00 13.40 ? 195 LEU A C   1 
ATOM   852  O O   . LEU A 1 124 ? -6.454  1.418   -2.581  1.00 12.45 ? 195 LEU A O   1 
ATOM   853  C CB  . LEU A 1 124 ? -7.528  1.574   0.305   1.00 13.36 ? 195 LEU A CB  1 
ATOM   854  C CG  . LEU A 1 124 ? -8.138  0.188   0.602   1.00 13.28 ? 195 LEU A CG  1 
ATOM   855  C CD1 . LEU A 1 124 ? -7.418  -0.536  1.776   1.00 14.25 ? 195 LEU A CD1 1 
ATOM   856  C CD2 . LEU A 1 124 ? -9.686  0.304   0.887   1.00 10.79 ? 195 LEU A CD2 1 
ATOM   857  N N   . VAL A 1 125 ? -5.476  -0.338  -1.509  1.00 15.59 ? 196 VAL A N   1 
ATOM   858  C CA  . VAL A 1 125 ? -5.279  -1.181  -2.680  1.00 14.81 ? 196 VAL A CA  1 
ATOM   859  C C   . VAL A 1 125 ? -5.837  -2.602  -2.523  1.00 15.96 ? 196 VAL A C   1 
ATOM   860  O O   . VAL A 1 125 ? -5.417  -3.406  -1.639  1.00 14.25 ? 196 VAL A O   1 
ATOM   861  C CB  . VAL A 1 125 ? -3.796  -1.283  -3.038  1.00 15.29 ? 196 VAL A CB  1 
ATOM   862  C CG1 . VAL A 1 125 ? -3.593  -2.210  -4.219  1.00 14.60 ? 196 VAL A CG1 1 
ATOM   863  C CG2 . VAL A 1 125 ? -3.208  0.136   -3.252  1.00 16.95 ? 196 VAL A CG2 1 
ATOM   864  N N   . GLY A 1 126 ? -6.766  -2.902  -3.426  1.00 14.80 ? 197 GLY A N   1 
ATOM   865  C CA  . GLY A 1 126 ? -7.339  -4.228  -3.576  1.00 17.20 ? 197 GLY A CA  1 
ATOM   866  C C   . GLY A 1 126 ? -6.657  -4.916  -4.722  1.00 16.99 ? 197 GLY A C   1 
ATOM   867  O O   . GLY A 1 126 ? -6.822  -4.517  -5.873  1.00 16.58 ? 197 GLY A O   1 
ATOM   868  N N   . THR A 1 127 ? -5.872  -5.961  -4.438  1.00 18.51 ? 198 THR A N   1 
ATOM   869  C CA  . THR A 1 127 ? -5.147  -6.607  -5.540  1.00 18.88 ? 198 THR A CA  1 
ATOM   870  C C   . THR A 1 127 ? -5.999  -7.695  -6.232  1.00 20.48 ? 198 THR A C   1 
ATOM   871  O O   . THR A 1 127 ? -6.796  -8.393  -5.590  1.00 19.86 ? 198 THR A O   1 
ATOM   872  C CB  . THR A 1 127 ? -3.764  -7.167  -5.131  1.00 19.23 ? 198 THR A CB  1 
ATOM   873  O OG1 . THR A 1 127 ? -3.912  -8.305  -4.268  1.00 19.79 ? 198 THR A OG1 1 
ATOM   874  C CG2 . THR A 1 127 ? -2.940  -6.073  -4.443  1.00 18.78 ? 198 THR A CG2 1 
ATOM   875  N N   . GLN A 1 128 ? -5.805  -7.794  -7.552  1.00 20.39 ? 199 GLN A N   1 
ATOM   876  C CA  . GLN A 1 128 ? -6.546  -8.699  -8.438  1.00 20.08 ? 199 GLN A CA  1 
ATOM   877  C C   . GLN A 1 128 ? -5.743  -9.955  -8.737  1.00 21.15 ? 199 GLN A C   1 
ATOM   878  O O   . GLN A 1 128 ? -6.274  -10.901 -9.291  1.00 20.30 ? 199 GLN A O   1 
ATOM   879  C CB  . GLN A 1 128 ? -6.783  -8.025  -9.801  1.00 19.02 ? 199 GLN A CB  1 
ATOM   880  C CG  . GLN A 1 128 ? -7.749  -6.864  -9.842  1.00 18.78 ? 199 GLN A CG  1 
ATOM   881  C CD  . GLN A 1 128 ? -7.902  -6.282  -11.252 1.00 18.78 ? 199 GLN A CD  1 
ATOM   882  O OE1 . GLN A 1 128 ? -7.202  -6.695  -12.191 1.00 21.43 ? 199 GLN A OE1 1 
ATOM   883  N NE2 . GLN A 1 128 ? -8.810  -5.327  -11.403 1.00 21.15 ? 199 GLN A NE2 1 
ATOM   884  N N   . ASP A 1 129 ? -4.462  -9.920  -8.393  1.00 22.45 ? 200 ASP A N   1 
ATOM   885  C CA  . ASP A 1 129 ? -3.459  -10.879 -8.840  1.00 23.80 ? 200 ASP A CA  1 
ATOM   886  C C   . ASP A 1 129 ? -3.899  -12.347 -8.770  1.00 23.87 ? 200 ASP A C   1 
ATOM   887  O O   . ASP A 1 129 ? -3.688  -13.109 -9.734  1.00 23.70 ? 200 ASP A O   1 
ATOM   888  C CB  . ASP A 1 129 ? -2.184  -10.771 -7.987  1.00 23.82 ? 200 ASP A CB  1 
ATOM   889  C CG  . ASP A 1 129 ? -1.541  -9.402  -8.022  1.00 25.18 ? 200 ASP A CG  1 
ATOM   890  O OD1 . ASP A 1 129 ? -2.145  -8.445  -8.537  1.00 23.68 ? 200 ASP A OD1 1 
ATOM   891  O OD2 . ASP A 1 129 ? -0.392  -9.318  -7.540  1.00 25.39 ? 200 ASP A OD2 1 
ATOM   892  N N   . ALA A 1 130 ? -4.441  -12.744 -7.622  1.00 23.19 ? 201 ALA A N   1 
ATOM   893  C CA  . ALA A 1 130 ? -4.701  -14.173 -7.337  1.00 24.38 ? 201 ALA A CA  1 
ATOM   894  C C   . ALA A 1 130 ? -6.088  -14.639 -7.782  1.00 24.83 ? 201 ALA A C   1 
ATOM   895  O O   . ALA A 1 130 ? -6.426  -15.794 -7.645  1.00 25.49 ? 201 ALA A O   1 
ATOM   896  C CB  . ALA A 1 130 ? -4.481  -14.467 -5.846  1.00 23.14 ? 201 ALA A CB  1 
ATOM   897  N N   . ILE A 1 131 ? -6.889  -13.736 -8.327  1.00 25.67 ? 202 ILE A N   1 
ATOM   898  C CA  . ILE A 1 131 ? -8.188  -14.100 -8.871  1.00 26.22 ? 202 ILE A CA  1 
ATOM   899  C C   . ILE A 1 131 ? -8.001  -15.094 -10.057 1.00 27.06 ? 202 ILE A C   1 
ATOM   900  O O   . ILE A 1 131 ? -7.041  -14.999 -10.839 1.00 27.43 ? 202 ILE A O   1 
ATOM   901  C CB  . ILE A 1 131 ? -8.968  -12.837 -9.326  1.00 25.75 ? 202 ILE A CB  1 
ATOM   902  C CG1 . ILE A 1 131 ? -9.336  -11.973 -8.127  1.00 26.02 ? 202 ILE A CG1 1 
ATOM   903  C CG2 . ILE A 1 131 ? -10.271 -13.174 -10.103 1.00 26.43 ? 202 ILE A CG2 1 
ATOM   904  C CD1 . ILE A 1 131 ? -9.831  -10.578 -8.530  1.00 21.78 ? 202 ILE A CD1 1 
ATOM   905  N N   . SER A 1 132 ? -8.905  -16.065 -10.154 1.00 27.56 ? 203 SER A N   1 
ATOM   906  C CA  . SER A 1 132 ? -8.935  -16.970 -11.309 1.00 28.51 ? 203 SER A CA  1 
ATOM   907  C C   . SER A 1 132 ? -10.340 -17.525 -11.417 1.00 28.97 ? 203 SER A C   1 
ATOM   908  O O   . SER A 1 132 ? -11.172 -17.308 -10.527 1.00 29.13 ? 203 SER A O   1 
ATOM   909  C CB  . SER A 1 132 ? -7.953  -18.138 -11.148 1.00 28.37 ? 203 SER A CB  1 
ATOM   910  O OG  . SER A 1 132 ? -8.481  -19.095 -10.250 1.00 27.60 ? 203 SER A OG  1 
ATOM   911  N N   . ALA A 1 133 ? -10.589 -18.269 -12.491 1.00 29.81 ? 204 ALA A N   1 
ATOM   912  C CA  . ALA A 1 133 ? -11.903 -18.908 -12.721 1.00 30.09 ? 204 ALA A CA  1 
ATOM   913  C C   . ALA A 1 133 ? -12.357 -19.725 -11.507 1.00 30.45 ? 204 ALA A C   1 
ATOM   914  O O   . ALA A 1 133 ? -13.526 -19.701 -11.125 1.00 31.53 ? 204 ALA A O   1 
ATOM   915  C CB  . ALA A 1 133 ? -11.844 -19.833 -13.981 1.00 29.69 ? 204 ALA A CB  1 
ATOM   916  N N   . ALA A 1 134 ? -11.431 -20.479 -10.929 1.00 30.37 ? 205 ALA A N   1 
ATOM   917  C CA  . ALA A 1 134 ? -11.773 -21.393 -9.851  1.00 30.36 ? 205 ALA A CA  1 
ATOM   918  C C   . ALA A 1 134 ? -11.622 -20.720 -8.492  1.00 29.56 ? 205 ALA A C   1 
ATOM   919  O O   . ALA A 1 134 ? -12.047 -21.270 -7.482  1.00 29.17 ? 205 ALA A O   1 
ATOM   920  C CB  . ALA A 1 134 ? -10.902 -22.658 -9.930  1.00 30.24 ? 205 ALA A CB  1 
ATOM   921  N N   . ASN A 1 135 ? -11.014 -19.537 -8.485  1.00 29.19 ? 206 ASN A N   1 
ATOM   922  C CA  . ASN A 1 135 ? -10.775 -18.762 -7.254  1.00 28.05 ? 206 ASN A CA  1 
ATOM   923  C C   . ASN A 1 135 ? -11.190 -17.295 -7.444  1.00 28.09 ? 206 ASN A C   1 
ATOM   924  O O   . ASN A 1 135 ? -10.314 -16.403 -7.570  1.00 26.79 ? 206 ASN A O   1 
ATOM   925  C CB  . ASN A 1 135 ? -9.295  -18.833 -6.891  1.00 27.73 ? 206 ASN A CB  1 
ATOM   926  C CG  . ASN A 1 135 ? -8.989  -18.126 -5.589  1.00 24.97 ? 206 ASN A CG  1 
ATOM   927  O OD1 . ASN A 1 135 ? -9.646  -18.366 -4.593  1.00 22.25 ? 206 ASN A OD1 1 
ATOM   928  N ND2 . ASN A 1 135 ? -8.006  -17.248 -5.602  1.00 26.87 ? 206 ASN A ND2 1 
ATOM   929  N N   . PRO A 1 136 ? -12.515 -17.040 -7.478  1.00 28.38 ? 207 PRO A N   1 
ATOM   930  C CA  . PRO A 1 136 ? -13.068 -15.737 -7.846  1.00 28.87 ? 207 PRO A CA  1 
ATOM   931  C C   . PRO A 1 136 ? -12.981 -14.700 -6.722  1.00 29.00 ? 207 PRO A C   1 
ATOM   932  O O   . PRO A 1 136 ? -12.633 -15.035 -5.575  1.00 28.28 ? 207 PRO A O   1 
ATOM   933  C CB  . PRO A 1 136 ? -14.533 -16.060 -8.150  1.00 29.34 ? 207 PRO A CB  1 
ATOM   934  C CG  . PRO A 1 136 ? -14.849 -17.172 -7.214  1.00 29.38 ? 207 PRO A CG  1 
ATOM   935  C CD  . PRO A 1 136 ? -13.582 -17.969 -7.058  1.00 28.32 ? 207 PRO A CD  1 
ATOM   936  N N   . ARG A 1 137 ? -13.314 -13.454 -7.071  1.00 28.09 ? 208 ARG A N   1 
ATOM   937  C CA  . ARG A 1 137 ? -13.257 -12.335 -6.162  1.00 27.33 ? 208 ARG A CA  1 
ATOM   938  C C   . ARG A 1 137 ? -14.260 -12.552 -5.045  1.00 26.48 ? 208 ARG A C   1 
ATOM   939  O O   . ARG A 1 137 ? -15.377 -12.962 -5.308  1.00 24.39 ? 208 ARG A O   1 
ATOM   940  C CB  . ARG A 1 137 ? -13.634 -11.013 -6.882  1.00 27.95 ? 208 ARG A CB  1 
ATOM   941  C CG  . ARG A 1 137 ? -13.942 -9.871  -5.917  1.00 29.48 ? 208 ARG A CG  1 
ATOM   942  C CD  . ARG A 1 137 ? -14.857 -8.777  -6.469  1.00 32.09 ? 208 ARG A CD  1 
ATOM   943  N NE  . ARG A 1 137 ? -14.156 -7.896  -7.378  1.00 32.02 ? 208 ARG A NE  1 
ATOM   944  C CZ  . ARG A 1 137 ? -13.903 -6.599  -7.200  1.00 29.00 ? 208 ARG A CZ  1 
ATOM   945  N NH1 . ARG A 1 137 ? -14.283 -5.916  -6.114  1.00 29.39 ? 208 ARG A NH1 1 
ATOM   946  N NH2 . ARG A 1 137 ? -13.251 -5.974  -8.156  1.00 28.28 ? 208 ARG A NH2 1 
ATOM   947  N N   . VAL A 1 138 ? -13.889 -12.188 -3.816  1.00 25.65 ? 209 VAL A N   1 
ATOM   948  C CA  . VAL A 1 138 ? -14.782 -12.353 -2.678  1.00 24.92 ? 209 VAL A CA  1 
ATOM   949  C C   . VAL A 1 138 ? -15.236 -11.026 -2.072  1.00 24.20 ? 209 VAL A C   1 
ATOM   950  O O   . VAL A 1 138 ? -16.235 -10.978 -1.345  1.00 23.30 ? 209 VAL A O   1 
ATOM   951  C CB  . VAL A 1 138 ? -14.119 -13.245 -1.584  1.00 25.59 ? 209 VAL A CB  1 
ATOM   952  C CG1 . VAL A 1 138 ? -13.482 -14.451 -2.221  1.00 26.39 ? 209 VAL A CG1 1 
ATOM   953  C CG2 . VAL A 1 138 ? -13.063 -12.483 -0.817  1.00 26.70 ? 209 VAL A CG2 1 
ATOM   954  N N   . ILE A 1 139 ? -14.496 -9.957  -2.344  1.00 23.42 ? 210 ILE A N   1 
ATOM   955  C CA  A ILE A 1 139 ? -14.730 -8.683  -1.682  0.50 23.28 ? 210 ILE A CA  1 
ATOM   956  C CA  B ILE A 1 139 ? -14.712 -8.677  -1.682  0.50 22.98 ? 210 ILE A CA  1 
ATOM   957  C C   . ILE A 1 139 ? -15.451 -7.748  -2.640  1.00 22.94 ? 210 ILE A C   1 
ATOM   958  O O   . ILE A 1 139 ? -14.900 -7.353  -3.652  1.00 21.71 ? 210 ILE A O   1 
ATOM   959  C CB  A ILE A 1 139 ? -13.401 -8.033  -1.233  0.50 23.50 ? 210 ILE A CB  1 
ATOM   960  C CB  B ILE A 1 139 ? -13.357 -8.013  -1.268  0.50 22.89 ? 210 ILE A CB  1 
ATOM   961  C CG1 A ILE A 1 139 ? -12.619 -8.996  -0.336  0.50 24.03 ? 210 ILE A CG1 1 
ATOM   962  C CG1 B ILE A 1 139 ? -12.585 -8.902  -0.281  0.50 22.40 ? 210 ILE A CG1 1 
ATOM   963  C CG2 A ILE A 1 139 ? -13.663 -6.749  -0.474  0.50 22.39 ? 210 ILE A CG2 1 
ATOM   964  C CG2 B ILE A 1 139 ? -13.593 -6.671  -0.614  0.50 21.89 ? 210 ILE A CG2 1 
ATOM   965  C CD1 A ILE A 1 139 ? -11.342 -8.433  0.141   0.50 23.17 ? 210 ILE A CD1 1 
ATOM   966  C CD1 B ILE A 1 139 ? -13.342 -9.181  1.005   0.50 17.87 ? 210 ILE A CD1 1 
ATOM   967  N N   . ASP A 1 140 ? -16.693 -7.409  -2.313  1.00 23.87 ? 211 ASP A N   1 
ATOM   968  C CA  . ASP A 1 140 ? -17.492 -6.486  -3.129  1.00 24.77 ? 211 ASP A CA  1 
ATOM   969  C C   . ASP A 1 140 ? -16.851 -5.111  -3.128  1.00 24.98 ? 211 ASP A C   1 
ATOM   970  O O   . ASP A 1 140 ? -16.343 -4.663  -2.097  1.00 24.91 ? 211 ASP A O   1 
ATOM   971  C CB  . ASP A 1 140 ? -18.896 -6.284  -2.550  1.00 25.28 ? 211 ASP A CB  1 
ATOM   972  C CG  . ASP A 1 140 ? -19.688 -7.544  -2.481  1.00 28.50 ? 211 ASP A CG  1 
ATOM   973  O OD1 . ASP A 1 140 ? -19.391 -8.461  -3.282  1.00 32.55 ? 211 ASP A OD1 1 
ATOM   974  O OD2 . ASP A 1 140 ? -20.601 -7.611  -1.627  1.00 32.20 ? 211 ASP A OD2 1 
ATOM   975  N N   . ASP A 1 141 ? -16.912 -4.435  -4.271  1.00 25.04 ? 212 ASP A N   1 
ATOM   976  C CA  . ASP A 1 141 ? -16.392 -3.052  -4.407  1.00 24.77 ? 212 ASP A CA  1 
ATOM   977  C C   . ASP A 1 141 ? -17.031 -2.120  -3.370  1.00 24.90 ? 212 ASP A C   1 
ATOM   978  O O   . ASP A 1 141 ? -16.350 -1.270  -2.789  1.00 23.17 ? 212 ASP A O   1 
ATOM   979  C CB  . ASP A 1 141 ? -16.611 -2.547  -5.843  1.00 25.51 ? 212 ASP A CB  1 
ATOM   980  C CG  . ASP A 1 141 ? -16.192 -1.083  -6.044  1.00 24.94 ? 212 ASP A CG  1 
ATOM   981  O OD1 . ASP A 1 141 ? -15.008 -0.814  -6.387  1.00 24.69 ? 212 ASP A OD1 1 
ATOM   982  O OD2 . ASP A 1 141 ? -17.060 -0.210  -5.885  1.00 23.09 ? 212 ASP A OD2 1 
ATOM   983  N N   . SER A 1 142 ? -18.329 -2.296  -3.098  1.00 24.86 ? 213 SER A N   1 
ATOM   984  C CA  . SER A 1 142 ? -18.975 -1.453  -2.093  1.00 25.25 ? 213 SER A CA  1 
ATOM   985  C C   . SER A 1 142 ? -18.303 -1.543  -0.720  1.00 24.84 ? 213 SER A C   1 
ATOM   986  O O   . SER A 1 142 ? -18.150 -0.525  -0.026  1.00 25.04 ? 213 SER A O   1 
ATOM   987  C CB  . SER A 1 142 ? -20.497 -1.720  -1.992  1.00 25.27 ? 213 SER A CB  1 
ATOM   988  O OG  . SER A 1 142 ? -20.791 -3.058  -1.616  1.00 26.13 ? 213 SER A OG  1 
ATOM   989  N N   . ARG A 1 143 ? -17.912 -2.752  -0.322  1.00 24.50 ? 214 ARG A N   1 
ATOM   990  C CA  . ARG A 1 143 ? -17.237 -2.980  0.959   1.00 23.82 ? 214 ARG A CA  1 
ATOM   991  C C   . ARG A 1 143 ? -15.833 -2.394  0.937   1.00 22.82 ? 214 ARG A C   1 
ATOM   992  O O   . ARG A 1 143 ? -15.368 -1.863  1.933   1.00 22.55 ? 214 ARG A O   1 
ATOM   993  C CB  . ARG A 1 143 ? -17.129 -4.475  1.259   1.00 24.91 ? 214 ARG A CB  1 
ATOM   994  C CG  . ARG A 1 143 ? -18.447 -5.236  1.351   1.00 27.14 ? 214 ARG A CG  1 
ATOM   995  C CD  . ARG A 1 143 ? -18.185 -6.753  1.545   1.00 29.91 ? 214 ARG A CD  1 
ATOM   996  N NE  . ARG A 1 143 ? -17.587 -7.016  2.848   1.00 29.85 ? 214 ARG A NE  1 
ATOM   997  C CZ  . ARG A 1 143 ? -16.783 -8.037  3.147   1.00 26.73 ? 214 ARG A CZ  1 
ATOM   998  N NH1 . ARG A 1 143 ? -16.434 -8.940  2.236   1.00 26.05 ? 214 ARG A NH1 1 
ATOM   999  N NH2 . ARG A 1 143 ? -16.324 -8.138  4.388   1.00 26.89 ? 214 ARG A NH2 1 
ATOM   1000 N N   . ALA A 1 144 ? -15.144 -2.520  -0.195  1.00 22.14 ? 215 ALA A N   1 
ATOM   1001 C CA  . ALA A 1 144 ? -13.822 -1.907  -0.332  1.00 21.44 ? 215 ALA A CA  1 
ATOM   1002 C C   . ALA A 1 144 ? -13.966 -0.413  -0.088  1.00 21.21 ? 215 ALA A C   1 
ATOM   1003 O O   . ALA A 1 144 ? -13.188 0.186   0.637   1.00 20.71 ? 215 ALA A O   1 
ATOM   1004 C CB  . ALA A 1 144 ? -13.269 -2.148  -1.655  1.00 20.96 ? 215 ALA A CB  1 
ATOM   1005 N N   . ARG A 1 145 ? -14.959 0.190   -0.726  1.00 22.26 ? 216 ARG A N   1 
ATOM   1006 C CA  . ARG A 1 145 ? -15.170 1.658   -0.602  1.00 21.90 ? 216 ARG A CA  1 
ATOM   1007 C C   . ARG A 1 145 ? -15.555 2.098   0.798   1.00 22.79 ? 216 ARG A C   1 
ATOM   1008 O O   . ARG A 1 145 ? -15.153 3.186   1.255   1.00 22.42 ? 216 ARG A O   1 
ATOM   1009 C CB  . ARG A 1 145 ? -16.222 2.110   -1.611  1.00 21.54 ? 216 ARG A CB  1 
ATOM   1010 C CG  . ARG A 1 145 ? -15.665 1.997   -3.005  1.00 22.10 ? 216 ARG A CG  1 
ATOM   1011 C CD  . ARG A 1 145 ? -16.401 2.702   -4.110  1.00 23.36 ? 216 ARG A CD  1 
ATOM   1012 N NE  . ARG A 1 145 ? -15.815 2.117   -5.296  1.00 23.95 ? 216 ARG A NE  1 
ATOM   1013 C CZ  . ARG A 1 145 ? -14.653 2.472   -5.844  1.00 21.95 ? 216 ARG A CZ  1 
ATOM   1014 N NH1 . ARG A 1 145 ? -14.022 3.561   -5.471  1.00 21.17 ? 216 ARG A NH1 1 
ATOM   1015 N NH2 . ARG A 1 145 ? -14.177 1.765   -6.863  1.00 21.02 ? 216 ARG A NH2 1 
ATOM   1016 N N   . LYS A 1 146 ? -16.377 1.280   1.466   1.00 22.96 ? 217 LYS A N   1 
ATOM   1017 C CA  . LYS A 1 146 ? -16.743 1.548   2.864   1.00 24.17 ? 217 LYS A CA  1 
ATOM   1018 C C   . LYS A 1 146 ? -15.459 1.523   3.707   1.00 23.55 ? 217 LYS A C   1 
ATOM   1019 O O   . LYS A 1 146 ? -15.207 2.411   4.532   1.00 24.07 ? 217 LYS A O   1 
ATOM   1020 C CB  . LYS A 1 146 ? -17.745 0.503   3.365   1.00 24.68 ? 217 LYS A CB  1 
ATOM   1021 C CG  . LYS A 1 146 ? -18.418 0.841   4.698   1.00 28.67 ? 217 LYS A CG  1 
ATOM   1022 C CD  . LYS A 1 146 ? -19.538 -0.194  5.065   1.00 30.43 ? 217 LYS A CD  1 
ATOM   1023 C CE  . LYS A 1 146 ? -19.544 -0.494  6.568   1.00 33.23 ? 217 LYS A CE  1 
ATOM   1024 N NZ  . LYS A 1 146 ? -20.711 -1.356  6.984   1.00 34.74 ? 217 LYS A NZ  1 
ATOM   1025 N N   . LEU A 1 147 ? -14.629 0.525   3.467   1.00 22.97 ? 218 LEU A N   1 
ATOM   1026 C CA  . LEU A 1 147 ? -13.325 0.495   4.140   1.00 22.15 ? 218 LEU A CA  1 
ATOM   1027 C C   . LEU A 1 147 ? -12.496 1.743   3.849   1.00 22.18 ? 218 LEU A C   1 
ATOM   1028 O O   . LEU A 1 147 ? -11.820 2.264   4.737   1.00 21.51 ? 218 LEU A O   1 
ATOM   1029 C CB  . LEU A 1 147 ? -12.521 -0.749  3.767   1.00 21.62 ? 218 LEU A CB  1 
ATOM   1030 C CG  . LEU A 1 147 ? -11.103 -0.879  4.395   1.00 19.55 ? 218 LEU A CG  1 
ATOM   1031 C CD1 . LEU A 1 147 ? -11.201 -0.802  5.900   1.00 17.71 ? 218 LEU A CD1 1 
ATOM   1032 C CD2 . LEU A 1 147 ? -10.422 -2.184  3.966   1.00 16.53 ? 218 LEU A CD2 1 
ATOM   1033 N N   . SER A 1 148 ? -12.525 2.221   2.612   1.00 21.67 ? 219 SER A N   1 
ATOM   1034 C CA  . SER A 1 148 ? -11.782 3.439   2.321   1.00 22.24 ? 219 SER A CA  1 
ATOM   1035 C C   . SER A 1 148 ? -12.249 4.622   3.190   1.00 22.57 ? 219 SER A C   1 
ATOM   1036 O O   . SER A 1 148 ? -11.439 5.439   3.613   1.00 21.41 ? 219 SER A O   1 
ATOM   1037 C CB  . SER A 1 148 ? -11.794 3.763   0.820   1.00 22.77 ? 219 SER A CB  1 
ATOM   1038 O OG  . SER A 1 148 ? -12.993 4.410   0.401   1.00 22.59 ? 219 SER A OG  1 
ATOM   1039 N N   . THR A 1 149 ? -13.544 4.700   3.479   1.00 23.91 ? 220 THR A N   1 
ATOM   1040 C CA  . THR A 1 149 ? -14.078 5.825   4.230   1.00 25.21 ? 220 THR A CA  1 
ATOM   1041 C C   . THR A 1 149 ? -13.717 5.708   5.703   1.00 26.17 ? 220 THR A C   1 
ATOM   1042 O O   . THR A 1 149 ? -13.491 6.724   6.353   1.00 26.11 ? 220 THR A O   1 
ATOM   1043 C CB  . THR A 1 149 ? -15.609 6.011   4.076   1.00 25.99 ? 220 THR A CB  1 
ATOM   1044 O OG1 . THR A 1 149 ? -16.296 4.958   4.767   1.00 27.62 ? 220 THR A OG1 1 
ATOM   1045 C CG2 . THR A 1 149 ? -16.012 6.027   2.577   1.00 22.50 ? 220 THR A CG2 1 
ATOM   1046 N N   . ASP A 1 150 ? -13.629 4.478   6.218   1.00 26.89 ? 221 ASP A N   1 
ATOM   1047 C CA  . ASP A 1 150 ? -13.050 4.253   7.558   1.00 27.28 ? 221 ASP A CA  1 
ATOM   1048 C C   . ASP A 1 150 ? -11.595 4.724   7.631   1.00 26.97 ? 221 ASP A C   1 
ATOM   1049 O O   . ASP A 1 150 ? -11.196 5.275   8.645   1.00 26.73 ? 221 ASP A O   1 
ATOM   1050 C CB  . ASP A 1 150 ? -13.127 2.775   7.986   1.00 27.69 ? 221 ASP A CB  1 
ATOM   1051 C CG  . ASP A 1 150 ? -14.558 2.246   8.089   1.00 28.86 ? 221 ASP A CG  1 
ATOM   1052 O OD1 . ASP A 1 150 ? -15.459 2.998   8.519   1.00 31.66 ? 221 ASP A OD1 1 
ATOM   1053 O OD2 . ASP A 1 150 ? -14.780 1.068   7.744   1.00 32.15 ? 221 ASP A OD2 1 
ATOM   1054 N N   . LEU A 1 151 ? -10.813 4.527   6.567   1.00 27.18 ? 222 LEU A N   1 
ATOM   1055 C CA  . LEU A 1 151 ? -9.413  4.970   6.541   1.00 27.55 ? 222 LEU A CA  1 
ATOM   1056 C C   . LEU A 1 151 ? -9.271  6.479   6.230   1.00 28.74 ? 222 LEU A C   1 
ATOM   1057 O O   . LEU A 1 151 ? -8.480  6.894   5.345   1.00 28.72 ? 222 LEU A O   1 
ATOM   1058 C CB  . LEU A 1 151 ? -8.574  4.140   5.546   1.00 27.01 ? 222 LEU A CB  1 
ATOM   1059 C CG  . LEU A 1 151 ? -7.977  2.856   6.116   1.00 26.62 ? 222 LEU A CG  1 
ATOM   1060 C CD1 . LEU A 1 151 ? -9.016  2.106   6.920   1.00 23.30 ? 222 LEU A CD1 1 
ATOM   1061 C CD2 . LEU A 1 151 ? -7.399  2.020   4.993   1.00 26.13 ? 222 LEU A CD2 1 
ATOM   1062 N N   . LYS A 1 152 ? -10.029 7.290   6.956   1.00 29.04 ? 223 LYS A N   1 
ATOM   1063 C CA  . LYS A 1 152 ? -10.030 8.731   6.748   1.00 30.15 ? 223 LYS A CA  1 
ATOM   1064 C C   . LYS A 1 152 ? -10.307 9.126   5.294   1.00 29.91 ? 223 LYS A C   1 
ATOM   1065 O O   . LYS A 1 152 ? -9.739  10.091  4.775   1.00 30.34 ? 223 LYS A O   1 
ATOM   1066 C CB  . LYS A 1 152 ? -8.711  9.311   7.283   1.00 30.92 ? 223 LYS A CB  1 
ATOM   1067 C CG  . LYS A 1 152 ? -8.625  9.258   8.838   1.00 32.66 ? 223 LYS A CG  1 
ATOM   1068 N N   . ARG A 1 153 ? -11.189 8.358   4.645   1.00 29.71 ? 224 ARG A N   1 
ATOM   1069 C CA  . ARG A 1 153 ? -11.684 8.642   3.293   1.00 29.45 ? 224 ARG A CA  1 
ATOM   1070 C C   . ARG A 1 153 ? -10.578 8.640   2.238   1.00 28.02 ? 224 ARG A C   1 
ATOM   1071 O O   . ARG A 1 153 ? -10.599 9.423   1.309   1.00 29.13 ? 224 ARG A O   1 
ATOM   1072 C CB  . ARG A 1 153 ? -12.460 9.978   3.258   1.00 29.50 ? 224 ARG A CB  1 
ATOM   1073 C CG  . ARG A 1 153 ? -13.584 10.081  4.280   1.00 31.04 ? 224 ARG A CG  1 
ATOM   1074 N N   . CYS A 1 154 ? -9.633  7.721   2.359   1.00 26.63 ? 225 CYS A N   1 
ATOM   1075 C CA  . CYS A 1 154 ? -8.513  7.621   1.421   1.00 24.01 ? 225 CYS A CA  1 
ATOM   1076 C C   . CYS A 1 154 ? -8.936  7.108   0.040   1.00 22.40 ? 225 CYS A C   1 
ATOM   1077 O O   . CYS A 1 154 ? -10.069 6.594   -0.151  1.00 22.98 ? 225 CYS A O   1 
ATOM   1078 C CB  . CYS A 1 154 ? -7.430  6.720   2.000   1.00 24.08 ? 225 CYS A CB  1 
ATOM   1079 S SG  . CYS A 1 154 ? -7.769  4.955   1.893   1.00 21.99 ? 225 CYS A SG  1 
ATOM   1080 N N   . THR A 1 155 ? -8.045  7.272   -0.922  1.00 20.66 ? 226 THR A N   1 
ATOM   1081 C CA  . THR A 1 155 ? -8.303  6.890   -2.316  1.00 20.62 ? 226 THR A CA  1 
ATOM   1082 C C   . THR A 1 155 ? -8.117  5.389   -2.469  1.00 19.51 ? 226 THR A C   1 
ATOM   1083 O O   . THR A 1 155 ? -7.223  4.817   -1.865  1.00 18.75 ? 226 THR A O   1 
ATOM   1084 C CB  . THR A 1 155 ? -7.386  7.660   -3.301  1.00 20.70 ? 226 THR A CB  1 
ATOM   1085 O OG1 . THR A 1 155 ? -7.494  9.071   -3.039  1.00 22.34 ? 226 THR A OG1 1 
ATOM   1086 C CG2 . THR A 1 155 ? -7.734  7.370   -4.782  1.00 22.24 ? 226 THR A CG2 1 
ATOM   1087 N N   . TYR A 1 156 ? -8.994  4.761   -3.239  1.00 18.80 ? 227 TYR A N   1 
ATOM   1088 C CA  . TYR A 1 156 ? -8.994  3.310   -3.444  1.00 18.73 ? 227 TYR A CA  1 
ATOM   1089 C C   . TYR A 1 156 ? -8.673  2.961   -4.900  1.00 19.58 ? 227 TYR A C   1 
ATOM   1090 O O   . TYR A 1 156 ? -9.218  3.561   -5.830  1.00 19.58 ? 227 TYR A O   1 
ATOM   1091 C CB  . TYR A 1 156 ? -10.358 2.734   -3.005  1.00 17.96 ? 227 TYR A CB  1 
ATOM   1092 C CG  . TYR A 1 156 ? -10.621 1.302   -3.409  1.00 17.86 ? 227 TYR A CG  1 
ATOM   1093 C CD1 . TYR A 1 156 ? -9.855  0.272   -2.889  1.00 18.59 ? 227 TYR A CD1 1 
ATOM   1094 C CD2 . TYR A 1 156 ? -11.688 0.967   -4.246  1.00 19.34 ? 227 TYR A CD2 1 
ATOM   1095 C CE1 . TYR A 1 156 ? -10.068 -1.047  -3.246  1.00 19.46 ? 227 TYR A CE1 1 
ATOM   1096 C CE2 . TYR A 1 156 ? -11.928 -0.377  -4.609  1.00 21.44 ? 227 TYR A CE2 1 
ATOM   1097 C CZ  . TYR A 1 156 ? -11.090 -1.372  -4.104  1.00 20.54 ? 227 TYR A CZ  1 
ATOM   1098 O OH  . TYR A 1 156 ? -11.259 -2.699  -4.408  1.00 21.61 ? 227 TYR A OH  1 
ATOM   1099 N N   . TYR A 1 157 ? -7.754  2.021   -5.092  1.00 20.09 ? 228 TYR A N   1 
ATOM   1100 C CA  . TYR A 1 157 ? -7.394  1.515   -6.398  1.00 21.13 ? 228 TYR A CA  1 
ATOM   1101 C C   . TYR A 1 157 ? -7.459  -0.016  -6.413  1.00 21.19 ? 228 TYR A C   1 
ATOM   1102 O O   . TYR A 1 157 ? -6.981  -0.648  -5.471  1.00 21.27 ? 228 TYR A O   1 
ATOM   1103 C CB  . TYR A 1 157 ? -5.949  1.883   -6.711  1.00 21.09 ? 228 TYR A CB  1 
ATOM   1104 C CG  . TYR A 1 157 ? -5.636  3.345   -6.870  1.00 24.08 ? 228 TYR A CG  1 
ATOM   1105 C CD1 . TYR A 1 157 ? -5.700  3.950   -8.118  1.00 28.50 ? 228 TYR A CD1 1 
ATOM   1106 C CD2 . TYR A 1 157 ? -5.265  4.128   -5.771  1.00 26.06 ? 228 TYR A CD2 1 
ATOM   1107 C CE1 . TYR A 1 157 ? -5.408  5.303   -8.274  1.00 29.90 ? 228 TYR A CE1 1 
ATOM   1108 C CE2 . TYR A 1 157 ? -4.976  5.483   -5.911  1.00 27.05 ? 228 TYR A CE2 1 
ATOM   1109 C CZ  . TYR A 1 157 ? -5.038  6.058   -7.178  1.00 28.70 ? 228 TYR A CZ  1 
ATOM   1110 O OH  . TYR A 1 157 ? -4.770  7.394   -7.361  1.00 29.16 ? 228 TYR A OH  1 
ATOM   1111 N N   . GLU A 1 158 ? -7.979  -0.620  -7.492  1.00 21.18 ? 229 GLU A N   1 
ATOM   1112 C CA  . GLU A 1 158 ? -7.616  -2.002  -7.826  1.00 20.94 ? 229 GLU A CA  1 
ATOM   1113 C C   . GLU A 1 158 ? -6.326  -2.046  -8.644  1.00 20.95 ? 229 GLU A C   1 
ATOM   1114 O O   . GLU A 1 158 ? -6.111  -1.231  -9.559  1.00 21.91 ? 229 GLU A O   1 
ATOM   1115 C CB  . GLU A 1 158 ? -8.722  -2.755  -8.593  1.00 21.26 ? 229 GLU A CB  1 
ATOM   1116 C CG  . GLU A 1 158 ? -10.115 -2.587  -7.931  1.00 23.29 ? 229 GLU A CG  1 
ATOM   1117 C CD  . GLU A 1 158 ? -11.204 -3.412  -8.601  1.00 23.03 ? 229 GLU A CD  1 
ATOM   1118 O OE1 . GLU A 1 158 ? -10.882 -4.259  -9.426  1.00 24.51 ? 229 GLU A OE1 1 
ATOM   1119 O OE2 . GLU A 1 158 ? -12.392 -3.216  -8.298  1.00 26.76 ? 229 GLU A OE2 1 
ATOM   1120 N N   . THR A 1 159 ? -5.462  -2.999  -8.298  1.00 19.07 ? 230 THR A N   1 
ATOM   1121 C CA  . THR A 1 159 ? -4.250  -3.252  -9.030  1.00 17.80 ? 230 THR A CA  1 
ATOM   1122 C C   . THR A 1 159 ? -4.135  -4.701  -9.483  1.00 18.02 ? 230 THR A C   1 
ATOM   1123 O O   . THR A 1 159 ? -4.825  -5.616  -8.976  1.00 17.11 ? 230 THR A O   1 
ATOM   1124 C CB  . THR A 1 159 ? -3.018  -2.933  -8.191  1.00 18.29 ? 230 THR A CB  1 
ATOM   1125 O OG1 . THR A 1 159 ? -2.991  -3.775  -7.013  1.00 17.62 ? 230 THR A OG1 1 
ATOM   1126 C CG2 . THR A 1 159 ? -2.975  -1.423  -7.770  1.00 12.29 ? 230 THR A CG2 1 
ATOM   1127 N N   . CYS A 1 160 ? -3.279  -4.892  -10.467 1.00 18.65 ? 231 CYS A N   1 
ATOM   1128 C CA  . CYS A 1 160 ? -2.920  -6.215  -10.967 1.00 19.81 ? 231 CYS A CA  1 
ATOM   1129 C C   . CYS A 1 160 ? -1.487  -6.214  -11.404 1.00 19.13 ? 231 CYS A C   1 
ATOM   1130 O O   . CYS A 1 160 ? -1.173  -5.839  -12.525 1.00 19.50 ? 231 CYS A O   1 
ATOM   1131 C CB  . CYS A 1 160 ? -3.803  -6.629  -12.142 1.00 20.06 ? 231 CYS A CB  1 
ATOM   1132 S SG  . CYS A 1 160 ? -3.894  -8.442  -12.351 1.00 23.79 ? 231 CYS A SG  1 
ATOM   1133 N N   . ALA A 1 161 ? -0.620  -6.703  -10.530 1.00 19.11 ? 232 ALA A N   1 
ATOM   1134 C CA  . ALA A 1 161 ? 0.821   -6.640  -10.751 1.00 19.34 ? 232 ALA A CA  1 
ATOM   1135 C C   . ALA A 1 161 ? 1.313   -7.624  -11.859 1.00 19.85 ? 232 ALA A C   1 
ATOM   1136 O O   . ALA A 1 161 ? 2.415   -7.454  -12.365 1.00 18.98 ? 232 ALA A O   1 
ATOM   1137 C CB  . ALA A 1 161 ? 1.558   -6.883  -9.443  1.00 18.47 ? 232 ALA A CB  1 
ATOM   1138 N N   . THR A 1 162 ? 0.492   -8.632  -12.191 1.00 20.69 ? 233 THR A N   1 
ATOM   1139 C CA  . THR A 1 162 ? 0.749   -9.555  -13.317 1.00 21.84 ? 233 THR A CA  1 
ATOM   1140 C C   . THR A 1 162 ? 1.026   -8.742  -14.585 1.00 22.37 ? 233 THR A C   1 
ATOM   1141 O O   . THR A 1 162 ? 1.917   -9.090  -15.352 1.00 22.72 ? 233 THR A O   1 
ATOM   1142 C CB  . THR A 1 162 ? -0.419  -10.569 -13.531 1.00 22.59 ? 233 THR A CB  1 
ATOM   1143 O OG1 . THR A 1 162 ? -1.573  -9.897  -14.061 1.00 26.78 ? 233 THR A OG1 1 
ATOM   1144 C CG2 . THR A 1 162 ? -0.838  -11.266 -12.219 1.00 22.48 ? 233 THR A CG2 1 
ATOM   1145 N N   . TYR A 1 163 ? 0.316   -7.622  -14.773 1.00 21.27 ? 234 TYR A N   1 
ATOM   1146 C CA  . TYR A 1 163 ? 0.557   -6.746  -15.927 1.00 21.02 ? 234 TYR A CA  1 
ATOM   1147 C C   . TYR A 1 163 ? 0.690   -5.235  -15.630 1.00 21.24 ? 234 TYR A C   1 
ATOM   1148 O O   . TYR A 1 163 ? 0.794   -4.425  -16.568 1.00 21.83 ? 234 TYR A O   1 
ATOM   1149 C CB  . TYR A 1 163 ? -0.474  -7.017  -17.050 1.00 21.10 ? 234 TYR A CB  1 
ATOM   1150 C CG  . TYR A 1 163 ? -1.897  -6.613  -16.764 1.00 19.27 ? 234 TYR A CG  1 
ATOM   1151 C CD1 . TYR A 1 163 ? -2.384  -5.413  -17.209 1.00 19.32 ? 234 TYR A CD1 1 
ATOM   1152 C CD2 . TYR A 1 163 ? -2.743  -7.439  -16.040 1.00 21.93 ? 234 TYR A CD2 1 
ATOM   1153 C CE1 . TYR A 1 163 ? -3.673  -5.036  -16.979 1.00 21.53 ? 234 TYR A CE1 1 
ATOM   1154 C CE2 . TYR A 1 163 ? -4.053  -7.076  -15.797 1.00 23.15 ? 234 TYR A CE2 1 
ATOM   1155 C CZ  . TYR A 1 163 ? -4.508  -5.862  -16.269 1.00 20.85 ? 234 TYR A CZ  1 
ATOM   1156 O OH  . TYR A 1 163 ? -5.791  -5.456  -16.023 1.00 25.40 ? 234 TYR A OH  1 
ATOM   1157 N N   . GLY A 1 164 ? 0.732   -4.838  -14.355 1.00 20.05 ? 235 GLY A N   1 
ATOM   1158 C CA  . GLY A 1 164 ? 1.043   -3.441  -14.009 1.00 19.74 ? 235 GLY A CA  1 
ATOM   1159 C C   . GLY A 1 164 ? -0.128  -2.522  -13.819 1.00 18.98 ? 235 GLY A C   1 
ATOM   1160 O O   . GLY A 1 164 ? 0.031   -1.313  -13.617 1.00 18.33 ? 235 GLY A O   1 
ATOM   1161 N N   . LEU A 1 165 ? -1.342  -3.066  -13.877 1.00 19.46 ? 236 LEU A N   1 
ATOM   1162 C CA  . LEU A 1 165 ? -2.521  -2.224  -13.725 1.00 19.14 ? 236 LEU A CA  1 
ATOM   1163 C C   . LEU A 1 165 ? -2.495  -1.402  -12.442 1.00 18.87 ? 236 LEU A C   1 
ATOM   1164 O O   . LEU A 1 165 ? -2.361  -1.967  -11.361 1.00 17.65 ? 236 LEU A O   1 
ATOM   1165 C CB  . LEU A 1 165 ? -3.783  -3.080  -13.724 1.00 19.87 ? 236 LEU A CB  1 
ATOM   1166 C CG  . LEU A 1 165 ? -5.092  -2.355  -13.522 1.00 20.84 ? 236 LEU A CG  1 
ATOM   1167 C CD1 . LEU A 1 165 ? -5.413  -1.517  -14.755 1.00 23.51 ? 236 LEU A CD1 1 
ATOM   1168 C CD2 . LEU A 1 165 ? -6.253  -3.401  -13.283 1.00 24.25 ? 236 LEU A CD2 1 
ATOM   1169 N N   . ASN A 1 166 ? -2.617  -0.071  -12.589 1.00 18.80 ? 237 ASN A N   1 
ATOM   1170 C CA  . ASN A 1 166 ? -2.589  0.923   -11.483 1.00 19.25 ? 237 ASN A CA  1 
ATOM   1171 C C   . ASN A 1 166 ? -1.408  0.904   -10.504 1.00 19.17 ? 237 ASN A C   1 
ATOM   1172 O O   . ASN A 1 166 ? -1.417  1.637   -9.538  1.00 19.32 ? 237 ASN A O   1 
ATOM   1173 C CB  . ASN A 1 166 ? -3.901  0.925   -10.714 1.00 18.84 ? 237 ASN A CB  1 
ATOM   1174 C CG  . ASN A 1 166 ? -5.064  1.304   -11.595 1.00 22.00 ? 237 ASN A CG  1 
ATOM   1175 O OD1 . ASN A 1 166 ? -4.862  2.020   -12.583 1.00 21.41 ? 237 ASN A OD1 1 
ATOM   1176 N ND2 . ASN A 1 166 ? -6.289  0.831   -11.260 1.00 20.31 ? 237 ASN A ND2 1 
ATOM   1177 N N   . VAL A 1 167 ? -0.387  0.115   -10.792 1.00 20.81 ? 238 VAL A N   1 
ATOM   1178 C CA  . VAL A 1 167 ? 0.775   -0.002  -9.900  1.00 21.43 ? 238 VAL A CA  1 
ATOM   1179 C C   . VAL A 1 167 ? 1.519   1.320   -9.807  1.00 21.06 ? 238 VAL A C   1 
ATOM   1180 O O   . VAL A 1 167 ? 1.614   1.891   -8.721  1.00 20.79 ? 238 VAL A O   1 
ATOM   1181 C CB  . VAL A 1 167 ? 1.713   -1.142  -10.337 1.00 21.04 ? 238 VAL A CB  1 
ATOM   1182 C CG1 . VAL A 1 167 ? 3.019   -1.086  -9.567  1.00 21.74 ? 238 VAL A CG1 1 
ATOM   1183 C CG2 . VAL A 1 167 ? 0.997   -2.463  -10.124 1.00 21.58 ? 238 VAL A CG2 1 
ATOM   1184 N N   . GLU A 1 168 ? 1.980   1.840   -10.945 1.00 21.49 ? 239 GLU A N   1 
ATOM   1185 C CA  . GLU A 1 168 ? 2.606   3.157   -10.959 1.00 21.80 ? 239 GLU A CA  1 
ATOM   1186 C C   . GLU A 1 168 ? 1.655   4.226   -10.438 1.00 20.45 ? 239 GLU A C   1 
ATOM   1187 O O   . GLU A 1 168 ? 2.082   5.066   -9.635  1.00 20.62 ? 239 GLU A O   1 
ATOM   1188 C CB  . GLU A 1 168 ? 3.184   3.530   -12.358 1.00 23.25 ? 239 GLU A CB  1 
ATOM   1189 C CG  . GLU A 1 168 ? 4.173   4.760   -12.331 1.00 29.81 ? 239 GLU A CG  1 
ATOM   1190 C CD  . GLU A 1 168 ? 5.666   4.387   -12.245 1.00 35.84 ? 239 GLU A CD  1 
ATOM   1191 O OE1 . GLU A 1 168 ? 6.019   3.235   -12.597 1.00 39.29 ? 239 GLU A OE1 1 
ATOM   1192 O OE2 . GLU A 1 168 ? 6.504   5.250   -11.833 1.00 40.76 ? 239 GLU A OE2 1 
ATOM   1193 N N   . ARG A 1 169 ? 0.365   4.207   -10.809 1.00 20.54 ? 240 ARG A N   1 
ATOM   1194 C CA  . ARG A 1 169 ? -0.557  5.268   -10.318 1.00 19.05 ? 240 ARG A CA  1 
ATOM   1195 C C   . ARG A 1 169 ? -0.640  5.330   -8.788  1.00 19.06 ? 240 ARG A C   1 
ATOM   1196 O O   . ARG A 1 169 ? -0.729  6.445   -8.219  1.00 19.66 ? 240 ARG A O   1 
ATOM   1197 C CB  . ARG A 1 169 ? -1.984  5.185   -10.929 1.00 19.85 ? 240 ARG A CB  1 
ATOM   1198 N N   . VAL A 1 170 ? -0.598  4.169   -8.127  1.00 17.68 ? 241 VAL A N   1 
ATOM   1199 C CA  . VAL A 1 170 ? -0.683  4.099   -6.666  1.00 18.04 ? 241 VAL A CA  1 
ATOM   1200 C C   . VAL A 1 170 ? 0.472   4.812   -5.965  1.00 18.27 ? 241 VAL A C   1 
ATOM   1201 O O   . VAL A 1 170 ? 0.250   5.604   -5.053  1.00 19.78 ? 241 VAL A O   1 
ATOM   1202 C CB  . VAL A 1 170 ? -0.732  2.657   -6.131  1.00 16.98 ? 241 VAL A CB  1 
ATOM   1203 C CG1 . VAL A 1 170 ? -0.608  2.686   -4.601  1.00 16.00 ? 241 VAL A CG1 1 
ATOM   1204 C CG2 . VAL A 1 170 ? -2.023  1.951   -6.573  1.00 15.33 ? 241 VAL A CG2 1 
ATOM   1205 N N   . PHE A 1 171 ? 1.691   4.522   -6.395  1.00 17.54 ? 242 PHE A N   1 
ATOM   1206 C CA  . PHE A 1 171 ? 2.870   5.135   -5.789  1.00 17.41 ? 242 PHE A CA  1 
ATOM   1207 C C   . PHE A 1 171 ? 3.068   6.615   -6.101  1.00 17.80 ? 242 PHE A C   1 
ATOM   1208 O O   . PHE A 1 171 ? 3.387   7.434   -5.183  1.00 15.89 ? 242 PHE A O   1 
ATOM   1209 C CB  . PHE A 1 171 ? 4.088   4.320   -6.139  1.00 16.36 ? 242 PHE A CB  1 
ATOM   1210 C CG  . PHE A 1 171 ? 4.085   2.998   -5.516  1.00 16.47 ? 242 PHE A CG  1 
ATOM   1211 C CD1 . PHE A 1 171 ? 4.528   2.823   -4.208  1.00 18.20 ? 242 PHE A CD1 1 
ATOM   1212 C CD2 . PHE A 1 171 ? 3.629   1.908   -6.222  1.00 16.38 ? 242 PHE A CD2 1 
ATOM   1213 C CE1 . PHE A 1 171 ? 4.532   1.584   -3.627  1.00 20.15 ? 242 PHE A CE1 1 
ATOM   1214 C CE2 . PHE A 1 171 ? 3.598   0.651   -5.635  1.00 19.69 ? 242 PHE A CE2 1 
ATOM   1215 C CZ  . PHE A 1 171 ? 4.053   0.486   -4.342  1.00 20.64 ? 242 PHE A CZ  1 
ATOM   1216 N N   . GLN A 1 172 ? 2.843   6.976   -7.353  1.00 19.77 ? 243 GLN A N   1 
ATOM   1217 C CA  . GLN A 1 172 ? 2.767   8.426   -7.721  1.00 21.36 ? 243 GLN A CA  1 
ATOM   1218 C C   . GLN A 1 172 ? 1.738   9.186   -6.861  1.00 21.26 ? 243 GLN A C   1 
ATOM   1219 O O   . GLN A 1 172 ? 2.004   10.311  -6.323  1.00 20.04 ? 243 GLN A O   1 
ATOM   1220 C CB  . GLN A 1 172 ? 2.463   8.548   -9.213  1.00 22.41 ? 243 GLN A CB  1 
ATOM   1221 C CG  . GLN A 1 172 ? 2.725   9.926   -9.854  1.00 26.24 ? 243 GLN A CG  1 
ATOM   1222 C CD  . GLN A 1 172 ? 4.124   10.471  -9.613  1.00 29.33 ? 243 GLN A CD  1 
ATOM   1223 O OE1 . GLN A 1 172 ? 4.291   11.666  -9.353  1.00 35.68 ? 243 GLN A OE1 1 
ATOM   1224 N NE2 . GLN A 1 172 ? 5.122   9.605   -9.662  1.00 28.88 ? 243 GLN A NE2 1 
ATOM   1225 N N   . ASP A 1 173 ? 0.572   8.582   -6.678  1.00 21.41 ? 244 ASP A N   1 
ATOM   1226 C CA  . ASP A 1 173 ? -0.512  9.214   -5.904  1.00 22.44 ? 244 ASP A CA  1 
ATOM   1227 C C   . ASP A 1 173 ? -0.061  9.547   -4.472  1.00 21.62 ? 244 ASP A C   1 
ATOM   1228 O O   . ASP A 1 173 ? -0.229  10.680  -4.009  1.00 22.02 ? 244 ASP A O   1 
ATOM   1229 C CB  . ASP A 1 173 ? -1.739  8.282   -5.926  1.00 22.29 ? 244 ASP A CB  1 
ATOM   1230 C CG  . ASP A 1 173 ? -2.962  8.842   -5.163  1.00 26.99 ? 244 ASP A CG  1 
ATOM   1231 O OD1 . ASP A 1 173 ? -2.788  9.534   -4.146  1.00 30.78 ? 244 ASP A OD1 1 
ATOM   1232 O OD2 . ASP A 1 173 ? -4.120  8.544   -5.561  1.00 27.95 ? 244 ASP A OD2 1 
ATOM   1233 N N   . VAL A 1 174 ? 0.537   8.569   -3.786  1.00 23.02 ? 245 VAL A N   1 
ATOM   1234 C CA  . VAL A 1 174 ? 1.031   8.746   -2.404  1.00 22.82 ? 245 VAL A CA  1 
ATOM   1235 C C   . VAL A 1 174 ? 2.280   9.631   -2.371  1.00 22.28 ? 245 VAL A C   1 
ATOM   1236 O O   . VAL A 1 174 ? 2.420   10.456  -1.449  1.00 21.27 ? 245 VAL A O   1 
ATOM   1237 C CB  . VAL A 1 174 ? 1.338   7.409   -1.613  1.00 23.09 ? 245 VAL A CB  1 
ATOM   1238 C CG1 . VAL A 1 174 ? 0.056   6.731   -1.086  1.00 24.84 ? 245 VAL A CG1 1 
ATOM   1239 C CG2 . VAL A 1 174 ? 2.181   6.462   -2.403  1.00 23.20 ? 245 VAL A CG2 1 
ATOM   1240 N N   . ALA A 1 175 ? 3.191   9.482   -3.338  1.00 21.33 ? 246 ALA A N   1 
ATOM   1241 C CA  . ALA A 1 175 ? 4.291   10.458  -3.431  1.00 21.65 ? 246 ALA A CA  1 
ATOM   1242 C C   . ALA A 1 175 ? 3.757   11.916  -3.503  1.00 21.90 ? 246 ALA A C   1 
ATOM   1243 O O   . ALA A 1 175 ? 4.179   12.794  -2.723  1.00 22.67 ? 246 ALA A O   1 
ATOM   1244 C CB  . ALA A 1 175 ? 5.202   10.153  -4.591  1.00 20.73 ? 246 ALA A CB  1 
ATOM   1245 N N   . GLN A 1 176 ? 2.794   12.168  -4.383  1.00 22.49 ? 247 GLN A N   1 
ATOM   1246 C CA  . GLN A 1 176 ? 2.242   13.522  -4.571  1.00 23.60 ? 247 GLN A CA  1 
ATOM   1247 C C   . GLN A 1 176 ? 1.561   14.056  -3.306  1.00 23.26 ? 247 GLN A C   1 
ATOM   1248 O O   . GLN A 1 176 ? 1.717   15.230  -2.969  1.00 23.24 ? 247 GLN A O   1 
ATOM   1249 C CB  . GLN A 1 176 ? 1.176   13.540  -5.651  1.00 24.21 ? 247 GLN A CB  1 
ATOM   1250 C CG  . GLN A 1 176 ? 1.613   13.433  -7.073  1.00 25.43 ? 247 GLN A CG  1 
ATOM   1251 C CD  . GLN A 1 176 ? 0.419   13.101  -7.978  1.00 31.53 ? 247 GLN A CD  1 
ATOM   1252 O OE1 . GLN A 1 176 ? -0.747  13.079  -7.522  1.00 34.48 ? 247 GLN A OE1 1 
ATOM   1253 N NE2 . GLN A 1 176 ? 0.691   12.815  -9.242  1.00 33.19 ? 247 GLN A NE2 1 
ATOM   1254 N N   . LYS A 1 177 ? 0.774   13.215  -2.646  1.00 23.72 ? 248 LYS A N   1 
ATOM   1255 C CA  . LYS A 1 177 ? 0.140   13.575  -1.367  1.00 24.45 ? 248 LYS A CA  1 
ATOM   1256 C C   . LYS A 1 177 ? 1.194   13.984  -0.292  1.00 24.94 ? 248 LYS A C   1 
ATOM   1257 O O   . LYS A 1 177 ? 1.013   14.968  0.429   1.00 25.71 ? 248 LYS A O   1 
ATOM   1258 C CB  . LYS A 1 177 ? -0.713  12.397  -0.849  1.00 24.70 ? 248 LYS A CB  1 
ATOM   1259 C CG  . LYS A 1 177 ? -2.073  12.224  -1.498  1.00 26.63 ? 248 LYS A CG  1 
ATOM   1260 C CD  . LYS A 1 177 ? -2.714  10.900  -1.012  1.00 29.06 ? 248 LYS A CD  1 
ATOM   1261 C CE  . LYS A 1 177 ? -4.109  10.612  -1.607  1.00 30.59 ? 248 LYS A CE  1 
ATOM   1262 N NZ  . LYS A 1 177 ? -4.318  9.122   -1.672  1.00 30.66 ? 248 LYS A NZ  1 
ATOM   1263 N N   . VAL A 1 178 ? 2.312   13.271  -0.234  1.00 25.37 ? 249 VAL A N   1 
ATOM   1264 C CA  . VAL A 1 178 ? 3.404   13.599  0.709   1.00 26.29 ? 249 VAL A CA  1 
ATOM   1265 C C   . VAL A 1 178 ? 4.073   14.963  0.376   1.00 27.98 ? 249 VAL A C   1 
ATOM   1266 O O   . VAL A 1 178 ? 4.174   15.826  1.241   1.00 27.70 ? 249 VAL A O   1 
ATOM   1267 C CB  . VAL A 1 178 ? 4.433   12.456  0.808   1.00 25.17 ? 249 VAL A CB  1 
ATOM   1268 C CG1 . VAL A 1 178 ? 5.611   12.796  1.777   1.00 23.84 ? 249 VAL A CG1 1 
ATOM   1269 C CG2 . VAL A 1 178 ? 3.747   11.159  1.298   1.00 26.36 ? 249 VAL A CG2 1 
ATOM   1270 N N   . VAL A 1 179 ? 4.473   15.199  -0.874  1.00 29.85 ? 250 VAL A N   1 
ATOM   1271 C CA  . VAL A 1 179 ? 5.125   16.498  -1.172  1.00 31.24 ? 250 VAL A CA  1 
ATOM   1272 C C   . VAL A 1 179 ? 4.184   17.697  -0.957  1.00 33.17 ? 250 VAL A C   1 
ATOM   1273 O O   . VAL A 1 179 ? 4.623   18.742  -0.457  1.00 32.85 ? 250 VAL A O   1 
ATOM   1274 C CB  . VAL A 1 179 ? 5.778   16.579  -2.580  1.00 31.65 ? 250 VAL A CB  1 
ATOM   1275 C CG1 . VAL A 1 179 ? 6.255   15.224  -3.049  1.00 28.70 ? 250 VAL A CG1 1 
ATOM   1276 C CG2 . VAL A 1 179 ? 4.851   17.238  -3.589  1.00 32.71 ? 250 VAL A CG2 1 
ATOM   1277 N N   . ALA A 1 180 ? 2.901   17.543  -1.316  1.00 34.78 ? 251 ALA A N   1 
ATOM   1278 C CA  . ALA A 1 180 ? 1.902   18.581  -1.074  1.00 36.32 ? 251 ALA A CA  1 
ATOM   1279 C C   . ALA A 1 180 ? 1.941   19.035  0.405   1.00 38.18 ? 251 ALA A C   1 
ATOM   1280 O O   . ALA A 1 180 ? 2.042   20.237  0.690   1.00 38.01 ? 251 ALA A O   1 
ATOM   1281 C CB  . ALA A 1 180 ? 0.501   18.073  -1.464  1.00 36.19 ? 251 ALA A CB  1 
ATOM   1282 N N   . LEU A 1 181 ? 1.915   18.072  1.333   1.00 39.70 ? 252 LEU A N   1 
ATOM   1283 C CA  . LEU A 1 181 ? 1.967   18.364  2.775   1.00 40.93 ? 252 LEU A CA  1 
ATOM   1284 C C   . LEU A 1 181 ? 3.325   18.918  3.265   1.00 41.95 ? 252 LEU A C   1 
ATOM   1285 O O   . LEU A 1 181 ? 3.436   19.318  4.417   1.00 42.46 ? 252 LEU A O   1 
ATOM   1286 C CB  . LEU A 1 181 ? 1.596   17.113  3.590   1.00 40.48 ? 252 LEU A CB  1 
ATOM   1287 N N   . ARG A 1 182 ? 4.352   18.952  2.416   1.00 43.05 ? 253 ARG A N   1 
ATOM   1288 C CA  . ARG A 1 182 ? 5.644   19.555  2.800   1.00 43.19 ? 253 ARG A CA  1 
ATOM   1289 C C   . ARG A 1 182 ? 5.739   21.020  2.343   1.00 43.84 ? 253 ARG A C   1 
ATOM   1290 O O   . ARG A 1 182 ? 4.721   21.710  2.208   1.00 44.52 ? 253 ARG A O   1 
ATOM   1291 C CB  . ARG A 1 182 ? 6.819   18.737  2.251   1.00 43.09 ? 253 ARG A CB  1 
ATOM   1292 C CG  . ARG A 1 182 ? 6.932   17.320  2.863   1.00 42.18 ? 253 ARG A CG  1 
ATOM   1293 C CD  . ARG A 1 182 ? 8.352   16.747  2.791   1.00 40.69 ? 253 ARG A CD  1 
ATOM   1294 N NE  . ARG A 1 182 ? 8.470   15.462  3.495   1.00 38.60 ? 253 ARG A NE  1 
ATOM   1295 C CZ  . ARG A 1 182 ? 9.488   14.605  3.360   1.00 38.91 ? 253 ARG A CZ  1 
ATOM   1296 N NH1 . ARG A 1 182 ? 10.504  14.886  2.536   1.00 38.25 ? 253 ARG A NH1 1 
ATOM   1297 N NH2 . ARG A 1 182 ? 9.503   13.449  4.044   1.00 34.66 ? 253 ARG A NH2 1 
HETATM 1298 X UNK . UNX B 2 .   ? 5.498   -2.726  11.941  0.01 2.00  ? 1   UNX A UNK 1 
HETATM 1299 X UNK . UNX C 2 .   ? 14.633  -5.705  3.275   0.01 2.00  ? 2   UNX A UNK 1 
HETATM 1300 X UNK . UNX D 2 .   ? -4.151  13.322  1.990   0.01 2.00  ? 3   UNX A UNK 1 
HETATM 1301 O O   . HOH E 3 .   ? -4.124  -7.375  4.065   1.00 14.09 ? 4   HOH A O   1 
HETATM 1302 O O   . HOH E 3 .   ? -1.451  -5.957  -7.631  1.00 18.68 ? 5   HOH A O   1 
HETATM 1303 O O   . HOH E 3 .   ? 14.834  3.351   10.740  1.00 17.64 ? 6   HOH A O   1 
HETATM 1304 O O   . HOH E 3 .   ? 6.150   -8.486  -8.895  1.00 20.10 ? 7   HOH A O   1 
HETATM 1305 O O   . HOH E 3 .   ? 0.752   5.654   21.568  1.00 22.72 ? 8   HOH A O   1 
HETATM 1306 O O   . HOH E 3 .   ? -0.335  3.012   -13.206 1.00 17.78 ? 9   HOH A O   1 
HETATM 1307 O O   . HOH E 3 .   ? 2.152   -5.108  7.066   1.00 17.34 ? 10  HOH A O   1 
HETATM 1308 O O   . HOH E 3 .   ? -11.520 6.236   -3.554  1.00 22.05 ? 11  HOH A O   1 
HETATM 1309 O O   . HOH E 3 .   ? 0.096   -7.308  -6.064  1.00 19.25 ? 12  HOH A O   1 
HETATM 1310 O O   . HOH E 3 .   ? -19.713 0.004   -5.279  1.00 19.25 ? 13  HOH A O   1 
HETATM 1311 O O   . HOH E 3 .   ? 5.139   -1.104  19.031  1.00 23.68 ? 14  HOH A O   1 
HETATM 1312 O O   . HOH E 3 .   ? 5.135   12.663  7.982   1.00 21.50 ? 15  HOH A O   1 
HETATM 1313 O O   . HOH E 3 .   ? 8.897   -6.808  -3.234  1.00 21.02 ? 16  HOH A O   1 
HETATM 1314 O O   . HOH E 3 .   ? -15.136 -1.293  6.880   1.00 41.70 ? 17  HOH A O   1 
HETATM 1315 O O   . HOH E 3 .   ? 16.394  -0.686  -3.471  1.00 18.32 ? 18  HOH A O   1 
HETATM 1316 O O   . HOH E 3 .   ? -4.998  10.653  5.823   1.00 28.10 ? 19  HOH A O   1 
HETATM 1317 O O   . HOH E 3 .   ? -13.788 -13.324 -9.837  1.00 27.33 ? 20  HOH A O   1 
HETATM 1318 O O   . HOH E 3 .   ? 11.045  5.240   13.557  1.00 26.81 ? 21  HOH A O   1 
HETATM 1319 O O   . HOH E 3 .   ? -1.916  -10.250 11.220  1.00 26.47 ? 22  HOH A O   1 
HETATM 1320 O O   . HOH E 3 .   ? -21.251 -2.829  1.469   1.00 26.20 ? 23  HOH A O   1 
HETATM 1321 O O   . HOH E 3 .   ? 14.503  18.074  -9.419  1.00 24.27 ? 24  HOH A O   1 
HETATM 1322 O O   . HOH E 3 .   ? -6.792  2.654   17.243  1.00 26.40 ? 25  HOH A O   1 
HETATM 1323 O O   . HOH E 3 .   ? -13.380 -3.112  -6.135  1.00 26.28 ? 26  HOH A O   1 
HETATM 1324 O O   . HOH E 3 .   ? -5.098  -14.500 4.483   1.00 18.94 ? 27  HOH A O   1 
HETATM 1325 O O   . HOH E 3 .   ? -4.567  -10.950 -4.890  1.00 19.86 ? 28  HOH A O   1 
HETATM 1326 O O   . HOH E 3 .   ? -12.841 7.236   0.484   1.00 26.28 ? 29  HOH A O   1 
HETATM 1327 O O   . HOH E 3 .   ? -20.435 -4.027  -4.793  1.00 24.49 ? 30  HOH A O   1 
HETATM 1328 O O   . HOH E 3 .   ? 5.313   -5.812  13.134  1.00 20.49 ? 31  HOH A O   1 
HETATM 1329 O O   . HOH E 3 .   ? 4.984   -2.005  -14.614 1.00 30.82 ? 32  HOH A O   1 
HETATM 1330 O O   . HOH E 3 .   ? 13.936  18.053  -5.886  1.00 25.40 ? 33  HOH A O   1 
HETATM 1331 O O   . HOH E 3 .   ? -5.160  10.106  2.541   1.00 32.02 ? 34  HOH A O   1 
HETATM 1332 O O   . HOH E 3 .   ? -6.403  9.042   13.771  1.00 28.75 ? 35  HOH A O   1 
HETATM 1333 O O   . HOH E 3 .   ? -2.330  1.021   -15.210 1.00 29.33 ? 36  HOH A O   1 
HETATM 1334 O O   . HOH E 3 .   ? -4.308  -11.381 9.825   1.00 27.02 ? 37  HOH A O   1 
HETATM 1335 O O   . HOH E 3 .   ? -13.018 4.764   -2.299  1.00 34.26 ? 38  HOH A O   1 
HETATM 1336 O O   . HOH E 3 .   ? -6.158  -16.934 3.266   1.00 22.20 ? 39  HOH A O   1 
HETATM 1337 O O   . HOH E 3 .   ? 0.598   -11.338 -6.196  1.00 29.80 ? 40  HOH A O   1 
HETATM 1338 O O   . HOH E 3 .   ? -10.053 -15.279 3.764   1.00 29.31 ? 41  HOH A O   1 
HETATM 1339 O O   . HOH E 3 .   ? 4.527   -2.957  7.026   1.00 20.58 ? 42  HOH A O   1 
HETATM 1340 O O   . HOH E 3 .   ? -9.157  -21.290 -12.318 1.00 31.90 ? 43  HOH A O   1 
HETATM 1341 O O   . HOH E 3 .   ? 1.816   9.463   19.039  1.00 26.08 ? 44  HOH A O   1 
HETATM 1342 O O   . HOH E 3 .   ? -13.066 -15.848 -11.389 1.00 31.95 ? 45  HOH A O   1 
HETATM 1343 O O   . HOH E 3 .   ? -11.249 -16.936 -2.470  1.00 38.68 ? 46  HOH A O   1 
HETATM 1344 O O   . HOH E 3 .   ? -18.415 -5.663  -6.431  1.00 34.09 ? 47  HOH A O   1 
HETATM 1345 O O   . HOH E 3 .   ? -11.418 4.874   -6.225  1.00 27.38 ? 48  HOH A O   1 
HETATM 1346 O O   . HOH E 3 .   ? 16.023  14.056  2.303   1.00 29.34 ? 49  HOH A O   1 
HETATM 1347 O O   . HOH E 3 .   ? 15.659  4.681   -8.976  1.00 33.67 ? 50  HOH A O   1 
HETATM 1348 O O   . HOH E 3 .   ? -9.332  0.987   -9.711  1.00 13.12 ? 256 HOH A O   1 
HETATM 1349 O O   . HOH E 3 .   ? -11.876 -15.652 1.728   1.00 17.89 ? 257 HOH A O   1 
HETATM 1350 O O   . HOH E 3 .   ? 6.762   -10.154 -15.679 1.00 23.49 ? 258 HOH A O   1 
# 
loop_
_pdbx_poly_seq_scheme.asym_id 
_pdbx_poly_seq_scheme.entity_id 
_pdbx_poly_seq_scheme.seq_id 
_pdbx_poly_seq_scheme.mon_id 
_pdbx_poly_seq_scheme.ndb_seq_num 
_pdbx_poly_seq_scheme.pdb_seq_num 
_pdbx_poly_seq_scheme.auth_seq_num 
_pdbx_poly_seq_scheme.pdb_mon_id 
_pdbx_poly_seq_scheme.auth_mon_id 
_pdbx_poly_seq_scheme.pdb_strand_id 
_pdbx_poly_seq_scheme.pdb_ins_code 
_pdbx_poly_seq_scheme.hetero 
A 1 1   MET 1   72  ?   ?   ?   A . n 
A 1 2   HIS 2   73  ?   ?   ?   A . n 
A 1 3   HIS 3   74  ?   ?   ?   A . n 
A 1 4   HIS 4   75  ?   ?   ?   A . n 
A 1 5   HIS 5   76  ?   ?   ?   A . n 
A 1 6   HIS 6   77  ?   ?   ?   A . n 
A 1 7   HIS 7   78  ?   ?   ?   A . n 
A 1 8   SER 8   79  ?   ?   ?   A . n 
A 1 9   SER 9   80  ?   ?   ?   A . n 
A 1 10  GLY 10  81  ?   ?   ?   A . n 
A 1 11  ARG 11  82  ?   ?   ?   A . n 
A 1 12  GLU 12  83  ?   ?   ?   A . n 
A 1 13  ASN 13  84  ?   ?   ?   A . n 
A 1 14  LEU 14  85  ?   ?   ?   A . n 
A 1 15  TYR 15  86  ?   ?   ?   A . n 
A 1 16  PHE 16  87  87  PHE PHE A . n 
A 1 17  GLN 17  88  88  GLN GLN A . n 
A 1 18  GLY 18  89  89  GLY GLY A . n 
A 1 19  PRO 19  90  90  PRO PRO A . n 
A 1 20  GLU 20  91  91  GLU GLU A . n 
A 1 21  LEU 21  92  92  LEU LEU A . n 
A 1 22  LYS 22  93  93  LYS LYS A . n 
A 1 23  VAL 23  94  94  VAL VAL A . n 
A 1 24  GLY 24  95  95  GLY GLY A . n 
A 1 25  ILE 25  96  96  ILE ILE A . n 
A 1 26  VAL 26  97  97  VAL VAL A . n 
A 1 27  GLY 27  98  98  GLY GLY A . n 
A 1 28  ASN 28  99  99  ASN ASN A . n 
A 1 29  LEU 29  100 100 LEU LEU A . n 
A 1 30  SER 30  101 101 SER SER A . n 
A 1 31  SER 31  102 102 SER SER A . n 
A 1 32  GLY 32  103 103 GLY GLY A . n 
A 1 33  LYS 33  104 104 LYS LYS A . n 
A 1 34  SER 34  105 105 SER SER A . n 
A 1 35  ALA 35  106 106 ALA ALA A . n 
A 1 36  LEU 36  107 107 LEU LEU A . n 
A 1 37  VAL 37  108 108 VAL VAL A . n 
A 1 38  HIS 38  109 109 HIS HIS A . n 
A 1 39  ARG 39  110 110 ARG ARG A . n 
A 1 40  TYR 40  111 111 TYR TYR A . n 
A 1 41  LEU 41  112 112 LEU LEU A . n 
A 1 42  THR 42  113 113 THR THR A . n 
A 1 43  GLY 43  114 114 GLY GLY A . n 
A 1 44  THR 44  115 115 THR THR A . n 
A 1 45  TYR 45  116 116 TYR TYR A . n 
A 1 46  VAL 46  117 117 VAL VAL A . n 
A 1 47  GLN 47  118 118 GLN GLN A . n 
A 1 48  GLU 48  119 119 GLU GLU A . n 
A 1 49  GLU 49  120 120 GLU GLU A . n 
A 1 50  SER 50  121 121 SER SER A . n 
A 1 51  PRO 51  122 122 PRO PRO A . n 
A 1 52  GLU 52  123 123 GLU GLU A . n 
A 1 53  GLY 53  124 124 GLY GLY A . n 
A 1 54  GLY 54  125 125 GLY GLY A . n 
A 1 55  ARG 55  126 126 ARG ARG A . n 
A 1 56  PHE 56  127 127 PHE PHE A . n 
A 1 57  LYS 57  128 128 LYS LYS A . n 
A 1 58  LYS 58  129 129 LYS LYS A . n 
A 1 59  GLU 59  130 130 GLU GLU A . n 
A 1 60  ILE 60  131 131 ILE ILE A . n 
A 1 61  VAL 61  132 132 VAL VAL A . n 
A 1 62  VAL 62  133 133 VAL VAL A . n 
A 1 63  ASP 63  134 134 ASP ASP A . n 
A 1 64  GLY 64  135 135 GLY GLY A . n 
A 1 65  GLN 65  136 136 GLN GLN A . n 
A 1 66  SER 66  137 137 SER SER A . n 
A 1 67  TYR 67  138 138 TYR TYR A . n 
A 1 68  LEU 68  139 139 LEU LEU A . n 
A 1 69  LEU 69  140 140 LEU LEU A . n 
A 1 70  LEU 70  141 141 LEU LEU A . n 
A 1 71  ILE 71  142 142 ILE ILE A . n 
A 1 72  ARG 72  143 143 ARG ARG A . n 
A 1 73  ASP 73  144 144 ASP ASP A . n 
A 1 74  GLU 74  145 145 GLU GLU A . n 
A 1 75  GLY 75  146 146 GLY GLY A . n 
A 1 76  GLY 76  147 147 GLY GLY A . n 
A 1 77  PRO 77  148 148 PRO PRO A . n 
A 1 78  PRO 78  149 149 PRO PRO A . n 
A 1 79  GLU 79  150 150 GLU GLU A . n 
A 1 80  LEU 80  151 151 LEU LEU A . n 
A 1 81  GLN 81  152 152 GLN GLN A . n 
A 1 82  PHE 82  153 153 PHE PHE A . n 
A 1 83  ALA 83  154 154 ALA ALA A . n 
A 1 84  ALA 84  155 155 ALA ALA A . n 
A 1 85  TRP 85  156 156 TRP TRP A . n 
A 1 86  VAL 86  157 157 VAL VAL A . n 
A 1 87  ASP 87  158 158 ASP ASP A . n 
A 1 88  ALA 88  159 159 ALA ALA A . n 
A 1 89  VAL 89  160 160 VAL VAL A . n 
A 1 90  VAL 90  161 161 VAL VAL A . n 
A 1 91  PHE 91  162 162 PHE PHE A . n 
A 1 92  VAL 92  163 163 VAL VAL A . n 
A 1 93  PHE 93  164 164 PHE PHE A . n 
A 1 94  SER 94  165 165 SER SER A . n 
A 1 95  LEU 95  166 166 LEU LEU A . n 
A 1 96  GLU 96  167 167 GLU GLU A . n 
A 1 97  ASP 97  168 168 ASP ASP A . n 
A 1 98  GLU 98  169 169 GLU GLU A . n 
A 1 99  ILE 99  170 170 ILE ILE A . n 
A 1 100 SER 100 171 171 SER SER A . n 
A 1 101 PHE 101 172 172 PHE PHE A . n 
A 1 102 GLN 102 173 173 GLN GLN A . n 
A 1 103 THR 103 174 174 THR THR A . n 
A 1 104 VAL 104 175 175 VAL VAL A . n 
A 1 105 TYR 105 176 176 TYR TYR A . n 
A 1 106 ASN 106 177 177 ASN ASN A . n 
A 1 107 TYR 107 178 178 TYR TYR A . n 
A 1 108 PHE 108 179 179 PHE PHE A . n 
A 1 109 LEU 109 180 180 LEU LEU A . n 
A 1 110 ARG 110 181 181 ARG ARG A . n 
A 1 111 LEU 111 182 182 LEU LEU A . n 
A 1 112 CYS 112 183 183 CYS CYS A . n 
A 1 113 SER 113 184 184 SER SER A . n 
A 1 114 PHE 114 185 185 PHE PHE A . n 
A 1 115 ARG 115 186 186 ARG ARG A . n 
A 1 116 ASN 116 187 187 ASN ASN A . n 
A 1 117 ALA 117 188 188 ALA ALA A . n 
A 1 118 SER 118 189 189 SER SER A . n 
A 1 119 GLU 119 190 190 GLU GLU A . n 
A 1 120 VAL 120 191 191 VAL VAL A . n 
A 1 121 PRO 121 192 192 PRO PRO A . n 
A 1 122 MET 122 193 193 MET MET A . n 
A 1 123 VAL 123 194 194 VAL VAL A . n 
A 1 124 LEU 124 195 195 LEU LEU A . n 
A 1 125 VAL 125 196 196 VAL VAL A . n 
A 1 126 GLY 126 197 197 GLY GLY A . n 
A 1 127 THR 127 198 198 THR THR A . n 
A 1 128 GLN 128 199 199 GLN GLN A . n 
A 1 129 ASP 129 200 200 ASP ASP A . n 
A 1 130 ALA 130 201 201 ALA ALA A . n 
A 1 131 ILE 131 202 202 ILE ILE A . n 
A 1 132 SER 132 203 203 SER SER A . n 
A 1 133 ALA 133 204 204 ALA ALA A . n 
A 1 134 ALA 134 205 205 ALA ALA A . n 
A 1 135 ASN 135 206 206 ASN ASN A . n 
A 1 136 PRO 136 207 207 PRO PRO A . n 
A 1 137 ARG 137 208 208 ARG ARG A . n 
A 1 138 VAL 138 209 209 VAL VAL A . n 
A 1 139 ILE 139 210 210 ILE ILE A . n 
A 1 140 ASP 140 211 211 ASP ASP A . n 
A 1 141 ASP 141 212 212 ASP ASP A . n 
A 1 142 SER 142 213 213 SER SER A . n 
A 1 143 ARG 143 214 214 ARG ARG A . n 
A 1 144 ALA 144 215 215 ALA ALA A . n 
A 1 145 ARG 145 216 216 ARG ARG A . n 
A 1 146 LYS 146 217 217 LYS LYS A . n 
A 1 147 LEU 147 218 218 LEU LEU A . n 
A 1 148 SER 148 219 219 SER SER A . n 
A 1 149 THR 149 220 220 THR THR A . n 
A 1 150 ASP 150 221 221 ASP ASP A . n 
A 1 151 LEU 151 222 222 LEU LEU A . n 
A 1 152 LYS 152 223 223 LYS LYS A . n 
A 1 153 ARG 153 224 224 ARG ARG A . n 
A 1 154 CYS 154 225 225 CYS CYS A . n 
A 1 155 THR 155 226 226 THR THR A . n 
A 1 156 TYR 156 227 227 TYR TYR A . n 
A 1 157 TYR 157 228 228 TYR TYR A . n 
A 1 158 GLU 158 229 229 GLU GLU A . n 
A 1 159 THR 159 230 230 THR THR A . n 
A 1 160 CYS 160 231 231 CYS CYS A . n 
A 1 161 ALA 161 232 232 ALA ALA A . n 
A 1 162 THR 162 233 233 THR THR A . n 
A 1 163 TYR 163 234 234 TYR TYR A . n 
A 1 164 GLY 164 235 235 GLY GLY A . n 
A 1 165 LEU 165 236 236 LEU LEU A . n 
A 1 166 ASN 166 237 237 ASN ASN A . n 
A 1 167 VAL 167 238 238 VAL VAL A . n 
A 1 168 GLU 168 239 239 GLU GLU A . n 
A 1 169 ARG 169 240 240 ARG ARG A . n 
A 1 170 VAL 170 241 241 VAL VAL A . n 
A 1 171 PHE 171 242 242 PHE PHE A . n 
A 1 172 GLN 172 243 243 GLN GLN A . n 
A 1 173 ASP 173 244 244 ASP ASP A . n 
A 1 174 VAL 174 245 245 VAL VAL A . n 
A 1 175 ALA 175 246 246 ALA ALA A . n 
A 1 176 GLN 176 247 247 GLN GLN A . n 
A 1 177 LYS 177 248 248 LYS LYS A . n 
A 1 178 VAL 178 249 249 VAL VAL A . n 
A 1 179 VAL 179 250 250 VAL VAL A . n 
A 1 180 ALA 180 251 251 ALA ALA A . n 
A 1 181 LEU 181 252 252 LEU LEU A . n 
A 1 182 ARG 182 253 253 ARG ARG A . n 
A 1 183 LYS 183 254 ?   ?   ?   A . n 
A 1 184 LYS 184 255 ?   ?   ?   A . n 
# 
_pdbx_SG_project.id                    1 
_pdbx_SG_project.project_name          ? 
_pdbx_SG_project.full_name_of_center   'Structural Genomics Consortium' 
_pdbx_SG_project.initial_of_center     SGC 
# 
loop_
_pdbx_nonpoly_scheme.asym_id 
_pdbx_nonpoly_scheme.entity_id 
_pdbx_nonpoly_scheme.mon_id 
_pdbx_nonpoly_scheme.ndb_seq_num 
_pdbx_nonpoly_scheme.pdb_seq_num 
_pdbx_nonpoly_scheme.auth_seq_num 
_pdbx_nonpoly_scheme.pdb_mon_id 
_pdbx_nonpoly_scheme.auth_mon_id 
_pdbx_nonpoly_scheme.pdb_strand_id 
_pdbx_nonpoly_scheme.pdb_ins_code 
B 2 UNX 1  1   1  UNX UNX A . 
C 2 UNX 1  2   2  UNX UNX A . 
D 2 UNX 1  3   3  UNX UNX A . 
E 3 HOH 1  4   4  HOH HOH A . 
E 3 HOH 2  5   5  HOH HOH A . 
E 3 HOH 3  6   6  HOH HOH A . 
E 3 HOH 4  7   7  HOH HOH A . 
E 3 HOH 5  8   8  HOH HOH A . 
E 3 HOH 6  9   9  HOH HOH A . 
E 3 HOH 7  10  10 HOH HOH A . 
E 3 HOH 8  11  11 HOH HOH A . 
E 3 HOH 9  12  12 HOH HOH A . 
E 3 HOH 10 13  13 HOH HOH A . 
E 3 HOH 11 14  14 HOH HOH A . 
E 3 HOH 12 15  15 HOH HOH A . 
E 3 HOH 13 16  16 HOH HOH A . 
E 3 HOH 14 17  17 HOH HOH A . 
E 3 HOH 15 18  18 HOH HOH A . 
E 3 HOH 16 19  19 HOH HOH A . 
E 3 HOH 17 20  20 HOH HOH A . 
E 3 HOH 18 21  21 HOH HOH A . 
E 3 HOH 19 22  22 HOH HOH A . 
E 3 HOH 20 23  23 HOH HOH A . 
E 3 HOH 21 24  24 HOH HOH A . 
E 3 HOH 22 25  25 HOH HOH A . 
E 3 HOH 23 26  26 HOH HOH A . 
E 3 HOH 24 27  27 HOH HOH A . 
E 3 HOH 25 28  28 HOH HOH A . 
E 3 HOH 26 29  29 HOH HOH A . 
E 3 HOH 27 30  30 HOH HOH A . 
E 3 HOH 28 31  31 HOH HOH A . 
E 3 HOH 29 32  32 HOH HOH A . 
E 3 HOH 30 33  33 HOH HOH A . 
E 3 HOH 31 34  34 HOH HOH A . 
E 3 HOH 32 35  35 HOH HOH A . 
E 3 HOH 33 36  36 HOH HOH A . 
E 3 HOH 34 37  37 HOH HOH A . 
E 3 HOH 35 38  38 HOH HOH A . 
E 3 HOH 36 39  39 HOH HOH A . 
E 3 HOH 37 40  40 HOH HOH A . 
E 3 HOH 38 41  41 HOH HOH A . 
E 3 HOH 39 42  42 HOH HOH A . 
E 3 HOH 40 43  43 HOH HOH A . 
E 3 HOH 41 44  44 HOH HOH A . 
E 3 HOH 42 45  45 HOH HOH A . 
E 3 HOH 43 46  46 HOH HOH A . 
E 3 HOH 44 47  47 HOH HOH A . 
E 3 HOH 45 48  48 HOH HOH A . 
E 3 HOH 46 49  49 HOH HOH A . 
E 3 HOH 47 50  50 HOH HOH A . 
E 3 HOH 48 256 1  HOH HOH A . 
E 3 HOH 49 257 2  HOH HOH A . 
E 3 HOH 50 258 3  HOH HOH A . 
# 
_pdbx_struct_assembly.id                   1 
_pdbx_struct_assembly.details              software_defined_assembly 
_pdbx_struct_assembly.method_details       PISA 
_pdbx_struct_assembly.oligomeric_details   monomeric 
_pdbx_struct_assembly.oligomeric_count     1 
# 
_pdbx_struct_assembly_gen.assembly_id       1 
_pdbx_struct_assembly_gen.oper_expression   1 
_pdbx_struct_assembly_gen.asym_id_list      A,B,C,D,E 
# 
_pdbx_struct_oper_list.id                   1 
_pdbx_struct_oper_list.type                 'identity operation' 
_pdbx_struct_oper_list.name                 1_555 
_pdbx_struct_oper_list.symmetry_operation   x,y,z 
_pdbx_struct_oper_list.matrix[1][1]         1.0000000000 
_pdbx_struct_oper_list.matrix[1][2]         0.0000000000 
_pdbx_struct_oper_list.matrix[1][3]         0.0000000000 
_pdbx_struct_oper_list.vector[1]            0.0000000000 
_pdbx_struct_oper_list.matrix[2][1]         0.0000000000 
_pdbx_struct_oper_list.matrix[2][2]         1.0000000000 
_pdbx_struct_oper_list.matrix[2][3]         0.0000000000 
_pdbx_struct_oper_list.vector[2]            0.0000000000 
_pdbx_struct_oper_list.matrix[3][1]         0.0000000000 
_pdbx_struct_oper_list.matrix[3][2]         0.0000000000 
_pdbx_struct_oper_list.matrix[3][3]         1.0000000000 
_pdbx_struct_oper_list.vector[3]            0.0000000000 
# 
loop_
_pdbx_audit_revision_history.ordinal 
_pdbx_audit_revision_history.data_content_type 
_pdbx_audit_revision_history.major_revision 
_pdbx_audit_revision_history.minor_revision 
_pdbx_audit_revision_history.revision_date 
1 'Structure model' 1 0 2009-08-11 
2 'Structure model' 1 1 2011-07-13 
3 'Structure model' 1 2 2017-11-01 
4 'Structure model' 1 3 2020-10-21 
5 'Structure model' 1 4 2023-09-06 
# 
_pdbx_audit_revision_details.ordinal             1 
_pdbx_audit_revision_details.revision_ordinal    1 
_pdbx_audit_revision_details.data_content_type   'Structure model' 
_pdbx_audit_revision_details.provider            repository 
_pdbx_audit_revision_details.type                'Initial release' 
_pdbx_audit_revision_details.description         ? 
_pdbx_audit_revision_details.details             ? 
# 
loop_
_pdbx_audit_revision_group.ordinal 
_pdbx_audit_revision_group.revision_ordinal 
_pdbx_audit_revision_group.data_content_type 
_pdbx_audit_revision_group.group 
1 2 'Structure model' 'Version format compliance' 
2 3 'Structure model' 'Refinement description'    
3 4 'Structure model' 'Data collection'           
4 4 'Structure model' 'Database references'       
5 5 'Structure model' 'Data collection'           
6 5 'Structure model' 'Database references'       
7 5 'Structure model' 'Refinement description'    
# 
loop_
_pdbx_audit_revision_category.ordinal 
_pdbx_audit_revision_category.revision_ordinal 
_pdbx_audit_revision_category.data_content_type 
_pdbx_audit_revision_category.category 
1 3 'Structure model' software                      
2 4 'Structure model' diffrn_source                 
3 4 'Structure model' phasing                       
4 4 'Structure model' struct_ref_seq_dif            
5 5 'Structure model' chem_comp_atom                
6 5 'Structure model' chem_comp_bond                
7 5 'Structure model' database_2                    
8 5 'Structure model' pdbx_initial_refinement_model 
# 
loop_
_pdbx_audit_revision_item.ordinal 
_pdbx_audit_revision_item.revision_ordinal 
_pdbx_audit_revision_item.data_content_type 
_pdbx_audit_revision_item.item 
1 4 'Structure model' '_diffrn_source.type'                 
2 4 'Structure model' '_struct_ref_seq_dif.details'         
3 5 'Structure model' '_database_2.pdbx_DOI'                
4 5 'Structure model' '_database_2.pdbx_database_accession' 
# 
_phasing.method   MR 
# 
loop_
_software.name 
_software.version 
_software.date 
_software.type 
_software.contact_author 
_software.contact_author_email 
_software.classification 
_software.location 
_software.language 
_software.citation_id 
_software.pdbx_ordinal 
DENZO       .        ?                    package 'Zbyszek Otwinowski' zbyszek@mix.swmed.edu       'data reduction'  
http://www.lnls.br/infra/linhasluz/denzo-hkl.htm ?          ? 1 
SCALEPACK   .        ?                    package 'Zbyszek Otwinowski' zbyszek@mix.swmed.edu       'data scaling'    
http://www.lnls.br/infra/linhasluz/denzo-hkl.htm ?          ? 2 
PHASER      .        ?                    other   'R. J. Read'         cimr-phaser@lists.cam.ac.uk phasing           
http://www-structmed.cimr.cam.ac.uk/phaser/      ?          ? 3 
REFMAC      5.5.0102 ?                    program 'Murshudov, G.N.'    ccp4@dl.ac.uk               refinement        
http://www.ccp4.ac.uk/main.html                  Fortran_77 ? 4 
PDB_EXTRACT 3.005    'September 10, 2007' package PDB                  sw-help@rcsb.rutgers.edu    'data extraction' 
http://pdb.rutgers.edu/software/                 C++        ? 5 
HKL-2000    .        ?                    ?       ?                    ?                           'data reduction'  ? ?          
? 6 
HKL-2000    .        ?                    ?       ?                    ?                           'data scaling'    ? ?          
? 7 
# 
_pdbx_validate_rmsd_angle.id                         1 
_pdbx_validate_rmsd_angle.PDB_model_num              1 
_pdbx_validate_rmsd_angle.auth_atom_id_1             NE 
_pdbx_validate_rmsd_angle.auth_asym_id_1             A 
_pdbx_validate_rmsd_angle.auth_comp_id_1             ARG 
_pdbx_validate_rmsd_angle.auth_seq_id_1              208 
_pdbx_validate_rmsd_angle.PDB_ins_code_1             ? 
_pdbx_validate_rmsd_angle.label_alt_id_1             ? 
_pdbx_validate_rmsd_angle.auth_atom_id_2             CZ 
_pdbx_validate_rmsd_angle.auth_asym_id_2             A 
_pdbx_validate_rmsd_angle.auth_comp_id_2             ARG 
_pdbx_validate_rmsd_angle.auth_seq_id_2              208 
_pdbx_validate_rmsd_angle.PDB_ins_code_2             ? 
_pdbx_validate_rmsd_angle.label_alt_id_2             ? 
_pdbx_validate_rmsd_angle.auth_atom_id_3             NH1 
_pdbx_validate_rmsd_angle.auth_asym_id_3             A 
_pdbx_validate_rmsd_angle.auth_comp_id_3             ARG 
_pdbx_validate_rmsd_angle.auth_seq_id_3              208 
_pdbx_validate_rmsd_angle.PDB_ins_code_3             ? 
_pdbx_validate_rmsd_angle.label_alt_id_3             ? 
_pdbx_validate_rmsd_angle.angle_value                123.44 
_pdbx_validate_rmsd_angle.angle_target_value         120.30 
_pdbx_validate_rmsd_angle.angle_deviation            3.14 
_pdbx_validate_rmsd_angle.angle_standard_deviation   0.50 
_pdbx_validate_rmsd_angle.linker_flag                N 
# 
loop_
_pdbx_validate_torsion.id 
_pdbx_validate_torsion.PDB_model_num 
_pdbx_validate_torsion.auth_comp_id 
_pdbx_validate_torsion.auth_asym_id 
_pdbx_validate_torsion.auth_seq_id 
_pdbx_validate_torsion.PDB_ins_code 
_pdbx_validate_torsion.label_alt_id 
_pdbx_validate_torsion.phi 
_pdbx_validate_torsion.psi 
1 1 LEU A 222 ? ? -80.26 49.74 
2 1 ASN A 237 ? ? 53.09  8.41  
# 
loop_
_pdbx_unobs_or_zero_occ_atoms.id 
_pdbx_unobs_or_zero_occ_atoms.PDB_model_num 
_pdbx_unobs_or_zero_occ_atoms.polymer_flag 
_pdbx_unobs_or_zero_occ_atoms.occupancy_flag 
_pdbx_unobs_or_zero_occ_atoms.auth_asym_id 
_pdbx_unobs_or_zero_occ_atoms.auth_comp_id 
_pdbx_unobs_or_zero_occ_atoms.auth_seq_id 
_pdbx_unobs_or_zero_occ_atoms.PDB_ins_code 
_pdbx_unobs_or_zero_occ_atoms.auth_atom_id 
_pdbx_unobs_or_zero_occ_atoms.label_alt_id 
_pdbx_unobs_or_zero_occ_atoms.label_asym_id 
_pdbx_unobs_or_zero_occ_atoms.label_comp_id 
_pdbx_unobs_or_zero_occ_atoms.label_seq_id 
_pdbx_unobs_or_zero_occ_atoms.label_atom_id 
1  1 Y 1 A PHE 87  ? CG  ? A PHE 16  CG  
2  1 Y 1 A PHE 87  ? CD1 ? A PHE 16  CD1 
3  1 Y 1 A PHE 87  ? CD2 ? A PHE 16  CD2 
4  1 Y 1 A PHE 87  ? CE1 ? A PHE 16  CE1 
5  1 Y 1 A PHE 87  ? CE2 ? A PHE 16  CE2 
6  1 Y 1 A PHE 87  ? CZ  ? A PHE 16  CZ  
7  1 Y 1 A GLN 88  ? CG  ? A GLN 17  CG  
8  1 Y 1 A GLN 88  ? CD  ? A GLN 17  CD  
9  1 Y 1 A GLN 88  ? OE1 ? A GLN 17  OE1 
10 1 Y 1 A GLN 88  ? NE2 ? A GLN 17  NE2 
11 1 Y 1 A GLU 119 ? CG  ? A GLU 48  CG  
12 1 Y 1 A GLU 119 ? CD  ? A GLU 48  CD  
13 1 Y 1 A GLU 119 ? OE1 ? A GLU 48  OE1 
14 1 Y 1 A GLU 119 ? OE2 ? A GLU 48  OE2 
15 1 Y 1 A GLU 123 ? CG  ? A GLU 52  CG  
16 1 Y 1 A GLU 123 ? CD  ? A GLU 52  CD  
17 1 Y 1 A GLU 123 ? OE1 ? A GLU 52  OE1 
18 1 Y 1 A GLU 123 ? OE2 ? A GLU 52  OE2 
19 1 Y 1 A ARG 181 ? CD  ? A ARG 110 CD  
20 1 Y 1 A ARG 181 ? NE  ? A ARG 110 NE  
21 1 Y 1 A ARG 181 ? CZ  ? A ARG 110 CZ  
22 1 Y 1 A ARG 181 ? NH1 ? A ARG 110 NH1 
23 1 Y 1 A ARG 181 ? NH2 ? A ARG 110 NH2 
24 1 Y 1 A LYS 223 ? CD  ? A LYS 152 CD  
25 1 Y 1 A LYS 223 ? CE  ? A LYS 152 CE  
26 1 Y 1 A LYS 223 ? NZ  ? A LYS 152 NZ  
27 1 Y 1 A ARG 224 ? CD  ? A ARG 153 CD  
28 1 Y 1 A ARG 224 ? NE  ? A ARG 153 NE  
29 1 Y 1 A ARG 224 ? CZ  ? A ARG 153 CZ  
30 1 Y 1 A ARG 224 ? NH1 ? A ARG 153 NH1 
31 1 Y 1 A ARG 224 ? NH2 ? A ARG 153 NH2 
32 1 Y 1 A ARG 240 ? CG  ? A ARG 169 CG  
33 1 Y 1 A ARG 240 ? CD  ? A ARG 169 CD  
34 1 Y 1 A ARG 240 ? NE  ? A ARG 169 NE  
35 1 Y 1 A ARG 240 ? CZ  ? A ARG 169 CZ  
36 1 Y 1 A ARG 240 ? NH1 ? A ARG 169 NH1 
37 1 Y 1 A ARG 240 ? NH2 ? A ARG 169 NH2 
38 1 Y 1 A LEU 252 ? CG  ? A LEU 181 CG  
39 1 Y 1 A LEU 252 ? CD1 ? A LEU 181 CD1 
40 1 Y 1 A LEU 252 ? CD2 ? A LEU 181 CD2 
# 
loop_
_pdbx_unobs_or_zero_occ_residues.id 
_pdbx_unobs_or_zero_occ_residues.PDB_model_num 
_pdbx_unobs_or_zero_occ_residues.polymer_flag 
_pdbx_unobs_or_zero_occ_residues.occupancy_flag 
_pdbx_unobs_or_zero_occ_residues.auth_asym_id 
_pdbx_unobs_or_zero_occ_residues.auth_comp_id 
_pdbx_unobs_or_zero_occ_residues.auth_seq_id 
_pdbx_unobs_or_zero_occ_residues.PDB_ins_code 
_pdbx_unobs_or_zero_occ_residues.label_asym_id 
_pdbx_unobs_or_zero_occ_residues.label_comp_id 
_pdbx_unobs_or_zero_occ_residues.label_seq_id 
1  1 Y 1 A MET 72  ? A MET 1   
2  1 Y 1 A HIS 73  ? A HIS 2   
3  1 Y 1 A HIS 74  ? A HIS 3   
4  1 Y 1 A HIS 75  ? A HIS 4   
5  1 Y 1 A HIS 76  ? A HIS 5   
6  1 Y 1 A HIS 77  ? A HIS 6   
7  1 Y 1 A HIS 78  ? A HIS 7   
8  1 Y 1 A SER 79  ? A SER 8   
9  1 Y 1 A SER 80  ? A SER 9   
10 1 Y 1 A GLY 81  ? A GLY 10  
11 1 Y 1 A ARG 82  ? A ARG 11  
12 1 Y 1 A GLU 83  ? A GLU 12  
13 1 Y 1 A ASN 84  ? A ASN 13  
14 1 Y 1 A LEU 85  ? A LEU 14  
15 1 Y 1 A TYR 86  ? A TYR 15  
16 1 Y 1 A LYS 254 ? A LYS 183 
17 1 Y 1 A LYS 255 ? A LYS 184 
# 
loop_
_chem_comp_atom.comp_id 
_chem_comp_atom.atom_id 
_chem_comp_atom.type_symbol 
_chem_comp_atom.pdbx_aromatic_flag 
_chem_comp_atom.pdbx_stereo_config 
_chem_comp_atom.pdbx_ordinal 
ALA N    N N N 1   
ALA CA   C N S 2   
ALA C    C N N 3   
ALA O    O N N 4   
ALA CB   C N N 5   
ALA OXT  O N N 6   
ALA H    H N N 7   
ALA H2   H N N 8   
ALA HA   H N N 9   
ALA HB1  H N N 10  
ALA HB2  H N N 11  
ALA HB3  H N N 12  
ALA HXT  H N N 13  
ARG N    N N N 14  
ARG CA   C N S 15  
ARG C    C N N 16  
ARG O    O N N 17  
ARG CB   C N N 18  
ARG CG   C N N 19  
ARG CD   C N N 20  
ARG NE   N N N 21  
ARG CZ   C N N 22  
ARG NH1  N N N 23  
ARG NH2  N N N 24  
ARG OXT  O N N 25  
ARG H    H N N 26  
ARG H2   H N N 27  
ARG HA   H N N 28  
ARG HB2  H N N 29  
ARG HB3  H N N 30  
ARG HG2  H N N 31  
ARG HG3  H N N 32  
ARG HD2  H N N 33  
ARG HD3  H N N 34  
ARG HE   H N N 35  
ARG HH11 H N N 36  
ARG HH12 H N N 37  
ARG HH21 H N N 38  
ARG HH22 H N N 39  
ARG HXT  H N N 40  
ASN N    N N N 41  
ASN CA   C N S 42  
ASN C    C N N 43  
ASN O    O N N 44  
ASN CB   C N N 45  
ASN CG   C N N 46  
ASN OD1  O N N 47  
ASN ND2  N N N 48  
ASN OXT  O N N 49  
ASN H    H N N 50  
ASN H2   H N N 51  
ASN HA   H N N 52  
ASN HB2  H N N 53  
ASN HB3  H N N 54  
ASN HD21 H N N 55  
ASN HD22 H N N 56  
ASN HXT  H N N 57  
ASP N    N N N 58  
ASP CA   C N S 59  
ASP C    C N N 60  
ASP O    O N N 61  
ASP CB   C N N 62  
ASP CG   C N N 63  
ASP OD1  O N N 64  
ASP OD2  O N N 65  
ASP OXT  O N N 66  
ASP H    H N N 67  
ASP H2   H N N 68  
ASP HA   H N N 69  
ASP HB2  H N N 70  
ASP HB3  H N N 71  
ASP HD2  H N N 72  
ASP HXT  H N N 73  
CYS N    N N N 74  
CYS CA   C N R 75  
CYS C    C N N 76  
CYS O    O N N 77  
CYS CB   C N N 78  
CYS SG   S N N 79  
CYS OXT  O N N 80  
CYS H    H N N 81  
CYS H2   H N N 82  
CYS HA   H N N 83  
CYS HB2  H N N 84  
CYS HB3  H N N 85  
CYS HG   H N N 86  
CYS HXT  H N N 87  
GLN N    N N N 88  
GLN CA   C N S 89  
GLN C    C N N 90  
GLN O    O N N 91  
GLN CB   C N N 92  
GLN CG   C N N 93  
GLN CD   C N N 94  
GLN OE1  O N N 95  
GLN NE2  N N N 96  
GLN OXT  O N N 97  
GLN H    H N N 98  
GLN H2   H N N 99  
GLN HA   H N N 100 
GLN HB2  H N N 101 
GLN HB3  H N N 102 
GLN HG2  H N N 103 
GLN HG3  H N N 104 
GLN HE21 H N N 105 
GLN HE22 H N N 106 
GLN HXT  H N N 107 
GLU N    N N N 108 
GLU CA   C N S 109 
GLU C    C N N 110 
GLU O    O N N 111 
GLU CB   C N N 112 
GLU CG   C N N 113 
GLU CD   C N N 114 
GLU OE1  O N N 115 
GLU OE2  O N N 116 
GLU OXT  O N N 117 
GLU H    H N N 118 
GLU H2   H N N 119 
GLU HA   H N N 120 
GLU HB2  H N N 121 
GLU HB3  H N N 122 
GLU HG2  H N N 123 
GLU HG3  H N N 124 
GLU HE2  H N N 125 
GLU HXT  H N N 126 
GLY N    N N N 127 
GLY CA   C N N 128 
GLY C    C N N 129 
GLY O    O N N 130 
GLY OXT  O N N 131 
GLY H    H N N 132 
GLY H2   H N N 133 
GLY HA2  H N N 134 
GLY HA3  H N N 135 
GLY HXT  H N N 136 
HIS N    N N N 137 
HIS CA   C N S 138 
HIS C    C N N 139 
HIS O    O N N 140 
HIS CB   C N N 141 
HIS CG   C Y N 142 
HIS ND1  N Y N 143 
HIS CD2  C Y N 144 
HIS CE1  C Y N 145 
HIS NE2  N Y N 146 
HIS OXT  O N N 147 
HIS H    H N N 148 
HIS H2   H N N 149 
HIS HA   H N N 150 
HIS HB2  H N N 151 
HIS HB3  H N N 152 
HIS HD1  H N N 153 
HIS HD2  H N N 154 
HIS HE1  H N N 155 
HIS HE2  H N N 156 
HIS HXT  H N N 157 
HOH O    O N N 158 
HOH H1   H N N 159 
HOH H2   H N N 160 
ILE N    N N N 161 
ILE CA   C N S 162 
ILE C    C N N 163 
ILE O    O N N 164 
ILE CB   C N S 165 
ILE CG1  C N N 166 
ILE CG2  C N N 167 
ILE CD1  C N N 168 
ILE OXT  O N N 169 
ILE H    H N N 170 
ILE H2   H N N 171 
ILE HA   H N N 172 
ILE HB   H N N 173 
ILE HG12 H N N 174 
ILE HG13 H N N 175 
ILE HG21 H N N 176 
ILE HG22 H N N 177 
ILE HG23 H N N 178 
ILE HD11 H N N 179 
ILE HD12 H N N 180 
ILE HD13 H N N 181 
ILE HXT  H N N 182 
LEU N    N N N 183 
LEU CA   C N S 184 
LEU C    C N N 185 
LEU O    O N N 186 
LEU CB   C N N 187 
LEU CG   C N N 188 
LEU CD1  C N N 189 
LEU CD2  C N N 190 
LEU OXT  O N N 191 
LEU H    H N N 192 
LEU H2   H N N 193 
LEU HA   H N N 194 
LEU HB2  H N N 195 
LEU HB3  H N N 196 
LEU HG   H N N 197 
LEU HD11 H N N 198 
LEU HD12 H N N 199 
LEU HD13 H N N 200 
LEU HD21 H N N 201 
LEU HD22 H N N 202 
LEU HD23 H N N 203 
LEU HXT  H N N 204 
LYS N    N N N 205 
LYS CA   C N S 206 
LYS C    C N N 207 
LYS O    O N N 208 
LYS CB   C N N 209 
LYS CG   C N N 210 
LYS CD   C N N 211 
LYS CE   C N N 212 
LYS NZ   N N N 213 
LYS OXT  O N N 214 
LYS H    H N N 215 
LYS H2   H N N 216 
LYS HA   H N N 217 
LYS HB2  H N N 218 
LYS HB3  H N N 219 
LYS HG2  H N N 220 
LYS HG3  H N N 221 
LYS HD2  H N N 222 
LYS HD3  H N N 223 
LYS HE2  H N N 224 
LYS HE3  H N N 225 
LYS HZ1  H N N 226 
LYS HZ2  H N N 227 
LYS HZ3  H N N 228 
LYS HXT  H N N 229 
MET N    N N N 230 
MET CA   C N S 231 
MET C    C N N 232 
MET O    O N N 233 
MET CB   C N N 234 
MET CG   C N N 235 
MET SD   S N N 236 
MET CE   C N N 237 
MET OXT  O N N 238 
MET H    H N N 239 
MET H2   H N N 240 
MET HA   H N N 241 
MET HB2  H N N 242 
MET HB3  H N N 243 
MET HG2  H N N 244 
MET HG3  H N N 245 
MET HE1  H N N 246 
MET HE2  H N N 247 
MET HE3  H N N 248 
MET HXT  H N N 249 
PHE N    N N N 250 
PHE CA   C N S 251 
PHE C    C N N 252 
PHE O    O N N 253 
PHE CB   C N N 254 
PHE CG   C Y N 255 
PHE CD1  C Y N 256 
PHE CD2  C Y N 257 
PHE CE1  C Y N 258 
PHE CE2  C Y N 259 
PHE CZ   C Y N 260 
PHE OXT  O N N 261 
PHE H    H N N 262 
PHE H2   H N N 263 
PHE HA   H N N 264 
PHE HB2  H N N 265 
PHE HB3  H N N 266 
PHE HD1  H N N 267 
PHE HD2  H N N 268 
PHE HE1  H N N 269 
PHE HE2  H N N 270 
PHE HZ   H N N 271 
PHE HXT  H N N 272 
PRO N    N N N 273 
PRO CA   C N S 274 
PRO C    C N N 275 
PRO O    O N N 276 
PRO CB   C N N 277 
PRO CG   C N N 278 
PRO CD   C N N 279 
PRO OXT  O N N 280 
PRO H    H N N 281 
PRO HA   H N N 282 
PRO HB2  H N N 283 
PRO HB3  H N N 284 
PRO HG2  H N N 285 
PRO HG3  H N N 286 
PRO HD2  H N N 287 
PRO HD3  H N N 288 
PRO HXT  H N N 289 
SER N    N N N 290 
SER CA   C N S 291 
SER C    C N N 292 
SER O    O N N 293 
SER CB   C N N 294 
SER OG   O N N 295 
SER OXT  O N N 296 
SER H    H N N 297 
SER H2   H N N 298 
SER HA   H N N 299 
SER HB2  H N N 300 
SER HB3  H N N 301 
SER HG   H N N 302 
SER HXT  H N N 303 
THR N    N N N 304 
THR CA   C N S 305 
THR C    C N N 306 
THR O    O N N 307 
THR CB   C N R 308 
THR OG1  O N N 309 
THR CG2  C N N 310 
THR OXT  O N N 311 
THR H    H N N 312 
THR H2   H N N 313 
THR HA   H N N 314 
THR HB   H N N 315 
THR HG1  H N N 316 
THR HG21 H N N 317 
THR HG22 H N N 318 
THR HG23 H N N 319 
THR HXT  H N N 320 
TRP N    N N N 321 
TRP CA   C N S 322 
TRP C    C N N 323 
TRP O    O N N 324 
TRP CB   C N N 325 
TRP CG   C Y N 326 
TRP CD1  C Y N 327 
TRP CD2  C Y N 328 
TRP NE1  N Y N 329 
TRP CE2  C Y N 330 
TRP CE3  C Y N 331 
TRP CZ2  C Y N 332 
TRP CZ3  C Y N 333 
TRP CH2  C Y N 334 
TRP OXT  O N N 335 
TRP H    H N N 336 
TRP H2   H N N 337 
TRP HA   H N N 338 
TRP HB2  H N N 339 
TRP HB3  H N N 340 
TRP HD1  H N N 341 
TRP HE1  H N N 342 
TRP HE3  H N N 343 
TRP HZ2  H N N 344 
TRP HZ3  H N N 345 
TRP HH2  H N N 346 
TRP HXT  H N N 347 
TYR N    N N N 348 
TYR CA   C N S 349 
TYR C    C N N 350 
TYR O    O N N 351 
TYR CB   C N N 352 
TYR CG   C Y N 353 
TYR CD1  C Y N 354 
TYR CD2  C Y N 355 
TYR CE1  C Y N 356 
TYR CE2  C Y N 357 
TYR CZ   C Y N 358 
TYR OH   O N N 359 
TYR OXT  O N N 360 
TYR H    H N N 361 
TYR H2   H N N 362 
TYR HA   H N N 363 
TYR HB2  H N N 364 
TYR HB3  H N N 365 
TYR HD1  H N N 366 
TYR HD2  H N N 367 
TYR HE1  H N N 368 
TYR HE2  H N N 369 
TYR HH   H N N 370 
TYR HXT  H N N 371 
VAL N    N N N 372 
VAL CA   C N S 373 
VAL C    C N N 374 
VAL O    O N N 375 
VAL CB   C N N 376 
VAL CG1  C N N 377 
VAL CG2  C N N 378 
VAL OXT  O N N 379 
VAL H    H N N 380 
VAL H2   H N N 381 
VAL HA   H N N 382 
VAL HB   H N N 383 
VAL HG11 H N N 384 
VAL HG12 H N N 385 
VAL HG13 H N N 386 
VAL HG21 H N N 387 
VAL HG22 H N N 388 
VAL HG23 H N N 389 
VAL HXT  H N N 390 
# 
loop_
_chem_comp_bond.comp_id 
_chem_comp_bond.atom_id_1 
_chem_comp_bond.atom_id_2 
_chem_comp_bond.value_order 
_chem_comp_bond.pdbx_aromatic_flag 
_chem_comp_bond.pdbx_stereo_config 
_chem_comp_bond.pdbx_ordinal 
ALA N   CA   sing N N 1   
ALA N   H    sing N N 2   
ALA N   H2   sing N N 3   
ALA CA  C    sing N N 4   
ALA CA  CB   sing N N 5   
ALA CA  HA   sing N N 6   
ALA C   O    doub N N 7   
ALA C   OXT  sing N N 8   
ALA CB  HB1  sing N N 9   
ALA CB  HB2  sing N N 10  
ALA CB  HB3  sing N N 11  
ALA OXT HXT  sing N N 12  
ARG N   CA   sing N N 13  
ARG N   H    sing N N 14  
ARG N   H2   sing N N 15  
ARG CA  C    sing N N 16  
ARG CA  CB   sing N N 17  
ARG CA  HA   sing N N 18  
ARG C   O    doub N N 19  
ARG C   OXT  sing N N 20  
ARG CB  CG   sing N N 21  
ARG CB  HB2  sing N N 22  
ARG CB  HB3  sing N N 23  
ARG CG  CD   sing N N 24  
ARG CG  HG2  sing N N 25  
ARG CG  HG3  sing N N 26  
ARG CD  NE   sing N N 27  
ARG CD  HD2  sing N N 28  
ARG CD  HD3  sing N N 29  
ARG NE  CZ   sing N N 30  
ARG NE  HE   sing N N 31  
ARG CZ  NH1  sing N N 32  
ARG CZ  NH2  doub N N 33  
ARG NH1 HH11 sing N N 34  
ARG NH1 HH12 sing N N 35  
ARG NH2 HH21 sing N N 36  
ARG NH2 HH22 sing N N 37  
ARG OXT HXT  sing N N 38  
ASN N   CA   sing N N 39  
ASN N   H    sing N N 40  
ASN N   H2   sing N N 41  
ASN CA  C    sing N N 42  
ASN CA  CB   sing N N 43  
ASN CA  HA   sing N N 44  
ASN C   O    doub N N 45  
ASN C   OXT  sing N N 46  
ASN CB  CG   sing N N 47  
ASN CB  HB2  sing N N 48  
ASN CB  HB3  sing N N 49  
ASN CG  OD1  doub N N 50  
ASN CG  ND2  sing N N 51  
ASN ND2 HD21 sing N N 52  
ASN ND2 HD22 sing N N 53  
ASN OXT HXT  sing N N 54  
ASP N   CA   sing N N 55  
ASP N   H    sing N N 56  
ASP N   H2   sing N N 57  
ASP CA  C    sing N N 58  
ASP CA  CB   sing N N 59  
ASP CA  HA   sing N N 60  
ASP C   O    doub N N 61  
ASP C   OXT  sing N N 62  
ASP CB  CG   sing N N 63  
ASP CB  HB2  sing N N 64  
ASP CB  HB3  sing N N 65  
ASP CG  OD1  doub N N 66  
ASP CG  OD2  sing N N 67  
ASP OD2 HD2  sing N N 68  
ASP OXT HXT  sing N N 69  
CYS N   CA   sing N N 70  
CYS N   H    sing N N 71  
CYS N   H2   sing N N 72  
CYS CA  C    sing N N 73  
CYS CA  CB   sing N N 74  
CYS CA  HA   sing N N 75  
CYS C   O    doub N N 76  
CYS C   OXT  sing N N 77  
CYS CB  SG   sing N N 78  
CYS CB  HB2  sing N N 79  
CYS CB  HB3  sing N N 80  
CYS SG  HG   sing N N 81  
CYS OXT HXT  sing N N 82  
GLN N   CA   sing N N 83  
GLN N   H    sing N N 84  
GLN N   H2   sing N N 85  
GLN CA  C    sing N N 86  
GLN CA  CB   sing N N 87  
GLN CA  HA   sing N N 88  
GLN C   O    doub N N 89  
GLN C   OXT  sing N N 90  
GLN CB  CG   sing N N 91  
GLN CB  HB2  sing N N 92  
GLN CB  HB3  sing N N 93  
GLN CG  CD   sing N N 94  
GLN CG  HG2  sing N N 95  
GLN CG  HG3  sing N N 96  
GLN CD  OE1  doub N N 97  
GLN CD  NE2  sing N N 98  
GLN NE2 HE21 sing N N 99  
GLN NE2 HE22 sing N N 100 
GLN OXT HXT  sing N N 101 
GLU N   CA   sing N N 102 
GLU N   H    sing N N 103 
GLU N   H2   sing N N 104 
GLU CA  C    sing N N 105 
GLU CA  CB   sing N N 106 
GLU CA  HA   sing N N 107 
GLU C   O    doub N N 108 
GLU C   OXT  sing N N 109 
GLU CB  CG   sing N N 110 
GLU CB  HB2  sing N N 111 
GLU CB  HB3  sing N N 112 
GLU CG  CD   sing N N 113 
GLU CG  HG2  sing N N 114 
GLU CG  HG3  sing N N 115 
GLU CD  OE1  doub N N 116 
GLU CD  OE2  sing N N 117 
GLU OE2 HE2  sing N N 118 
GLU OXT HXT  sing N N 119 
GLY N   CA   sing N N 120 
GLY N   H    sing N N 121 
GLY N   H2   sing N N 122 
GLY CA  C    sing N N 123 
GLY CA  HA2  sing N N 124 
GLY CA  HA3  sing N N 125 
GLY C   O    doub N N 126 
GLY C   OXT  sing N N 127 
GLY OXT HXT  sing N N 128 
HIS N   CA   sing N N 129 
HIS N   H    sing N N 130 
HIS N   H2   sing N N 131 
HIS CA  C    sing N N 132 
HIS CA  CB   sing N N 133 
HIS CA  HA   sing N N 134 
HIS C   O    doub N N 135 
HIS C   OXT  sing N N 136 
HIS CB  CG   sing N N 137 
HIS CB  HB2  sing N N 138 
HIS CB  HB3  sing N N 139 
HIS CG  ND1  sing Y N 140 
HIS CG  CD2  doub Y N 141 
HIS ND1 CE1  doub Y N 142 
HIS ND1 HD1  sing N N 143 
HIS CD2 NE2  sing Y N 144 
HIS CD2 HD2  sing N N 145 
HIS CE1 NE2  sing Y N 146 
HIS CE1 HE1  sing N N 147 
HIS NE2 HE2  sing N N 148 
HIS OXT HXT  sing N N 149 
HOH O   H1   sing N N 150 
HOH O   H2   sing N N 151 
ILE N   CA   sing N N 152 
ILE N   H    sing N N 153 
ILE N   H2   sing N N 154 
ILE CA  C    sing N N 155 
ILE CA  CB   sing N N 156 
ILE CA  HA   sing N N 157 
ILE C   O    doub N N 158 
ILE C   OXT  sing N N 159 
ILE CB  CG1  sing N N 160 
ILE CB  CG2  sing N N 161 
ILE CB  HB   sing N N 162 
ILE CG1 CD1  sing N N 163 
ILE CG1 HG12 sing N N 164 
ILE CG1 HG13 sing N N 165 
ILE CG2 HG21 sing N N 166 
ILE CG2 HG22 sing N N 167 
ILE CG2 HG23 sing N N 168 
ILE CD1 HD11 sing N N 169 
ILE CD1 HD12 sing N N 170 
ILE CD1 HD13 sing N N 171 
ILE OXT HXT  sing N N 172 
LEU N   CA   sing N N 173 
LEU N   H    sing N N 174 
LEU N   H2   sing N N 175 
LEU CA  C    sing N N 176 
LEU CA  CB   sing N N 177 
LEU CA  HA   sing N N 178 
LEU C   O    doub N N 179 
LEU C   OXT  sing N N 180 
LEU CB  CG   sing N N 181 
LEU CB  HB2  sing N N 182 
LEU CB  HB3  sing N N 183 
LEU CG  CD1  sing N N 184 
LEU CG  CD2  sing N N 185 
LEU CG  HG   sing N N 186 
LEU CD1 HD11 sing N N 187 
LEU CD1 HD12 sing N N 188 
LEU CD1 HD13 sing N N 189 
LEU CD2 HD21 sing N N 190 
LEU CD2 HD22 sing N N 191 
LEU CD2 HD23 sing N N 192 
LEU OXT HXT  sing N N 193 
LYS N   CA   sing N N 194 
LYS N   H    sing N N 195 
LYS N   H2   sing N N 196 
LYS CA  C    sing N N 197 
LYS CA  CB   sing N N 198 
LYS CA  HA   sing N N 199 
LYS C   O    doub N N 200 
LYS C   OXT  sing N N 201 
LYS CB  CG   sing N N 202 
LYS CB  HB2  sing N N 203 
LYS CB  HB3  sing N N 204 
LYS CG  CD   sing N N 205 
LYS CG  HG2  sing N N 206 
LYS CG  HG3  sing N N 207 
LYS CD  CE   sing N N 208 
LYS CD  HD2  sing N N 209 
LYS CD  HD3  sing N N 210 
LYS CE  NZ   sing N N 211 
LYS CE  HE2  sing N N 212 
LYS CE  HE3  sing N N 213 
LYS NZ  HZ1  sing N N 214 
LYS NZ  HZ2  sing N N 215 
LYS NZ  HZ3  sing N N 216 
LYS OXT HXT  sing N N 217 
MET N   CA   sing N N 218 
MET N   H    sing N N 219 
MET N   H2   sing N N 220 
MET CA  C    sing N N 221 
MET CA  CB   sing N N 222 
MET CA  HA   sing N N 223 
MET C   O    doub N N 224 
MET C   OXT  sing N N 225 
MET CB  CG   sing N N 226 
MET CB  HB2  sing N N 227 
MET CB  HB3  sing N N 228 
MET CG  SD   sing N N 229 
MET CG  HG2  sing N N 230 
MET CG  HG3  sing N N 231 
MET SD  CE   sing N N 232 
MET CE  HE1  sing N N 233 
MET CE  HE2  sing N N 234 
MET CE  HE3  sing N N 235 
MET OXT HXT  sing N N 236 
PHE N   CA   sing N N 237 
PHE N   H    sing N N 238 
PHE N   H2   sing N N 239 
PHE CA  C    sing N N 240 
PHE CA  CB   sing N N 241 
PHE CA  HA   sing N N 242 
PHE C   O    doub N N 243 
PHE C   OXT  sing N N 244 
PHE CB  CG   sing N N 245 
PHE CB  HB2  sing N N 246 
PHE CB  HB3  sing N N 247 
PHE CG  CD1  doub Y N 248 
PHE CG  CD2  sing Y N 249 
PHE CD1 CE1  sing Y N 250 
PHE CD1 HD1  sing N N 251 
PHE CD2 CE2  doub Y N 252 
PHE CD2 HD2  sing N N 253 
PHE CE1 CZ   doub Y N 254 
PHE CE1 HE1  sing N N 255 
PHE CE2 CZ   sing Y N 256 
PHE CE2 HE2  sing N N 257 
PHE CZ  HZ   sing N N 258 
PHE OXT HXT  sing N N 259 
PRO N   CA   sing N N 260 
PRO N   CD   sing N N 261 
PRO N   H    sing N N 262 
PRO CA  C    sing N N 263 
PRO CA  CB   sing N N 264 
PRO CA  HA   sing N N 265 
PRO C   O    doub N N 266 
PRO C   OXT  sing N N 267 
PRO CB  CG   sing N N 268 
PRO CB  HB2  sing N N 269 
PRO CB  HB3  sing N N 270 
PRO CG  CD   sing N N 271 
PRO CG  HG2  sing N N 272 
PRO CG  HG3  sing N N 273 
PRO CD  HD2  sing N N 274 
PRO CD  HD3  sing N N 275 
PRO OXT HXT  sing N N 276 
SER N   CA   sing N N 277 
SER N   H    sing N N 278 
SER N   H2   sing N N 279 
SER CA  C    sing N N 280 
SER CA  CB   sing N N 281 
SER CA  HA   sing N N 282 
SER C   O    doub N N 283 
SER C   OXT  sing N N 284 
SER CB  OG   sing N N 285 
SER CB  HB2  sing N N 286 
SER CB  HB3  sing N N 287 
SER OG  HG   sing N N 288 
SER OXT HXT  sing N N 289 
THR N   CA   sing N N 290 
THR N   H    sing N N 291 
THR N   H2   sing N N 292 
THR CA  C    sing N N 293 
THR CA  CB   sing N N 294 
THR CA  HA   sing N N 295 
THR C   O    doub N N 296 
THR C   OXT  sing N N 297 
THR CB  OG1  sing N N 298 
THR CB  CG2  sing N N 299 
THR CB  HB   sing N N 300 
THR OG1 HG1  sing N N 301 
THR CG2 HG21 sing N N 302 
THR CG2 HG22 sing N N 303 
THR CG2 HG23 sing N N 304 
THR OXT HXT  sing N N 305 
TRP N   CA   sing N N 306 
TRP N   H    sing N N 307 
TRP N   H2   sing N N 308 
TRP CA  C    sing N N 309 
TRP CA  CB   sing N N 310 
TRP CA  HA   sing N N 311 
TRP C   O    doub N N 312 
TRP C   OXT  sing N N 313 
TRP CB  CG   sing N N 314 
TRP CB  HB2  sing N N 315 
TRP CB  HB3  sing N N 316 
TRP CG  CD1  doub Y N 317 
TRP CG  CD2  sing Y N 318 
TRP CD1 NE1  sing Y N 319 
TRP CD1 HD1  sing N N 320 
TRP CD2 CE2  doub Y N 321 
TRP CD2 CE3  sing Y N 322 
TRP NE1 CE2  sing Y N 323 
TRP NE1 HE1  sing N N 324 
TRP CE2 CZ2  sing Y N 325 
TRP CE3 CZ3  doub Y N 326 
TRP CE3 HE3  sing N N 327 
TRP CZ2 CH2  doub Y N 328 
TRP CZ2 HZ2  sing N N 329 
TRP CZ3 CH2  sing Y N 330 
TRP CZ3 HZ3  sing N N 331 
TRP CH2 HH2  sing N N 332 
TRP OXT HXT  sing N N 333 
TYR N   CA   sing N N 334 
TYR N   H    sing N N 335 
TYR N   H2   sing N N 336 
TYR CA  C    sing N N 337 
TYR CA  CB   sing N N 338 
TYR CA  HA   sing N N 339 
TYR C   O    doub N N 340 
TYR C   OXT  sing N N 341 
TYR CB  CG   sing N N 342 
TYR CB  HB2  sing N N 343 
TYR CB  HB3  sing N N 344 
TYR CG  CD1  doub Y N 345 
TYR CG  CD2  sing Y N 346 
TYR CD1 CE1  sing Y N 347 
TYR CD1 HD1  sing N N 348 
TYR CD2 CE2  doub Y N 349 
TYR CD2 HD2  sing N N 350 
TYR CE1 CZ   doub Y N 351 
TYR CE1 HE1  sing N N 352 
TYR CE2 CZ   sing Y N 353 
TYR CE2 HE2  sing N N 354 
TYR CZ  OH   sing N N 355 
TYR OH  HH   sing N N 356 
TYR OXT HXT  sing N N 357 
VAL N   CA   sing N N 358 
VAL N   H    sing N N 359 
VAL N   H2   sing N N 360 
VAL CA  C    sing N N 361 
VAL CA  CB   sing N N 362 
VAL CA  HA   sing N N 363 
VAL C   O    doub N N 364 
VAL C   OXT  sing N N 365 
VAL CB  CG1  sing N N 366 
VAL CB  CG2  sing N N 367 
VAL CB  HB   sing N N 368 
VAL CG1 HG11 sing N N 369 
VAL CG1 HG12 sing N N 370 
VAL CG1 HG13 sing N N 371 
VAL CG2 HG21 sing N N 372 
VAL CG2 HG22 sing N N 373 
VAL CG2 HG23 sing N N 374 
VAL OXT HXT  sing N N 375 
# 
loop_
_pdbx_entity_nonpoly.entity_id 
_pdbx_entity_nonpoly.name 
_pdbx_entity_nonpoly.comp_id 
2 'UNKNOWN ATOM OR ION' UNX 
3 water                 HOH 
# 
_pdbx_initial_refinement_model.id               1 
_pdbx_initial_refinement_model.entity_id_list   ? 
_pdbx_initial_refinement_model.type             'experimental model' 
_pdbx_initial_refinement_model.source_name      PDB 
_pdbx_initial_refinement_model.accession_code   2BMJ 
_pdbx_initial_refinement_model.details          'pdb entry 2BMJ' 
# 
